data_5USH
#
_entry.id   5USH
#
_cell.length_a   55.857
_cell.length_b   61.515
_cell.length_c   444.405
_cell.angle_alpha   90.00
_cell.angle_beta   90.00
_cell.angle_gamma   90.00
#
_symmetry.space_group_name_H-M   'P 21 21 21'
#
loop_
_entity.id
_entity.type
_entity.pdbx_description
1 polymer 'IMV membrane protein'
2 polymer 'Fab vv66 heavy chain'
3 polymer 'Fab vv66 light chain'
4 water water
#
loop_
_entity_poly.entity_id
_entity_poly.type
_entity_poly.pdbx_seq_one_letter_code
_entity_poly.pdbx_strand_id
1 'polypeptide(L)'
;MPQQLSPINIETKKAISNARLKPLDIHYNESKPTTIQNTGKLVRINFKGGYISGGFLPNEYVLSSLHIYWGKEDDYGSNH
LIDVYKYSGEINLVHWNKKKYSSYEEAKKHDDGLIIISIFLQVLDHKNVYFQKIVNQLDSIRSANTSAPFDSVFYLDNLL
PSKLDYFTYLGTTINHSADAVWIIFPTPINIHSDQLSKFRTLLSLSNHEGKPHYITENYRNPYKLNDDTEVYYSGHHHHH
H
;
A,X
2 'polypeptide(L)'
;QLQLQESGPGLVKPSETLSLTCTISGDSISSNNYYWGWIRQPPGKGLEWIGSIYYSGSTYYNPSLKSRVTISVDTSKNQF
SLKLSSVTAADTAVYYCARHRRVLLWFGEFQLWGQGTLVTVSSASTKGPSVFPLAPSSKSTSGGTAALGCLVKDYFPEPV
TVSWNSGALTSGVHTFPAVLQSSGLYSLSSVVTVPSSSLGTQTYICNVNHKPSNTKVDKKVEPK
;
D,H
3 'polypeptide(L)'
;QSALTQPPSVSGAPGQRVTISCTGSSSNIGAGYDVHWYQQLPGTAPKLLIYGNINRPSGVPDRFSGSKSGTSASLAITGL
QAEDEADYYCQSYDSSLSGALFGGGTQLTVLGQPKANPTVTLFPPSSEELQANKATLVCLISDFYPGAVTVAWKADGSPV
KAGVETTKPSKQSNNKYAASSYLSLTPEQWKSHRSYSCQVTHEGSTVEKTVAP
;
E,L
#
# COMPACT_ATOMS: atom_id res chain seq x y z
N GLN A 3 -24.03 29.84 -20.21
CA GLN A 3 -25.50 29.58 -20.02
C GLN A 3 -26.20 29.42 -21.39
N GLN A 4 -26.73 28.22 -21.65
CA GLN A 4 -27.38 27.87 -22.92
C GLN A 4 -28.90 27.90 -22.78
N LEU A 5 -29.54 28.89 -23.40
CA LEU A 5 -31.00 29.07 -23.33
C LEU A 5 -31.70 28.36 -24.49
N SER A 6 -32.99 28.13 -24.33
CA SER A 6 -33.85 27.54 -25.36
C SER A 6 -34.92 28.56 -25.76
N PRO A 7 -35.42 28.53 -27.01
CA PRO A 7 -35.08 27.54 -28.04
C PRO A 7 -33.83 27.93 -28.84
N ILE A 8 -33.35 26.99 -29.66
CA ILE A 8 -32.16 27.20 -30.51
C ILE A 8 -32.38 26.74 -31.96
N ASN A 9 -31.52 27.24 -32.84
CA ASN A 9 -31.38 26.72 -34.18
C ASN A 9 -30.42 25.55 -34.12
N ILE A 10 -30.94 24.34 -34.30
CA ILE A 10 -30.10 23.14 -34.38
C ILE A 10 -29.39 23.13 -35.74
N GLU A 11 -28.05 23.16 -35.70
CA GLU A 11 -27.24 23.03 -36.90
C GLU A 11 -26.81 21.57 -37.05
N THR A 12 -27.24 20.94 -38.15
CA THR A 12 -27.03 19.50 -38.36
C THR A 12 -25.56 19.12 -38.51
N LYS A 13 -24.78 19.96 -39.20
CA LYS A 13 -23.33 19.76 -39.36
C LYS A 13 -22.55 19.73 -38.04
N LYS A 14 -23.12 20.34 -36.99
CA LYS A 14 -22.51 20.40 -35.66
C LYS A 14 -23.00 19.31 -34.68
N ALA A 15 -24.07 18.60 -35.04
CA ALA A 15 -24.59 17.52 -34.20
C ALA A 15 -23.65 16.31 -34.20
N ILE A 16 -23.54 15.64 -33.06
CA ILE A 16 -22.61 14.50 -32.88
C ILE A 16 -23.32 13.25 -32.33
N SER A 17 -22.61 12.12 -32.42
CA SER A 17 -23.11 10.84 -31.93
C SER A 17 -22.86 10.64 -30.44
N ASN A 18 -23.62 9.73 -29.85
CA ASN A 18 -23.37 9.23 -28.50
C ASN A 18 -23.96 7.81 -28.39
N ALA A 19 -23.26 6.96 -27.64
CA ALA A 19 -23.57 5.53 -27.57
C ALA A 19 -24.88 5.21 -26.86
N ARG A 20 -25.33 6.11 -25.98
CA ARG A 20 -26.52 5.87 -25.17
C ARG A 20 -27.83 6.22 -25.86
N LEU A 21 -27.78 6.86 -27.02
CA LEU A 21 -28.99 7.26 -27.74
C LEU A 21 -29.64 6.09 -28.51
N LYS A 22 -30.23 5.17 -27.74
CA LYS A 22 -30.99 4.05 -28.27
C LYS A 22 -32.38 4.59 -28.62
N PRO A 23 -33.27 3.73 -29.15
CA PRO A 23 -34.65 4.19 -29.36
C PRO A 23 -35.37 4.49 -28.05
N LEU A 24 -36.15 5.59 -28.05
CA LEU A 24 -36.91 6.01 -26.87
C LEU A 24 -38.24 5.27 -26.77
N ASP A 25 -38.46 4.59 -25.65
CA ASP A 25 -39.74 3.93 -25.36
C ASP A 25 -40.72 4.94 -24.76
N ILE A 26 -41.88 5.09 -25.40
CA ILE A 26 -42.92 6.04 -24.98
C ILE A 26 -44.20 5.28 -24.61
N HIS A 27 -44.57 5.32 -23.33
CA HIS A 27 -45.77 4.65 -22.83
C HIS A 27 -46.82 5.70 -22.45
N TYR A 28 -47.79 5.90 -23.35
CA TYR A 28 -48.94 6.75 -23.08
C TYR A 28 -50.26 5.97 -23.10
N ASN A 29 -50.19 4.63 -23.07
CA ASN A 29 -51.38 3.77 -23.07
C ASN A 29 -52.35 4.07 -21.91
N GLU A 30 -51.79 4.44 -20.75
CA GLU A 30 -52.56 4.83 -19.55
C GLU A 30 -52.50 6.35 -19.27
N SER A 31 -52.37 7.18 -20.32
CA SER A 31 -52.36 8.63 -20.16
C SER A 31 -53.72 9.19 -20.55
N LYS A 32 -54.35 9.95 -19.65
CA LYS A 32 -55.60 10.66 -19.92
C LYS A 32 -55.38 12.16 -19.74
N PRO A 33 -56.03 13.00 -20.57
CA PRO A 33 -56.03 14.44 -20.30
C PRO A 33 -56.98 14.79 -19.16
N THR A 34 -56.74 15.93 -18.51
CA THR A 34 -57.61 16.43 -17.43
C THR A 34 -58.25 17.75 -17.85
N THR A 35 -57.53 18.86 -17.69
CA THR A 35 -58.04 20.19 -18.04
C THR A 35 -57.33 20.72 -19.30
N ILE A 36 -57.87 21.81 -19.84
CA ILE A 36 -57.24 22.54 -20.95
C ILE A 36 -57.41 24.04 -20.69
N GLN A 37 -56.35 24.82 -20.97
CA GLN A 37 -56.29 26.23 -20.56
C GLN A 37 -55.88 27.15 -21.70
N ASN A 38 -56.45 28.36 -21.71
CA ASN A 38 -55.91 29.50 -22.44
C ASN A 38 -55.19 30.35 -21.40
N THR A 39 -53.88 30.51 -21.55
CA THR A 39 -53.03 31.19 -20.55
C THR A 39 -52.79 32.68 -20.84
N GLY A 40 -53.46 33.23 -21.85
CA GLY A 40 -53.14 34.59 -22.34
C GLY A 40 -52.06 34.61 -23.41
N LYS A 41 -51.09 33.69 -23.32
CA LYS A 41 -50.02 33.54 -24.29
C LYS A 41 -50.20 32.31 -25.18
N LEU A 42 -50.57 31.17 -24.60
CA LEU A 42 -50.61 29.89 -25.33
C LEU A 42 -51.67 28.93 -24.79
N VAL A 43 -51.78 27.74 -25.38
CA VAL A 43 -52.69 26.68 -24.95
C VAL A 43 -51.93 25.59 -24.20
N ARG A 44 -52.38 25.30 -22.98
CA ARG A 44 -51.82 24.22 -22.16
C ARG A 44 -52.86 23.13 -21.96
N ILE A 45 -52.44 21.87 -22.09
CA ILE A 45 -53.28 20.71 -21.75
C ILE A 45 -52.56 19.88 -20.69
N ASN A 46 -53.18 19.78 -19.51
CA ASN A 46 -52.64 18.98 -18.41
C ASN A 46 -53.02 17.51 -18.57
N PHE A 47 -52.19 16.64 -17.99
CA PHE A 47 -52.38 15.19 -18.04
C PHE A 47 -52.17 14.57 -16.67
N LYS A 48 -52.65 13.32 -16.54
CA LYS A 48 -52.44 12.51 -15.34
C LYS A 48 -52.22 11.07 -15.80
N GLY A 49 -50.97 10.60 -15.65
CA GLY A 49 -50.57 9.28 -16.14
C GLY A 49 -49.72 9.36 -17.40
N GLY A 50 -49.08 8.24 -17.73
CA GLY A 50 -48.18 8.16 -18.87
C GLY A 50 -46.75 8.52 -18.49
N TYR A 51 -45.80 7.99 -19.25
CA TYR A 51 -44.37 8.21 -19.01
C TYR A 51 -43.50 7.90 -20.24
N ILE A 52 -42.21 8.22 -20.12
CA ILE A 52 -41.21 7.85 -21.13
C ILE A 52 -40.04 7.14 -20.45
N SER A 53 -39.35 6.28 -21.21
CA SER A 53 -38.25 5.46 -20.68
C SER A 53 -37.38 4.99 -21.84
N GLY A 54 -36.45 4.09 -21.58
CA GLY A 54 -35.55 3.57 -22.61
C GLY A 54 -34.61 4.65 -23.08
N GLY A 55 -34.23 4.60 -24.37
CA GLY A 55 -33.37 5.60 -24.97
C GLY A 55 -32.10 5.81 -24.18
N PHE A 56 -31.87 7.05 -23.72
CA PHE A 56 -30.71 7.42 -22.91
C PHE A 56 -31.04 7.68 -21.43
N LEU A 57 -32.33 7.59 -21.07
CA LEU A 57 -32.79 7.94 -19.72
C LEU A 57 -32.42 6.82 -18.74
N PRO A 58 -31.90 7.19 -17.54
CA PRO A 58 -31.61 6.15 -16.53
C PRO A 58 -32.88 5.60 -15.88
N ASN A 59 -33.79 6.50 -15.46
CA ASN A 59 -35.08 6.14 -14.88
C ASN A 59 -36.16 6.50 -15.89
N GLU A 60 -37.42 6.35 -15.50
CA GLU A 60 -38.55 6.85 -16.29
C GLU A 60 -38.95 8.24 -15.79
N TYR A 61 -39.37 9.09 -16.73
CA TYR A 61 -39.90 10.42 -16.41
C TYR A 61 -41.39 10.44 -16.79
N VAL A 62 -42.24 10.79 -15.83
CA VAL A 62 -43.71 10.78 -16.02
C VAL A 62 -44.19 12.05 -16.74
N LEU A 63 -45.30 11.95 -17.47
CA LEU A 63 -45.88 13.09 -18.21
C LEU A 63 -46.54 14.09 -17.27
N SER A 64 -46.42 15.38 -17.59
CA SER A 64 -46.96 16.47 -16.79
C SER A 64 -48.01 17.24 -17.58
N SER A 65 -47.57 17.90 -18.64
CA SER A 65 -48.45 18.76 -19.43
C SER A 65 -47.97 18.86 -20.88
N LEU A 66 -48.81 19.49 -21.71
CA LEU A 66 -48.56 19.68 -23.12
C LEU A 66 -48.75 21.17 -23.42
N HIS A 67 -47.79 21.78 -24.09
CA HIS A 67 -47.88 23.19 -24.51
C HIS A 67 -47.95 23.23 -26.04
N ILE A 68 -48.66 24.20 -26.61
CA ILE A 68 -48.77 24.33 -28.06
C ILE A 68 -48.37 25.73 -28.50
N TYR A 69 -47.47 25.80 -29.48
CA TYR A 69 -46.97 27.08 -30.02
C TYR A 69 -47.29 27.23 -31.51
N TRP A 70 -47.44 28.48 -31.95
CA TRP A 70 -47.74 28.81 -33.35
C TRP A 70 -47.33 30.24 -33.73
N GLY A 71 -47.26 30.50 -35.03
CA GLY A 71 -46.86 31.79 -35.58
C GLY A 71 -47.94 32.51 -36.38
N LYS A 72 -47.59 33.70 -36.86
CA LYS A 72 -48.51 34.61 -37.55
C LYS A 72 -49.01 34.00 -38.85
N GLU A 73 -48.10 33.35 -39.56
CA GLU A 73 -48.39 32.66 -40.81
C GLU A 73 -48.11 31.18 -40.65
N ASP A 74 -48.64 30.40 -41.59
CA ASP A 74 -48.61 28.94 -41.53
C ASP A 74 -47.21 28.35 -41.68
N ASP A 75 -46.39 28.91 -42.58
CA ASP A 75 -45.04 28.38 -42.84
C ASP A 75 -43.97 28.65 -41.74
N TYR A 76 -44.23 29.58 -40.81
CA TYR A 76 -43.22 30.04 -39.85
C TYR A 76 -43.80 30.23 -38.44
N GLY A 77 -43.83 29.15 -37.65
CA GLY A 77 -44.37 29.21 -36.28
C GLY A 77 -43.79 28.38 -35.15
N SER A 78 -42.70 27.65 -35.37
CA SER A 78 -42.08 26.84 -34.31
C SER A 78 -41.12 27.65 -33.44
N ASN A 79 -40.83 27.14 -32.24
CA ASN A 79 -39.78 27.70 -31.38
C ASN A 79 -38.41 27.30 -31.94
N HIS A 80 -38.16 26.00 -31.99
CA HIS A 80 -36.90 25.44 -32.47
C HIS A 80 -36.80 25.52 -33.99
N LEU A 81 -35.57 25.46 -34.48
CA LEU A 81 -35.28 25.43 -35.91
C LEU A 81 -34.28 24.34 -36.20
N ILE A 82 -34.32 23.80 -37.42
CA ILE A 82 -33.33 22.85 -37.90
C ILE A 82 -32.77 23.36 -39.24
N ASP A 83 -31.52 23.81 -39.22
CA ASP A 83 -30.84 24.45 -40.38
C ASP A 83 -31.61 25.68 -40.88
N VAL A 84 -31.95 26.56 -39.95
CA VAL A 84 -32.69 27.82 -40.21
C VAL A 84 -34.11 27.61 -40.79
N TYR A 85 -34.63 26.39 -40.68
CA TYR A 85 -35.95 26.05 -41.21
C TYR A 85 -36.90 25.96 -40.01
N LYS A 86 -38.03 26.65 -40.11
CA LYS A 86 -39.10 26.58 -39.12
C LYS A 86 -40.22 25.71 -39.63
N TYR A 87 -40.94 25.11 -38.68
CA TYR A 87 -42.13 24.33 -38.94
C TYR A 87 -43.35 25.24 -38.67
N SER A 88 -44.56 24.73 -38.93
CA SER A 88 -45.78 25.51 -38.78
C SER A 88 -46.14 25.82 -37.33
N GLY A 89 -45.90 24.84 -36.46
CA GLY A 89 -46.09 24.99 -35.02
C GLY A 89 -45.23 23.99 -34.26
N GLU A 90 -45.39 23.96 -32.94
CA GLU A 90 -44.61 23.06 -32.08
C GLU A 90 -45.41 22.71 -30.82
N ILE A 91 -45.45 21.43 -30.50
CA ILE A 91 -46.00 20.92 -29.24
C ILE A 91 -44.83 20.58 -28.32
N ASN A 92 -44.94 20.93 -27.03
CA ASN A 92 -43.92 20.58 -26.02
C ASN A 92 -44.53 19.72 -24.91
N LEU A 93 -44.20 18.42 -24.89
CA LEU A 93 -44.61 17.52 -23.80
C LEU A 93 -43.58 17.58 -22.68
N VAL A 94 -44.01 18.09 -21.51
CA VAL A 94 -43.15 18.23 -20.34
C VAL A 94 -43.20 16.95 -19.52
N HIS A 95 -42.05 16.50 -19.03
CA HIS A 95 -41.95 15.32 -18.17
C HIS A 95 -41.06 15.64 -16.95
N TRP A 96 -41.15 14.83 -15.88
CA TRP A 96 -40.29 15.01 -14.71
C TRP A 96 -39.96 13.72 -13.96
N ASN A 97 -38.86 13.76 -13.23
CA ASN A 97 -38.25 12.58 -12.59
C ASN A 97 -38.97 12.21 -11.27
N LYS A 98 -40.08 11.47 -11.40
CA LYS A 98 -40.86 11.00 -10.25
C LYS A 98 -40.16 9.91 -9.44
N LYS A 99 -39.29 9.14 -10.09
CA LYS A 99 -38.46 8.12 -9.42
C LYS A 99 -37.58 8.72 -8.32
N LYS A 100 -37.04 9.92 -8.56
CA LYS A 100 -36.15 10.61 -7.62
C LYS A 100 -36.88 11.65 -6.77
N TYR A 101 -37.77 12.45 -7.37
CA TYR A 101 -38.35 13.64 -6.74
C TYR A 101 -39.88 13.57 -6.57
N SER A 102 -40.40 14.31 -5.59
CA SER A 102 -41.78 14.15 -5.11
C SER A 102 -42.90 14.92 -5.85
N SER A 103 -42.54 15.89 -6.69
CA SER A 103 -43.52 16.67 -7.47
C SER A 103 -42.87 17.39 -8.66
N TYR A 104 -43.67 18.04 -9.49
CA TYR A 104 -43.14 18.81 -10.65
C TYR A 104 -42.33 20.04 -10.20
N GLU A 105 -42.91 20.86 -9.34
CA GLU A 105 -42.26 22.11 -8.86
C GLU A 105 -40.97 21.84 -8.09
N GLU A 106 -40.89 20.66 -7.45
CA GLU A 106 -39.67 20.16 -6.81
C GLU A 106 -38.62 19.81 -7.87
N ALA A 107 -39.04 19.07 -8.89
CA ALA A 107 -38.15 18.69 -10.00
C ALA A 107 -37.65 19.89 -10.82
N LYS A 108 -38.43 20.97 -10.87
CA LYS A 108 -38.00 22.20 -11.56
C LYS A 108 -36.72 22.84 -10.97
N LYS A 109 -36.36 22.51 -9.72
CA LYS A 109 -35.16 23.03 -9.06
C LYS A 109 -33.89 22.18 -9.23
N HIS A 110 -34.04 20.93 -9.71
CA HIS A 110 -32.90 20.01 -9.86
C HIS A 110 -32.33 20.00 -11.27
N ASP A 111 -31.05 19.62 -11.35
CA ASP A 111 -30.30 19.54 -12.60
C ASP A 111 -30.91 18.59 -13.64
N ASP A 112 -31.44 17.47 -13.17
CA ASP A 112 -31.93 16.37 -14.02
C ASP A 112 -33.45 16.24 -13.93
N GLY A 113 -34.13 17.32 -13.54
CA GLY A 113 -35.53 17.25 -13.19
C GLY A 113 -36.44 17.05 -14.37
N LEU A 114 -36.15 17.73 -15.47
CA LEU A 114 -37.08 17.86 -16.59
C LEU A 114 -36.53 17.31 -17.90
N ILE A 115 -37.41 16.64 -18.66
CA ILE A 115 -37.19 16.30 -20.06
C ILE A 115 -38.41 16.76 -20.84
N ILE A 116 -38.18 17.60 -21.85
CA ILE A 116 -39.21 18.13 -22.70
C ILE A 116 -39.07 17.48 -24.08
N ILE A 117 -40.16 16.88 -24.57
CA ILE A 117 -40.24 16.31 -25.92
C ILE A 117 -40.85 17.36 -26.85
N SER A 118 -40.34 17.44 -28.07
CA SER A 118 -40.78 18.42 -29.06
C SER A 118 -41.31 17.72 -30.32
N ILE A 119 -42.61 17.89 -30.59
CA ILE A 119 -43.25 17.37 -31.80
C ILE A 119 -43.65 18.55 -32.69
N PHE A 120 -43.11 18.57 -33.91
CA PHE A 120 -43.38 19.67 -34.84
C PHE A 120 -44.73 19.48 -35.54
N LEU A 121 -45.31 20.61 -35.94
CA LEU A 121 -46.53 20.64 -36.74
C LEU A 121 -46.18 21.21 -38.11
N GLN A 122 -46.67 20.57 -39.17
CA GLN A 122 -46.51 21.07 -40.54
C GLN A 122 -47.88 21.17 -41.20
N VAL A 123 -48.19 22.35 -41.75
CA VAL A 123 -49.46 22.59 -42.44
C VAL A 123 -49.44 21.96 -43.84
N LEU A 124 -50.08 20.80 -43.97
CA LEU A 124 -50.36 20.16 -45.27
C LEU A 124 -51.87 20.26 -45.52
N ASP A 125 -52.43 19.44 -46.41
CA ASP A 125 -53.87 19.40 -46.70
C ASP A 125 -54.55 18.10 -46.20
N HIS A 126 -54.04 17.56 -45.10
CA HIS A 126 -54.61 16.39 -44.41
C HIS A 126 -55.28 16.89 -43.13
N LYS A 127 -56.50 16.42 -42.86
CA LYS A 127 -57.20 16.74 -41.62
C LYS A 127 -56.85 15.68 -40.57
N ASN A 128 -56.04 16.07 -39.59
CA ASN A 128 -55.59 15.15 -38.54
C ASN A 128 -56.75 14.84 -37.60
N VAL A 129 -57.24 13.61 -37.67
CA VAL A 129 -58.40 13.15 -36.87
C VAL A 129 -58.15 13.12 -35.36
N TYR A 130 -56.89 12.97 -34.94
CA TYR A 130 -56.52 12.92 -33.52
C TYR A 130 -56.29 14.33 -32.97
N PHE A 131 -55.56 15.15 -33.73
CA PHE A 131 -55.38 16.57 -33.41
C PHE A 131 -56.68 17.37 -33.39
N GLN A 132 -57.65 16.96 -34.20
CA GLN A 132 -58.96 17.63 -34.24
C GLN A 132 -59.64 17.62 -32.86
N LYS A 133 -59.42 16.55 -32.08
CA LYS A 133 -60.06 16.41 -30.76
C LYS A 133 -59.54 17.44 -29.76
N ILE A 134 -58.32 17.94 -29.98
CA ILE A 134 -57.82 19.13 -29.29
C ILE A 134 -58.43 20.40 -29.89
N VAL A 135 -58.45 20.47 -31.22
CA VAL A 135 -59.01 21.62 -31.96
C VAL A 135 -60.48 21.92 -31.57
N ASN A 136 -61.26 20.86 -31.35
CA ASN A 136 -62.67 21.00 -30.93
C ASN A 136 -62.85 21.64 -29.56
N GLN A 137 -61.93 21.35 -28.63
CA GLN A 137 -62.02 21.85 -27.25
C GLN A 137 -61.76 23.34 -27.10
N LEU A 138 -61.23 24.00 -28.13
CA LEU A 138 -60.82 25.40 -28.04
C LEU A 138 -61.97 26.40 -27.83
N ASP A 139 -63.21 25.99 -28.15
CA ASP A 139 -64.39 26.83 -27.90
C ASP A 139 -64.61 27.17 -26.42
N SER A 140 -64.31 26.20 -25.54
CA SER A 140 -64.39 26.41 -24.09
C SER A 140 -63.49 27.53 -23.58
N ILE A 141 -62.28 27.62 -24.13
CA ILE A 141 -61.21 28.48 -23.58
C ILE A 141 -60.90 29.68 -24.50
N ARG A 142 -61.95 30.37 -24.92
CA ARG A 142 -61.80 31.52 -25.82
C ARG A 142 -61.14 32.72 -25.11
N SER A 143 -61.63 33.05 -23.92
CA SER A 143 -61.11 34.17 -23.14
C SER A 143 -59.74 33.82 -22.58
N ALA A 144 -58.97 34.86 -22.26
CA ALA A 144 -57.66 34.68 -21.62
C ALA A 144 -57.84 34.27 -20.17
N ASN A 145 -56.99 33.36 -19.71
CA ASN A 145 -56.99 32.87 -18.33
C ASN A 145 -58.31 32.14 -17.98
N THR A 146 -58.65 31.15 -18.81
CA THR A 146 -59.82 30.29 -18.59
C THR A 146 -59.39 28.83 -18.64
N SER A 147 -60.03 27.99 -17.82
CA SER A 147 -59.79 26.55 -17.78
C SER A 147 -61.11 25.81 -18.03
N ALA A 148 -61.03 24.67 -18.70
CA ALA A 148 -62.18 23.78 -18.89
C ALA A 148 -61.75 22.31 -18.86
N PRO A 149 -62.66 21.41 -18.44
CA PRO A 149 -62.34 19.97 -18.45
C PRO A 149 -62.37 19.39 -19.87
N PHE A 150 -61.53 18.39 -20.10
CA PHE A 150 -61.41 17.75 -21.42
C PHE A 150 -62.54 16.71 -21.56
N ASP A 151 -63.69 17.14 -22.08
CA ASP A 151 -64.85 16.26 -22.27
C ASP A 151 -64.74 15.51 -23.59
N SER A 152 -63.71 14.68 -23.72
CA SER A 152 -63.41 13.97 -24.96
C SER A 152 -62.38 12.85 -24.72
N VAL A 153 -62.67 11.66 -25.23
CA VAL A 153 -61.72 10.54 -25.20
C VAL A 153 -60.53 10.87 -26.13
N PHE A 154 -59.31 10.75 -25.60
CA PHE A 154 -58.10 11.12 -26.34
C PHE A 154 -56.95 10.18 -25.95
N TYR A 155 -56.26 9.65 -26.95
CA TYR A 155 -55.09 8.78 -26.73
C TYR A 155 -53.85 9.46 -27.31
N LEU A 156 -52.95 9.90 -26.42
CA LEU A 156 -51.81 10.75 -26.80
C LEU A 156 -50.85 10.11 -27.81
N ASP A 157 -50.69 8.78 -27.75
CA ASP A 157 -49.85 8.01 -28.71
C ASP A 157 -50.03 8.39 -30.17
N ASN A 158 -51.27 8.72 -30.56
CA ASN A 158 -51.60 9.00 -31.97
C ASN A 158 -51.09 10.36 -32.51
N LEU A 159 -50.58 11.23 -31.63
CA LEU A 159 -49.86 12.45 -32.05
C LEU A 159 -48.33 12.26 -32.17
N LEU A 160 -47.83 11.04 -32.03
CA LEU A 160 -46.41 10.75 -32.23
C LEU A 160 -46.09 10.69 -33.73
N PRO A 161 -44.93 11.24 -34.14
CA PRO A 161 -44.49 11.08 -35.55
C PRO A 161 -44.29 9.63 -35.97
N SER A 162 -44.24 9.40 -37.28
CA SER A 162 -44.03 8.05 -37.84
C SER A 162 -42.59 7.53 -37.61
N LYS A 163 -41.61 8.42 -37.62
CA LYS A 163 -40.21 8.10 -37.31
C LYS A 163 -39.77 8.87 -36.05
N LEU A 164 -39.20 8.13 -35.08
CA LEU A 164 -38.77 8.68 -33.78
C LEU A 164 -37.23 8.74 -33.65
N ASP A 165 -36.55 8.97 -34.77
CA ASP A 165 -35.18 9.52 -34.77
C ASP A 165 -35.21 10.91 -34.11
N TYR A 166 -34.20 11.24 -33.30
CA TYR A 166 -34.24 12.48 -32.51
C TYR A 166 -32.90 13.17 -32.32
N PHE A 167 -32.96 14.50 -32.20
CA PHE A 167 -31.89 15.32 -31.68
C PHE A 167 -32.14 15.53 -30.19
N THR A 168 -31.08 15.66 -29.40
CA THR A 168 -31.23 15.98 -27.98
C THR A 168 -30.09 16.85 -27.47
N TYR A 169 -30.44 17.90 -26.73
CA TYR A 169 -29.48 18.82 -26.14
C TYR A 169 -30.00 19.30 -24.77
N LEU A 170 -29.09 19.79 -23.95
CA LEU A 170 -29.46 20.44 -22.70
C LEU A 170 -29.64 21.94 -22.95
N GLY A 171 -30.81 22.45 -22.56
CA GLY A 171 -31.09 23.89 -22.61
C GLY A 171 -31.88 24.28 -21.39
N THR A 172 -32.96 25.02 -21.61
CA THR A 172 -33.88 25.45 -20.54
C THR A 172 -35.34 25.12 -20.91
N THR A 173 -36.25 25.42 -19.99
CA THR A 173 -37.67 25.61 -20.36
C THR A 173 -37.76 26.88 -21.20
N ILE A 174 -38.89 27.06 -21.88
CA ILE A 174 -39.08 28.21 -22.78
C ILE A 174 -39.14 29.53 -22.01
N ASN A 175 -39.79 29.54 -20.85
CA ASN A 175 -39.83 30.72 -19.95
C ASN A 175 -38.54 31.00 -19.12
N HIS A 176 -37.49 30.19 -19.31
CA HIS A 176 -36.20 30.29 -18.60
C HIS A 176 -36.34 30.09 -17.09
N SER A 177 -37.32 29.28 -16.72
CA SER A 177 -37.65 28.98 -15.34
C SER A 177 -36.65 27.97 -14.79
N ALA A 178 -36.32 26.97 -15.60
CA ALA A 178 -35.47 25.87 -15.19
C ALA A 178 -34.67 25.33 -16.37
N ASP A 179 -33.66 24.52 -16.05
CA ASP A 179 -32.89 23.79 -17.06
C ASP A 179 -33.66 22.50 -17.39
N ALA A 180 -33.49 22.03 -18.63
CA ALA A 180 -34.20 20.84 -19.10
C ALA A 180 -33.47 20.20 -20.26
N VAL A 181 -33.55 18.88 -20.37
CA VAL A 181 -33.06 18.16 -21.53
C VAL A 181 -34.18 18.15 -22.57
N TRP A 182 -33.82 18.38 -23.83
CA TRP A 182 -34.77 18.37 -24.93
C TRP A 182 -34.63 17.07 -25.69
N ILE A 183 -35.75 16.53 -26.13
CA ILE A 183 -35.79 15.46 -27.14
C ILE A 183 -36.66 16.01 -28.28
N ILE A 184 -36.03 16.22 -29.44
CA ILE A 184 -36.67 16.90 -30.57
C ILE A 184 -36.74 15.94 -31.76
N PHE A 185 -37.97 15.57 -32.15
CA PHE A 185 -38.21 14.73 -33.31
C PHE A 185 -38.27 15.64 -34.56
N PRO A 186 -37.36 15.45 -35.54
CA PRO A 186 -37.41 16.28 -36.75
C PRO A 186 -38.63 16.05 -37.64
N THR A 187 -39.13 14.81 -37.69
CA THR A 187 -40.30 14.47 -38.50
C THR A 187 -41.57 15.05 -37.86
N PRO A 188 -42.26 15.97 -38.56
CA PRO A 188 -43.44 16.62 -38.00
C PRO A 188 -44.72 15.83 -38.26
N ILE A 189 -45.73 16.05 -37.43
CA ILE A 189 -47.08 15.53 -37.69
C ILE A 189 -47.82 16.53 -38.57
N ASN A 190 -48.70 16.01 -39.42
CA ASN A 190 -49.34 16.80 -40.46
C ASN A 190 -50.75 17.21 -40.04
N ILE A 191 -51.03 18.51 -40.11
CA ILE A 191 -52.36 19.08 -39.84
C ILE A 191 -52.82 19.99 -40.98
N HIS A 192 -54.08 20.41 -40.93
CA HIS A 192 -54.68 21.31 -41.92
C HIS A 192 -54.59 22.76 -41.42
N SER A 193 -54.62 23.72 -42.35
CA SER A 193 -54.56 25.16 -42.01
C SER A 193 -55.74 25.64 -41.18
N ASP A 194 -56.92 25.10 -41.48
CA ASP A 194 -58.13 25.27 -40.67
C ASP A 194 -57.87 24.99 -39.20
N GLN A 195 -57.29 23.83 -38.92
CA GLN A 195 -57.03 23.38 -37.54
C GLN A 195 -56.10 24.33 -36.78
N LEU A 196 -55.02 24.75 -37.45
CA LEU A 196 -54.05 25.68 -36.85
C LEU A 196 -54.62 27.10 -36.74
N SER A 197 -55.35 27.55 -37.74
CA SER A 197 -55.94 28.89 -37.73
C SER A 197 -56.96 29.09 -36.60
N LYS A 198 -57.51 27.99 -36.06
CA LYS A 198 -58.45 28.07 -34.93
C LYS A 198 -57.77 28.54 -33.65
N PHE A 199 -56.51 28.17 -33.47
CA PHE A 199 -55.71 28.66 -32.34
C PHE A 199 -55.56 30.19 -32.42
N ARG A 200 -55.45 30.73 -33.63
CA ARG A 200 -55.30 32.18 -33.84
C ARG A 200 -56.57 33.00 -33.51
N THR A 201 -57.71 32.34 -33.32
CA THR A 201 -58.94 33.01 -32.85
C THR A 201 -59.02 33.16 -31.31
N LEU A 202 -58.06 32.61 -30.59
CA LEU A 202 -58.03 32.72 -29.12
C LEU A 202 -57.64 34.15 -28.68
N LEU A 203 -58.03 34.53 -27.47
CA LEU A 203 -57.89 35.92 -26.98
C LEU A 203 -56.84 36.04 -25.86
N SER A 204 -56.19 37.22 -25.78
CA SER A 204 -55.21 37.55 -24.74
C SER A 204 -55.76 38.61 -23.78
N TYR A 214 -56.32 39.25 -30.14
CA TYR A 214 -56.20 37.97 -30.84
C TYR A 214 -54.77 37.45 -30.77
N ILE A 215 -54.60 36.22 -30.30
CA ILE A 215 -53.27 35.62 -30.14
C ILE A 215 -52.79 35.12 -31.51
N THR A 216 -52.21 36.04 -32.28
CA THR A 216 -51.75 35.75 -33.63
C THR A 216 -50.58 34.75 -33.65
N GLU A 217 -49.74 34.83 -32.63
CA GLU A 217 -48.49 34.08 -32.56
C GLU A 217 -47.96 34.08 -31.14
N ASN A 218 -47.28 33.01 -30.75
CA ASN A 218 -46.70 32.90 -29.42
C ASN A 218 -45.32 32.23 -29.36
N TYR A 219 -44.66 32.05 -30.51
CA TYR A 219 -43.34 31.41 -30.50
C TYR A 219 -42.30 32.36 -29.93
N ARG A 220 -41.32 31.80 -29.23
CA ARG A 220 -40.19 32.57 -28.69
C ARG A 220 -39.06 32.51 -29.71
N ASN A 221 -38.43 33.66 -29.98
CA ASN A 221 -37.30 33.73 -30.92
C ASN A 221 -36.10 32.92 -30.41
N PRO A 222 -35.29 32.38 -31.33
CA PRO A 222 -34.18 31.51 -30.93
C PRO A 222 -33.00 32.27 -30.32
N TYR A 223 -32.24 31.57 -29.48
CA TYR A 223 -30.99 32.07 -28.90
C TYR A 223 -29.79 31.42 -29.57
N LYS A 224 -28.64 32.06 -29.41
CA LYS A 224 -27.41 31.58 -30.03
C LYS A 224 -27.03 30.22 -29.44
N LEU A 225 -26.75 29.27 -30.33
CA LEU A 225 -26.16 27.99 -29.94
C LEU A 225 -24.69 28.24 -29.56
N ASN A 226 -24.36 28.09 -28.28
CA ASN A 226 -23.00 28.38 -27.80
C ASN A 226 -22.00 27.36 -28.34
N ASP A 227 -20.75 27.79 -28.39
CA ASP A 227 -19.65 26.98 -28.95
C ASP A 227 -19.42 25.72 -28.10
N ASP A 228 -19.67 25.84 -26.79
CA ASP A 228 -19.51 24.73 -25.83
C ASP A 228 -20.79 23.91 -25.58
N THR A 229 -21.84 24.08 -26.39
CA THR A 229 -23.05 23.28 -26.26
C THR A 229 -23.00 22.18 -27.30
N GLU A 230 -23.27 20.94 -26.88
CA GLU A 230 -23.29 19.79 -27.78
C GLU A 230 -24.75 19.40 -28.07
N VAL A 231 -25.06 19.20 -29.35
CA VAL A 231 -26.34 18.65 -29.80
C VAL A 231 -26.06 17.25 -30.33
N TYR A 232 -26.87 16.26 -29.93
CA TYR A 232 -26.63 14.86 -30.28
C TYR A 232 -27.70 14.29 -31.22
N TYR A 233 -27.30 13.39 -32.14
CA TYR A 233 -28.24 12.66 -33.03
C TYR A 233 -28.33 11.19 -32.61
N SER A 234 -29.52 10.61 -32.72
CA SER A 234 -29.79 9.25 -32.23
C SER A 234 -29.18 8.18 -33.12
N LEU B 2 -9.43 30.46 -18.62
CA LEU B 2 -10.06 29.83 -17.42
C LEU B 2 -9.00 29.18 -16.50
N GLN B 3 -9.14 29.45 -15.20
CA GLN B 3 -8.27 28.88 -14.16
C GLN B 3 -9.11 28.49 -12.95
N LEU B 4 -8.72 27.39 -12.30
CA LEU B 4 -9.28 26.99 -11.02
C LEU B 4 -8.16 27.09 -9.97
N GLN B 5 -8.54 27.44 -8.74
CA GLN B 5 -7.59 27.81 -7.67
C GLN B 5 -8.12 27.42 -6.29
N GLU B 6 -7.60 26.32 -5.74
CA GLU B 6 -7.96 25.89 -4.36
C GLU B 6 -7.40 26.87 -3.34
N SER B 7 -8.10 26.97 -2.20
CA SER B 7 -7.72 27.85 -1.10
C SER B 7 -8.17 27.15 0.17
N GLY B 8 -7.23 26.87 1.06
CA GLY B 8 -7.58 26.24 2.33
C GLY B 8 -6.42 25.67 3.12
N PRO B 9 -6.67 25.35 4.42
CA PRO B 9 -5.65 24.97 5.38
C PRO B 9 -4.97 23.65 5.04
N GLY B 10 -3.65 23.59 5.29
CA GLY B 10 -2.90 22.36 5.17
C GLY B 10 -3.24 21.34 6.24
N LEU B 11 -3.52 21.80 7.47
CA LEU B 11 -3.66 20.94 8.63
C LEU B 11 -5.08 20.93 9.20
N VAL B 12 -5.64 19.76 9.51
CA VAL B 12 -6.87 19.67 10.34
C VAL B 12 -6.80 18.53 11.36
N LYS B 13 -7.19 18.83 12.59
CA LYS B 13 -7.10 17.88 13.72
C LYS B 13 -8.09 16.72 13.52
N PRO B 14 -7.72 15.50 13.97
CA PRO B 14 -8.58 14.34 13.68
C PRO B 14 -9.96 14.42 14.34
N SER B 15 -10.96 13.88 13.63
CA SER B 15 -12.39 13.96 13.99
C SER B 15 -13.02 15.37 13.88
N GLU B 16 -12.36 16.29 13.15
CA GLU B 16 -12.90 17.63 12.89
C GLU B 16 -13.18 17.77 11.39
N THR B 17 -13.69 18.95 10.98
CA THR B 17 -14.17 19.16 9.62
C THR B 17 -13.12 19.85 8.71
N LEU B 18 -12.73 19.14 7.66
CA LEU B 18 -11.86 19.68 6.60
C LEU B 18 -12.68 20.66 5.76
N SER B 19 -12.11 21.82 5.44
CA SER B 19 -12.83 22.88 4.75
C SER B 19 -11.97 23.51 3.64
N LEU B 20 -12.44 23.45 2.39
CA LEU B 20 -11.71 23.97 1.23
C LEU B 20 -12.61 24.81 0.34
N THR B 21 -11.99 25.65 -0.49
CA THR B 21 -12.72 26.55 -1.39
C THR B 21 -11.97 26.69 -2.72
N CYS B 22 -12.67 26.46 -3.84
CA CYS B 22 -12.13 26.67 -5.19
C CYS B 22 -12.63 28.00 -5.72
N THR B 23 -11.76 28.79 -6.33
CA THR B 23 -12.11 30.08 -6.92
C THR B 23 -11.85 30.04 -8.43
N ILE B 24 -12.90 30.31 -9.20
CA ILE B 24 -12.85 30.28 -10.66
C ILE B 24 -12.60 31.70 -11.15
N SER B 25 -11.71 31.82 -12.14
CA SER B 25 -11.41 33.09 -12.79
C SER B 25 -11.32 32.90 -14.29
N GLY B 26 -11.62 33.96 -15.04
CA GLY B 26 -11.59 33.93 -16.51
C GLY B 26 -12.87 33.46 -17.18
N ASP B 27 -13.83 32.96 -16.41
CA ASP B 27 -15.13 32.52 -16.93
C ASP B 27 -16.14 32.46 -15.78
N SER B 28 -17.42 32.46 -16.12
CA SER B 28 -18.47 32.43 -15.10
C SER B 28 -18.71 31.01 -14.63
N ILE B 29 -18.98 30.87 -13.32
CA ILE B 29 -19.41 29.59 -12.73
C ILE B 29 -20.87 29.24 -13.06
N SER B 30 -21.74 30.24 -13.23
CA SER B 30 -23.15 30.00 -13.53
C SER B 30 -23.35 29.64 -15.01
N SER B 31 -23.11 28.36 -15.31
CA SER B 31 -23.27 27.79 -16.65
C SER B 31 -23.87 26.38 -16.52
N ASN B 32 -24.97 26.14 -17.24
CA ASN B 32 -25.69 24.86 -17.16
C ASN B 32 -25.02 23.70 -17.94
N ASN B 33 -23.95 24.00 -18.67
CA ASN B 33 -23.19 22.98 -19.39
C ASN B 33 -22.17 22.20 -18.52
N TYR B 34 -21.98 22.58 -17.26
CA TYR B 34 -20.89 22.01 -16.42
C TYR B 34 -21.30 21.72 -14.97
N TYR B 35 -20.56 20.79 -14.35
CA TYR B 35 -20.57 20.60 -12.91
C TYR B 35 -19.19 20.95 -12.35
N TRP B 36 -19.15 21.12 -11.04
CA TRP B 36 -17.96 21.60 -10.33
C TRP B 36 -17.65 20.58 -9.26
N GLY B 37 -16.50 19.92 -9.40
CA GLY B 37 -16.19 18.72 -8.65
C GLY B 37 -14.96 18.82 -7.78
N TRP B 38 -14.94 17.99 -6.73
CA TRP B 38 -13.81 17.82 -5.83
C TRP B 38 -13.33 16.38 -5.97
N ILE B 39 -12.02 16.20 -6.04
CA ILE B 39 -11.39 14.89 -6.20
C ILE B 39 -10.21 14.89 -5.23
N ARG B 40 -9.83 13.71 -4.72
CA ARG B 40 -8.68 13.60 -3.82
C ARG B 40 -7.77 12.45 -4.17
N GLN B 41 -6.52 12.56 -3.72
CA GLN B 41 -5.49 11.56 -3.95
C GLN B 41 -4.63 11.44 -2.69
N PRO B 42 -4.81 10.33 -1.93
CA PRO B 42 -3.90 10.06 -0.80
C PRO B 42 -2.48 9.81 -1.33
N PRO B 43 -1.45 10.18 -0.53
CA PRO B 43 -0.08 10.09 -1.07
C PRO B 43 0.28 8.70 -1.62
N GLY B 44 0.77 8.64 -2.85
CA GLY B 44 1.12 7.38 -3.50
C GLY B 44 -0.04 6.47 -3.89
N LYS B 45 -1.26 6.99 -3.90
CA LYS B 45 -2.45 6.19 -4.17
C LYS B 45 -3.28 6.84 -5.29
N GLY B 46 -4.43 6.26 -5.60
CA GLY B 46 -5.26 6.70 -6.71
C GLY B 46 -6.18 7.87 -6.46
N LEU B 47 -6.73 8.39 -7.56
CA LEU B 47 -7.73 9.43 -7.54
C LEU B 47 -9.06 8.86 -7.06
N GLU B 48 -9.74 9.62 -6.20
CA GLU B 48 -11.08 9.30 -5.76
C GLU B 48 -11.96 10.53 -5.94
N TRP B 49 -13.06 10.37 -6.68
CA TRP B 49 -14.09 11.39 -6.80
C TRP B 49 -14.83 11.54 -5.47
N ILE B 50 -14.93 12.78 -4.96
CA ILE B 50 -15.65 13.07 -3.72
C ILE B 50 -17.10 13.38 -4.03
N GLY B 51 -17.29 14.37 -4.90
CA GLY B 51 -18.61 14.84 -5.24
C GLY B 51 -18.58 15.98 -6.22
N SER B 52 -19.76 16.34 -6.74
CA SER B 52 -19.91 17.41 -7.71
C SER B 52 -21.15 18.22 -7.42
N ILE B 53 -21.16 19.45 -7.94
CA ILE B 53 -22.28 20.38 -7.75
C ILE B 53 -22.61 21.16 -9.02
N TYR B 54 -23.91 21.37 -9.25
CA TYR B 54 -24.44 22.20 -10.33
C TYR B 54 -24.49 23.64 -9.83
N TYR B 55 -24.39 24.60 -10.75
CA TYR B 55 -24.49 26.04 -10.40
C TYR B 55 -25.73 26.38 -9.53
N SER B 56 -26.87 25.77 -9.85
CA SER B 56 -28.15 26.08 -9.19
C SER B 56 -28.42 25.28 -7.90
N GLY B 57 -27.47 24.44 -7.47
CA GLY B 57 -27.53 23.79 -6.14
C GLY B 57 -27.40 22.28 -6.05
N SER B 58 -27.80 21.56 -7.09
CA SER B 58 -27.90 20.08 -7.06
C SER B 58 -26.55 19.40 -6.79
N THR B 59 -26.53 18.41 -5.91
CA THR B 59 -25.29 17.72 -5.50
C THR B 59 -25.34 16.22 -5.78
N TYR B 60 -24.17 15.66 -6.07
CA TYR B 60 -24.00 14.21 -6.24
C TYR B 60 -22.70 13.81 -5.56
N TYR B 61 -22.79 12.93 -4.55
CA TYR B 61 -21.65 12.54 -3.72
C TYR B 61 -21.26 11.07 -3.91
N ASN B 62 -19.99 10.75 -3.61
CA ASN B 62 -19.51 9.36 -3.59
C ASN B 62 -20.22 8.61 -2.45
N PRO B 63 -20.99 7.54 -2.77
CA PRO B 63 -21.70 6.77 -1.74
C PRO B 63 -20.85 6.18 -0.58
N SER B 64 -19.54 6.00 -0.78
CA SER B 64 -18.61 5.67 0.32
C SER B 64 -18.52 6.79 1.37
N LEU B 65 -18.57 8.05 0.92
CA LEU B 65 -18.37 9.23 1.78
C LEU B 65 -19.61 10.14 1.88
N LYS B 66 -20.78 9.63 1.52
CA LYS B 66 -22.00 10.45 1.42
C LYS B 66 -22.39 11.15 2.73
N SER B 67 -22.27 10.42 3.84
CA SER B 67 -22.70 10.93 5.16
C SER B 67 -21.76 12.00 5.76
N ARG B 68 -20.52 12.07 5.29
CA ARG B 68 -19.53 13.03 5.81
C ARG B 68 -19.29 14.25 4.91
N VAL B 69 -19.82 14.22 3.67
CA VAL B 69 -19.49 15.21 2.63
C VAL B 69 -20.61 16.24 2.40
N THR B 70 -20.22 17.51 2.32
CA THR B 70 -21.11 18.61 1.92
C THR B 70 -20.39 19.50 0.89
N ILE B 71 -21.06 19.83 -0.23
CA ILE B 71 -20.55 20.76 -1.23
C ILE B 71 -21.56 21.90 -1.40
N SER B 72 -21.06 23.12 -1.65
CA SER B 72 -21.94 24.28 -1.87
C SER B 72 -21.34 25.24 -2.90
N VAL B 73 -22.20 26.08 -3.48
CA VAL B 73 -21.81 27.05 -4.52
C VAL B 73 -22.14 28.46 -4.09
N ASP B 74 -21.33 29.40 -4.57
CA ASP B 74 -21.55 30.82 -4.35
C ASP B 74 -21.34 31.52 -5.70
N THR B 75 -22.41 31.56 -6.49
CA THR B 75 -22.35 32.11 -7.84
C THR B 75 -22.01 33.61 -7.89
N SER B 76 -22.35 34.33 -6.82
CA SER B 76 -22.02 35.75 -6.71
C SER B 76 -20.50 36.01 -6.52
N LYS B 77 -19.79 35.05 -5.91
CA LYS B 77 -18.34 35.15 -5.71
C LYS B 77 -17.51 34.18 -6.59
N ASN B 78 -18.13 33.60 -7.62
CA ASN B 78 -17.46 32.66 -8.56
C ASN B 78 -16.65 31.56 -7.86
N GLN B 79 -17.23 30.95 -6.82
CA GLN B 79 -16.56 29.88 -6.09
C GLN B 79 -17.49 28.77 -5.60
N PHE B 80 -16.89 27.62 -5.29
CA PHE B 80 -17.59 26.51 -4.65
C PHE B 80 -16.70 25.86 -3.59
N SER B 81 -17.33 25.20 -2.62
CA SER B 81 -16.66 24.73 -1.40
C SER B 81 -16.84 23.25 -1.11
N LEU B 82 -15.88 22.68 -0.39
CA LEU B 82 -15.99 21.34 0.19
C LEU B 82 -15.92 21.46 1.71
N LYS B 83 -16.76 20.67 2.39
CA LYS B 83 -16.62 20.44 3.82
C LYS B 83 -16.68 18.94 4.03
N LEU B 84 -15.66 18.37 4.66
CA LEU B 84 -15.60 16.94 4.94
C LEU B 84 -15.44 16.74 6.44
N SER B 85 -16.45 16.15 7.08
CA SER B 85 -16.51 16.01 8.55
C SER B 85 -15.89 14.71 9.05
N SER B 86 -15.54 14.70 10.33
CA SER B 86 -15.11 13.50 11.06
C SER B 86 -13.92 12.79 10.39
N VAL B 87 -12.77 13.45 10.47
CA VAL B 87 -11.63 13.16 9.60
C VAL B 87 -10.58 12.27 10.29
N THR B 88 -10.13 11.21 9.59
CA THR B 88 -9.04 10.32 10.06
C THR B 88 -7.87 10.31 9.07
N ALA B 89 -6.79 9.63 9.42
CA ALA B 89 -5.56 9.59 8.59
C ALA B 89 -5.74 9.09 7.16
N ALA B 90 -6.82 8.33 6.90
CA ALA B 90 -7.22 7.98 5.53
C ALA B 90 -7.66 9.18 4.69
N ASP B 91 -8.11 10.26 5.33
CA ASP B 91 -8.50 11.51 4.65
C ASP B 91 -7.33 12.48 4.36
N THR B 92 -6.11 12.14 4.79
CA THR B 92 -4.92 12.90 4.41
C THR B 92 -4.69 12.70 2.92
N ALA B 93 -4.73 13.80 2.15
CA ALA B 93 -4.66 13.73 0.69
C ALA B 93 -4.47 15.08 0.03
N VAL B 94 -4.08 15.04 -1.25
CA VAL B 94 -4.11 16.18 -2.13
C VAL B 94 -5.57 16.31 -2.60
N TYR B 95 -6.14 17.51 -2.46
CA TYR B 95 -7.51 17.77 -2.85
C TYR B 95 -7.55 18.69 -4.05
N TYR B 96 -8.18 18.21 -5.12
CA TYR B 96 -8.31 18.93 -6.39
C TYR B 96 -9.74 19.42 -6.61
N CYS B 97 -9.87 20.66 -7.07
CA CYS B 97 -11.11 21.16 -7.64
C CYS B 97 -11.02 21.12 -9.17
N ALA B 98 -12.11 20.76 -9.84
CA ALA B 98 -12.10 20.56 -11.29
C ALA B 98 -13.46 20.76 -11.93
N ARG B 99 -13.46 21.31 -13.14
CA ARG B 99 -14.69 21.49 -13.91
C ARG B 99 -14.89 20.28 -14.78
N HIS B 100 -16.07 19.66 -14.69
CA HIS B 100 -16.41 18.59 -15.64
C HIS B 100 -17.73 18.80 -16.36
N ARG B 101 -17.83 18.09 -17.47
CA ARG B 101 -18.86 18.33 -18.47
C ARG B 101 -20.15 17.68 -18.03
N ARG B 102 -21.25 18.41 -18.17
CA ARG B 102 -22.58 17.79 -18.17
C ARG B 102 -22.80 17.18 -19.56
N VAL B 103 -23.09 15.89 -19.60
CA VAL B 103 -23.56 15.19 -20.79
C VAL B 103 -25.00 14.72 -20.54
N LEU B 104 -25.96 15.54 -20.96
CA LEU B 104 -27.40 15.19 -20.90
C LEU B 104 -27.92 14.91 -19.47
N LEU B 105 -27.93 13.64 -19.04
CA LEU B 105 -28.38 13.24 -17.68
C LEU B 105 -27.29 12.53 -16.88
N TRP B 106 -26.02 12.74 -17.24
CA TRP B 106 -24.89 12.18 -16.51
C TRP B 106 -23.69 13.10 -16.71
N PHE B 107 -22.51 12.68 -16.24
CA PHE B 107 -21.27 13.47 -16.32
C PHE B 107 -20.31 12.97 -17.38
N GLY B 108 -19.59 13.90 -17.99
CA GLY B 108 -18.48 13.61 -18.88
C GLY B 108 -17.15 13.85 -18.19
N GLU B 109 -16.21 14.39 -18.97
CA GLU B 109 -14.79 14.47 -18.57
C GLU B 109 -14.46 15.68 -17.71
N PHE B 110 -13.43 15.53 -16.88
CA PHE B 110 -12.87 16.62 -16.08
C PHE B 110 -11.86 17.40 -16.94
N GLN B 111 -12.32 18.53 -17.50
CA GLN B 111 -11.54 19.26 -18.50
C GLN B 111 -10.41 20.07 -17.89
N LEU B 112 -10.72 20.81 -16.83
CA LEU B 112 -9.76 21.70 -16.20
C LEU B 112 -9.69 21.42 -14.71
N TRP B 113 -8.47 21.35 -14.19
CA TRP B 113 -8.19 21.02 -12.80
C TRP B 113 -7.43 22.16 -12.15
N GLY B 114 -7.59 22.30 -10.83
CA GLY B 114 -6.74 23.20 -10.03
C GLY B 114 -5.36 22.60 -9.80
N GLN B 115 -4.49 23.36 -9.13
CA GLN B 115 -3.14 22.86 -8.76
C GLN B 115 -3.17 21.68 -7.78
N GLY B 116 -4.18 21.66 -6.93
CA GLY B 116 -4.26 20.70 -5.83
C GLY B 116 -3.71 21.32 -4.56
N THR B 117 -4.31 20.99 -3.42
CA THR B 117 -3.84 21.47 -2.11
C THR B 117 -3.77 20.27 -1.16
N LEU B 118 -2.63 20.13 -0.48
CA LEU B 118 -2.40 19.03 0.45
C LEU B 118 -3.06 19.33 1.79
N VAL B 119 -3.92 18.42 2.25
CA VAL B 119 -4.47 18.50 3.61
C VAL B 119 -3.99 17.28 4.41
N THR B 120 -3.37 17.53 5.56
CA THR B 120 -2.82 16.50 6.43
C THR B 120 -3.68 16.41 7.69
N VAL B 121 -4.06 15.19 8.04
CA VAL B 121 -4.78 14.90 9.27
C VAL B 121 -3.73 14.58 10.35
N SER B 122 -3.61 15.43 11.36
CA SER B 122 -2.67 15.21 12.46
C SER B 122 -3.04 16.04 13.68
N SER B 123 -2.83 15.46 14.87
CA SER B 123 -3.10 16.17 16.12
C SER B 123 -2.02 17.21 16.43
N ALA B 124 -0.82 17.05 15.85
CA ALA B 124 0.32 17.94 16.09
C ALA B 124 0.10 19.37 15.62
N SER B 125 1.01 20.25 16.02
CA SER B 125 0.86 21.70 15.85
C SER B 125 1.57 22.21 14.58
N THR B 126 1.30 23.45 14.20
CA THR B 126 1.86 24.05 12.99
C THR B 126 3.29 24.59 13.26
N LYS B 127 4.21 24.27 12.37
CA LYS B 127 5.63 24.61 12.56
C LYS B 127 6.23 25.23 11.28
N GLY B 128 6.36 26.56 11.27
CA GLY B 128 7.07 27.26 10.20
C GLY B 128 8.58 27.09 10.30
N PRO B 129 9.27 26.90 9.16
CA PRO B 129 10.68 26.55 9.17
C PRO B 129 11.61 27.67 9.54
N SER B 130 12.82 27.28 9.95
CA SER B 130 13.95 28.20 10.07
C SER B 130 14.74 28.07 8.76
N VAL B 131 15.22 29.22 8.26
CA VAL B 131 15.89 29.27 6.97
C VAL B 131 17.31 29.76 7.20
N PHE B 132 18.28 29.04 6.63
CA PHE B 132 19.70 29.36 6.77
C PHE B 132 20.35 29.41 5.38
N PRO B 133 21.16 30.44 5.11
CA PRO B 133 21.82 30.51 3.81
C PRO B 133 22.96 29.48 3.70
N LEU B 134 23.13 28.91 2.52
CA LEU B 134 24.21 28.02 2.23
C LEU B 134 25.15 28.77 1.29
N ALA B 135 26.19 29.34 1.86
CA ALA B 135 27.10 30.23 1.13
C ALA B 135 27.83 29.49 0.00
N PRO B 136 28.13 30.21 -1.10
CA PRO B 136 28.77 29.56 -2.24
C PRO B 136 30.16 29.01 -1.94
N SER B 137 30.96 29.74 -1.17
CA SER B 137 32.36 29.38 -0.88
C SER B 137 33.26 29.67 -2.08
N THR B 145 32.03 27.65 -12.01
CA THR B 145 30.71 27.83 -11.40
C THR B 145 30.66 27.42 -9.94
N ALA B 146 29.64 27.90 -9.25
CA ALA B 146 29.50 27.74 -7.80
C ALA B 146 28.08 27.37 -7.42
N ALA B 147 27.96 26.60 -6.34
CA ALA B 147 26.68 26.15 -5.82
C ALA B 147 26.40 26.92 -4.54
N LEU B 148 25.22 27.53 -4.48
CA LEU B 148 24.73 28.19 -3.28
C LEU B 148 23.29 27.75 -3.07
N GLY B 149 22.75 28.02 -1.89
CA GLY B 149 21.43 27.49 -1.56
C GLY B 149 20.84 27.99 -0.27
N CYS B 150 19.73 27.35 0.11
CA CYS B 150 19.00 27.65 1.32
C CYS B 150 18.61 26.37 2.00
N LEU B 151 18.86 26.30 3.30
CA LEU B 151 18.47 25.17 4.13
C LEU B 151 17.17 25.57 4.81
N VAL B 152 16.11 24.83 4.53
CA VAL B 152 14.79 25.08 5.12
C VAL B 152 14.54 23.98 6.15
N LYS B 153 14.54 24.36 7.42
CA LYS B 153 14.73 23.43 8.52
C LYS B 153 13.54 23.36 9.49
N ASP B 154 13.12 22.14 9.82
CA ASP B 154 12.12 21.85 10.86
C ASP B 154 10.76 22.50 10.62
N TYR B 155 10.05 22.00 9.62
CA TYR B 155 8.65 22.42 9.42
C TYR B 155 7.68 21.25 9.47
N PHE B 156 6.42 21.59 9.69
CA PHE B 156 5.31 20.65 9.65
C PHE B 156 4.01 21.41 9.41
N PRO B 157 3.11 20.91 8.57
CA PRO B 157 3.32 19.76 7.69
C PRO B 157 3.95 20.21 6.37
N GLU B 158 4.03 19.27 5.42
CA GLU B 158 4.28 19.62 4.01
C GLU B 158 3.07 20.42 3.49
N PRO B 159 3.21 21.23 2.44
CA PRO B 159 4.44 21.41 1.67
C PRO B 159 5.12 22.76 1.92
N VAL B 160 6.27 22.91 1.29
CA VAL B 160 7.06 24.15 1.26
C VAL B 160 7.40 24.42 -0.20
N THR B 161 7.25 25.67 -0.63
CA THR B 161 7.77 26.11 -1.94
C THR B 161 8.98 27.02 -1.74
N VAL B 162 9.95 26.89 -2.65
CA VAL B 162 11.09 27.77 -2.72
C VAL B 162 11.20 28.31 -4.14
N SER B 163 11.36 29.64 -4.22
CA SER B 163 11.73 30.33 -5.45
C SER B 163 12.99 31.16 -5.17
N TRP B 164 13.63 31.63 -6.24
CA TRP B 164 14.83 32.48 -6.13
C TRP B 164 14.61 33.81 -6.86
N ASN B 165 14.94 34.91 -6.20
CA ASN B 165 14.71 36.27 -6.71
C ASN B 165 13.29 36.47 -7.22
N SER B 166 12.34 36.01 -6.38
CA SER B 166 10.89 36.09 -6.63
C SER B 166 10.48 35.51 -7.97
N GLY B 167 11.10 34.39 -8.35
CA GLY B 167 10.78 33.71 -9.59
C GLY B 167 11.60 34.08 -10.81
N ALA B 168 12.34 35.20 -10.76
CA ALA B 168 13.22 35.60 -11.87
C ALA B 168 14.40 34.64 -12.14
N LEU B 169 14.90 33.98 -11.09
CA LEU B 169 15.98 33.00 -11.25
C LEU B 169 15.42 31.57 -11.21
N THR B 170 15.44 30.89 -12.37
CA THR B 170 14.97 29.51 -12.51
C THR B 170 15.99 28.51 -13.07
N SER B 171 16.92 28.98 -13.92
CA SER B 171 17.88 28.06 -14.52
C SER B 171 18.95 27.69 -13.50
N GLY B 172 19.25 26.39 -13.43
CA GLY B 172 20.18 25.84 -12.47
C GLY B 172 19.62 25.59 -11.07
N VAL B 173 18.31 25.78 -10.88
CA VAL B 173 17.65 25.61 -9.55
C VAL B 173 17.19 24.17 -9.35
N HIS B 174 17.57 23.57 -8.21
CA HIS B 174 17.06 22.25 -7.81
C HIS B 174 16.65 22.28 -6.34
N THR B 175 15.34 22.37 -6.12
CA THR B 175 14.77 22.21 -4.78
C THR B 175 14.54 20.72 -4.54
N PHE B 176 15.16 20.18 -3.49
CA PHE B 176 15.16 18.75 -3.23
C PHE B 176 13.94 18.33 -2.41
N PRO B 177 13.47 17.08 -2.60
CA PRO B 177 12.47 16.50 -1.70
C PRO B 177 12.93 16.51 -0.24
N ALA B 178 11.96 16.72 0.65
CA ALA B 178 12.23 16.88 2.07
C ALA B 178 12.59 15.55 2.71
N VAL B 179 13.37 15.63 3.78
CA VAL B 179 13.62 14.49 4.65
C VAL B 179 12.61 14.58 5.79
N LEU B 180 12.01 13.46 6.16
CA LEU B 180 11.16 13.39 7.35
C LEU B 180 11.99 12.85 8.50
N GLN B 181 12.25 13.71 9.49
CA GLN B 181 13.14 13.38 10.60
C GLN B 181 12.43 12.48 11.61
N SER B 182 13.21 11.88 12.50
CA SER B 182 12.68 11.10 13.63
C SER B 182 11.80 11.93 14.57
N SER B 183 12.04 13.25 14.65
CA SER B 183 11.18 14.15 15.41
C SER B 183 9.73 14.28 14.87
N GLY B 184 9.51 13.98 13.59
CA GLY B 184 8.21 14.17 12.94
C GLY B 184 8.14 15.48 12.16
N LEU B 185 9.28 16.19 12.10
CA LEU B 185 9.42 17.44 11.37
C LEU B 185 10.20 17.20 10.08
N TYR B 186 9.94 18.05 9.10
CA TYR B 186 10.57 17.98 7.78
C TYR B 186 11.69 18.99 7.64
N SER B 187 12.62 18.70 6.74
CA SER B 187 13.61 19.67 6.28
C SER B 187 13.91 19.42 4.80
N LEU B 188 14.16 20.50 4.06
CA LEU B 188 14.62 20.42 2.68
C LEU B 188 15.65 21.50 2.39
N SER B 189 16.32 21.34 1.26
CA SER B 189 17.28 22.32 0.79
C SER B 189 17.01 22.63 -0.68
N SER B 190 17.32 23.86 -1.06
CA SER B 190 17.25 24.29 -2.45
C SER B 190 18.60 24.86 -2.86
N VAL B 191 19.12 24.40 -3.99
CA VAL B 191 20.39 24.92 -4.51
C VAL B 191 20.27 25.43 -5.93
N VAL B 192 21.13 26.40 -6.23
CA VAL B 192 21.24 26.98 -7.54
C VAL B 192 22.70 27.03 -7.94
N THR B 193 23.00 26.54 -9.13
CA THR B 193 24.34 26.63 -9.69
C THR B 193 24.42 27.92 -10.49
N VAL B 194 25.47 28.71 -10.23
CA VAL B 194 25.64 30.03 -10.82
C VAL B 194 27.10 30.23 -11.29
N PRO B 195 27.32 31.11 -12.27
CA PRO B 195 28.71 31.43 -12.63
C PRO B 195 29.43 32.12 -11.46
N SER B 196 30.64 31.67 -11.16
CA SER B 196 31.35 32.12 -9.97
C SER B 196 31.89 33.55 -10.07
N SER B 197 31.95 34.11 -11.29
CA SER B 197 32.29 35.53 -11.48
C SER B 197 31.20 36.49 -10.97
N SER B 198 29.96 36.04 -10.94
CA SER B 198 28.83 36.86 -10.47
C SER B 198 28.76 37.07 -8.94
N LEU B 199 29.57 36.33 -8.18
CA LEU B 199 29.37 36.20 -6.73
C LEU B 199 29.57 37.47 -5.90
N GLY B 200 30.45 38.36 -6.34
CA GLY B 200 30.61 39.65 -5.68
C GLY B 200 29.46 40.61 -5.97
N THR B 201 28.96 40.59 -7.21
CA THR B 201 28.05 41.61 -7.73
C THR B 201 26.55 41.25 -7.68
N GLN B 202 26.23 39.97 -7.91
CA GLN B 202 24.86 39.52 -8.15
C GLN B 202 24.12 39.11 -6.88
N THR B 203 22.94 39.70 -6.64
CA THR B 203 22.09 39.37 -5.48
C THR B 203 21.40 38.03 -5.68
N TYR B 204 21.41 37.21 -4.62
CA TYR B 204 20.70 35.94 -4.59
C TYR B 204 19.87 35.83 -3.31
N ILE B 205 18.56 35.77 -3.47
CA ILE B 205 17.62 35.63 -2.35
C ILE B 205 16.73 34.42 -2.61
N CYS B 206 16.60 33.53 -1.63
CA CYS B 206 15.59 32.45 -1.72
C CYS B 206 14.35 32.91 -1.00
N ASN B 207 13.20 32.62 -1.59
CA ASN B 207 11.91 32.98 -1.03
C ASN B 207 11.24 31.69 -0.61
N VAL B 208 11.15 31.47 0.70
CA VAL B 208 10.51 30.28 1.26
C VAL B 208 9.10 30.68 1.65
N ASN B 209 8.14 29.85 1.26
CA ASN B 209 6.74 30.01 1.63
C ASN B 209 6.25 28.69 2.18
N HIS B 210 5.92 28.69 3.48
CA HIS B 210 5.26 27.57 4.15
C HIS B 210 3.81 27.99 4.47
N LYS B 211 2.91 27.69 3.54
CA LYS B 211 1.51 28.14 3.59
C LYS B 211 0.70 27.60 4.75
N PRO B 212 0.96 26.36 5.20
CA PRO B 212 0.25 25.85 6.38
C PRO B 212 0.40 26.70 7.66
N SER B 213 1.53 27.40 7.83
CA SER B 213 1.71 28.37 8.93
C SER B 213 1.78 29.85 8.49
N ASN B 214 1.53 30.13 7.21
CA ASN B 214 1.78 31.44 6.57
C ASN B 214 3.14 32.03 6.97
N THR B 215 4.17 31.18 6.91
CA THR B 215 5.55 31.58 7.17
C THR B 215 6.20 31.88 5.81
N LYS B 216 6.58 33.14 5.62
CA LYS B 216 7.29 33.58 4.43
C LYS B 216 8.62 34.21 4.83
N VAL B 217 9.72 33.63 4.36
CA VAL B 217 11.05 34.10 4.69
C VAL B 217 11.85 34.31 3.41
N ASP B 218 12.39 35.52 3.25
CA ASP B 218 13.33 35.84 2.17
C ASP B 218 14.74 35.88 2.76
N LYS B 219 15.64 35.02 2.30
CA LYS B 219 17.01 34.94 2.85
C LYS B 219 18.07 35.22 1.79
N LYS B 220 18.80 36.32 1.97
CA LYS B 220 19.89 36.67 1.07
C LYS B 220 21.07 35.75 1.35
N VAL B 221 21.67 35.21 0.28
CA VAL B 221 22.75 34.26 0.38
C VAL B 221 23.99 34.87 -0.26
N GLU B 222 25.00 35.14 0.55
CA GLU B 222 26.23 35.81 0.11
C GLU B 222 27.47 34.95 0.36
N PRO B 223 28.57 35.22 -0.36
CA PRO B 223 29.85 34.56 -0.02
C PRO B 223 30.37 34.99 1.36
N LYS B 224 30.89 34.03 2.13
CA LYS B 224 31.42 34.30 3.47
C LYS B 224 32.88 34.74 3.39
N SER C 2 -19.37 -1.48 -10.07
CA SER C 2 -18.99 -0.05 -9.76
C SER C 2 -17.48 0.17 -9.50
N ALA C 3 -16.65 -0.56 -10.24
CA ALA C 3 -15.19 -0.44 -10.13
C ALA C 3 -14.60 -0.49 -11.54
N LEU C 4 -13.56 0.31 -11.78
CA LEU C 4 -12.78 0.25 -13.01
C LEU C 4 -11.39 -0.28 -12.70
N THR C 5 -11.07 -1.47 -13.21
CA THR C 5 -9.79 -2.13 -12.94
C THR C 5 -8.76 -1.78 -14.02
N GLN C 6 -7.57 -1.37 -13.57
CA GLN C 6 -6.41 -1.16 -14.43
C GLN C 6 -5.23 -1.97 -13.89
N PRO C 7 -4.35 -2.47 -14.77
CA PRO C 7 -3.15 -3.11 -14.24
C PRO C 7 -2.29 -2.06 -13.51
N PRO C 8 -1.75 -2.39 -12.31
CA PRO C 8 -1.06 -1.36 -11.53
C PRO C 8 0.19 -0.77 -12.18
N SER C 9 0.85 -1.54 -13.06
CA SER C 9 2.05 -1.06 -13.76
C SER C 9 2.21 -1.65 -15.17
N VAL C 10 2.75 -0.83 -16.07
CA VAL C 10 3.24 -1.28 -17.39
C VAL C 10 4.61 -0.68 -17.64
N SER C 11 5.38 -1.32 -18.51
CA SER C 11 6.63 -0.72 -18.97
C SER C 11 6.95 -1.06 -20.43
N GLY C 12 7.71 -0.19 -21.07
CA GLY C 12 8.17 -0.40 -22.44
C GLY C 12 9.40 0.42 -22.72
N ALA C 13 10.17 0.02 -23.73
CA ALA C 13 11.35 0.77 -24.17
C ALA C 13 10.89 1.99 -24.99
N PRO C 14 11.80 2.97 -25.21
CA PRO C 14 11.36 4.11 -26.02
C PRO C 14 11.04 3.67 -27.46
N GLY C 15 9.93 4.20 -27.99
CA GLY C 15 9.50 3.90 -29.35
C GLY C 15 8.65 2.63 -29.50
N GLN C 16 8.34 1.95 -28.40
CA GLN C 16 7.46 0.77 -28.42
C GLN C 16 6.00 1.17 -28.31
N ARG C 17 5.11 0.24 -28.64
CA ARG C 17 3.67 0.41 -28.42
C ARG C 17 3.27 -0.22 -27.09
N VAL C 18 2.73 0.60 -26.19
CA VAL C 18 2.21 0.13 -24.91
C VAL C 18 0.70 0.38 -24.83
N THR C 19 -0.05 -0.62 -24.36
CA THR C 19 -1.49 -0.49 -24.10
C THR C 19 -1.76 -0.59 -22.60
N ILE C 20 -2.78 0.15 -22.14
CA ILE C 20 -3.26 0.06 -20.75
C ILE C 20 -4.76 -0.20 -20.81
N SER C 21 -5.19 -1.34 -20.27
CA SER C 21 -6.61 -1.70 -20.28
C SER C 21 -7.38 -1.07 -19.11
N CYS C 22 -8.67 -0.85 -19.33
CA CYS C 22 -9.62 -0.40 -18.30
C CYS C 22 -10.84 -1.31 -18.38
N THR C 23 -10.90 -2.29 -17.47
CA THR C 23 -12.03 -3.23 -17.43
C THR C 23 -13.12 -2.65 -16.54
N GLY C 24 -14.34 -2.61 -17.07
CA GLY C 24 -15.50 -2.08 -16.35
C GLY C 24 -16.62 -3.10 -16.28
N SER C 25 -17.81 -2.59 -15.96
CA SER C 25 -19.02 -3.41 -15.81
C SER C 25 -20.18 -2.90 -16.67
N SER C 26 -21.29 -3.64 -16.59
CA SER C 26 -22.58 -3.24 -17.15
C SER C 26 -23.14 -1.93 -16.56
N SER C 27 -22.71 -1.55 -15.35
CA SER C 27 -23.15 -0.30 -14.71
C SER C 27 -22.36 0.95 -15.15
N ASN C 28 -21.26 0.78 -15.89
CA ASN C 28 -20.44 1.92 -16.32
C ASN C 28 -20.09 1.87 -17.82
N ILE C 29 -19.01 1.17 -18.20
CA ILE C 29 -18.55 1.15 -19.58
C ILE C 29 -19.57 0.42 -20.47
N GLY C 30 -20.07 -0.72 -19.98
CA GLY C 30 -21.06 -1.51 -20.72
C GLY C 30 -22.45 -0.91 -20.85
N ALA C 31 -22.74 0.17 -20.10
CA ALA C 31 -23.99 0.94 -20.25
C ALA C 31 -23.88 2.10 -21.26
N GLY C 32 -22.72 2.25 -21.90
CA GLY C 32 -22.51 3.32 -22.87
C GLY C 32 -22.05 4.65 -22.31
N TYR C 33 -21.80 4.73 -21.00
CA TYR C 33 -21.17 5.93 -20.41
C TYR C 33 -19.73 5.92 -20.90
N ASP C 34 -19.25 7.08 -21.35
CA ASP C 34 -17.95 7.15 -22.01
C ASP C 34 -16.79 7.00 -21.01
N VAL C 35 -15.63 6.65 -21.55
CA VAL C 35 -14.38 6.50 -20.79
C VAL C 35 -13.43 7.64 -21.16
N HIS C 36 -12.84 8.26 -20.15
CA HIS C 36 -11.90 9.37 -20.31
C HIS C 36 -10.60 8.99 -19.63
N TRP C 37 -9.48 9.49 -20.15
CA TRP C 37 -8.15 9.17 -19.65
C TRP C 37 -7.42 10.43 -19.23
N TYR C 38 -6.56 10.30 -18.22
CA TYR C 38 -5.78 11.40 -17.65
C TYR C 38 -4.36 10.94 -17.44
N GLN C 39 -3.42 11.87 -17.65
CA GLN C 39 -2.00 11.67 -17.39
C GLN C 39 -1.66 12.50 -16.16
N GLN C 40 -0.86 11.93 -15.26
CA GLN C 40 -0.40 12.68 -14.09
C GLN C 40 1.11 12.51 -13.90
N LEU C 41 1.85 13.61 -14.08
CA LEU C 41 3.26 13.65 -13.72
C LEU C 41 3.39 13.77 -12.21
N PRO C 42 4.50 13.27 -11.63
CA PRO C 42 4.69 13.35 -10.18
C PRO C 42 4.54 14.77 -9.63
N GLY C 43 3.74 14.95 -8.58
CA GLY C 43 3.57 16.26 -7.93
C GLY C 43 2.77 17.33 -8.65
N THR C 44 2.12 16.99 -9.77
CA THR C 44 1.27 17.94 -10.53
C THR C 44 -0.14 17.38 -10.66
N ALA C 45 -1.08 18.23 -11.05
CA ALA C 45 -2.48 17.84 -11.22
C ALA C 45 -2.66 16.86 -12.38
N PRO C 46 -3.73 16.04 -12.33
CA PRO C 46 -4.09 15.30 -13.54
C PRO C 46 -4.42 16.23 -14.71
N LYS C 47 -4.08 15.78 -15.91
CA LYS C 47 -4.29 16.52 -17.14
C LYS C 47 -5.09 15.60 -18.06
N LEU C 48 -6.18 16.12 -18.63
CA LEU C 48 -7.03 15.37 -19.55
C LEU C 48 -6.24 14.98 -20.81
N LEU C 49 -6.28 13.69 -21.13
CA LEU C 49 -5.53 13.10 -22.23
C LEU C 49 -6.45 12.64 -23.35
N ILE C 50 -7.48 11.88 -22.99
CA ILE C 50 -8.48 11.39 -23.93
C ILE C 50 -9.88 11.63 -23.32
N TYR C 51 -10.84 12.03 -24.15
CA TYR C 51 -12.25 12.16 -23.74
C TYR C 51 -13.19 11.53 -24.78
N GLY C 52 -14.34 11.03 -24.32
CA GLY C 52 -15.36 10.44 -25.19
C GLY C 52 -14.84 9.20 -25.89
N ASN C 53 -14.11 8.37 -25.14
CA ASN C 53 -13.45 7.14 -25.64
C ASN C 53 -12.23 7.35 -26.54
N ILE C 54 -12.31 8.27 -27.51
CA ILE C 54 -11.35 8.39 -28.60
C ILE C 54 -10.78 9.79 -28.89
N ASN C 55 -11.32 10.85 -28.27
CA ASN C 55 -10.97 12.21 -28.67
C ASN C 55 -9.76 12.74 -27.91
N ARG C 56 -8.93 13.50 -28.60
CA ARG C 56 -7.78 14.19 -28.01
C ARG C 56 -8.06 15.67 -27.93
N PRO C 57 -7.82 16.30 -26.75
CA PRO C 57 -7.81 17.76 -26.71
C PRO C 57 -6.62 18.33 -27.48
N SER C 58 -6.67 19.63 -27.80
CA SER C 58 -5.50 20.31 -28.37
C SER C 58 -4.31 20.18 -27.42
N GLY C 59 -3.13 19.97 -27.99
CA GLY C 59 -1.90 19.80 -27.21
C GLY C 59 -1.46 18.36 -26.99
N VAL C 60 -2.42 17.43 -26.87
CA VAL C 60 -2.09 16.02 -26.70
C VAL C 60 -1.60 15.45 -28.03
N PRO C 61 -0.38 14.88 -28.07
CA PRO C 61 0.15 14.35 -29.33
C PRO C 61 -0.56 13.12 -29.90
N ASP C 62 -0.33 12.89 -31.20
CA ASP C 62 -0.98 11.83 -32.00
C ASP C 62 -0.71 10.42 -31.49
N ARG C 63 0.43 10.22 -30.83
CA ARG C 63 0.82 8.90 -30.31
C ARG C 63 -0.14 8.36 -29.25
N PHE C 64 -0.81 9.26 -28.52
CA PHE C 64 -1.87 8.85 -27.58
C PHE C 64 -3.16 8.54 -28.32
N SER C 65 -3.81 7.45 -27.92
CA SER C 65 -4.96 6.91 -28.64
C SER C 65 -5.87 6.18 -27.65
N GLY C 66 -7.18 6.24 -27.89
CA GLY C 66 -8.17 5.57 -27.06
C GLY C 66 -9.12 4.68 -27.85
N SER C 67 -9.58 3.59 -27.23
CA SER C 67 -10.59 2.71 -27.82
C SER C 67 -11.49 2.12 -26.75
N LYS C 68 -12.60 1.52 -27.18
CA LYS C 68 -13.59 0.92 -26.28
C LYS C 68 -14.39 -0.14 -27.02
N SER C 69 -14.70 -1.24 -26.32
CA SER C 69 -15.49 -2.32 -26.86
C SER C 69 -16.08 -3.16 -25.73
N GLY C 70 -17.41 -3.24 -25.67
CA GLY C 70 -18.12 -3.99 -24.63
C GLY C 70 -18.02 -3.34 -23.27
N THR C 71 -17.45 -4.06 -22.31
CA THR C 71 -17.20 -3.54 -20.96
C THR C 71 -15.78 -3.00 -20.75
N SER C 72 -14.92 -3.09 -21.78
CA SER C 72 -13.50 -2.73 -21.67
C SER C 72 -13.13 -1.53 -22.55
N ALA C 73 -12.16 -0.75 -22.08
CA ALA C 73 -11.59 0.35 -22.85
C ALA C 73 -10.07 0.31 -22.73
N SER C 74 -9.38 0.97 -23.65
CA SER C 74 -7.93 0.83 -23.77
C SER C 74 -7.26 2.13 -24.22
N LEU C 75 -6.26 2.58 -23.45
CA LEU C 75 -5.35 3.65 -23.89
C LEU C 75 -4.13 3.00 -24.53
N ALA C 76 -3.87 3.36 -25.78
CA ALA C 76 -2.67 2.95 -26.48
C ALA C 76 -1.70 4.13 -26.58
N ILE C 77 -0.41 3.86 -26.38
CA ILE C 77 0.65 4.85 -26.64
C ILE C 77 1.54 4.23 -27.69
N THR C 78 1.57 4.83 -28.89
CA THR C 78 2.29 4.28 -30.04
C THR C 78 3.56 5.07 -30.32
N GLY C 79 4.69 4.58 -29.80
CA GLY C 79 5.96 5.27 -29.88
C GLY C 79 6.26 5.95 -28.56
N LEU C 80 6.63 5.16 -27.55
CA LEU C 80 6.92 5.68 -26.20
C LEU C 80 8.04 6.69 -26.21
N GLN C 81 7.80 7.85 -25.62
CA GLN C 81 8.81 8.85 -25.36
C GLN C 81 9.08 8.83 -23.86
N ALA C 82 10.22 9.39 -23.46
CA ALA C 82 10.62 9.44 -22.06
C ALA C 82 9.71 10.33 -21.21
N GLU C 83 9.17 11.39 -21.82
CA GLU C 83 8.20 12.28 -21.14
C GLU C 83 6.88 11.60 -20.77
N ASP C 84 6.59 10.43 -21.37
CA ASP C 84 5.36 9.67 -21.08
C ASP C 84 5.40 8.86 -19.75
N GLU C 85 6.53 8.83 -19.06
CA GLU C 85 6.58 8.26 -17.69
C GLU C 85 5.66 9.03 -16.76
N ALA C 86 4.65 8.33 -16.24
CA ALA C 86 3.58 8.97 -15.46
C ALA C 86 2.57 7.94 -14.95
N ASP C 87 1.63 8.41 -14.15
CA ASP C 87 0.44 7.64 -13.79
C ASP C 87 -0.66 7.95 -14.78
N TYR C 88 -1.38 6.91 -15.20
CA TYR C 88 -2.50 7.06 -16.14
C TYR C 88 -3.76 6.50 -15.51
N TYR C 89 -4.85 7.26 -15.63
CA TYR C 89 -6.13 6.93 -15.01
C TYR C 89 -7.23 6.94 -16.05
N CYS C 90 -7.96 5.83 -16.17
CA CYS C 90 -9.25 5.81 -16.85
C CYS C 90 -10.33 6.32 -15.91
N GLN C 91 -11.42 6.81 -16.49
CA GLN C 91 -12.50 7.44 -15.72
C GLN C 91 -13.81 7.41 -16.51
N SER C 92 -14.92 7.25 -15.80
CA SER C 92 -16.22 7.14 -16.43
C SER C 92 -17.34 7.56 -15.48
N TYR C 93 -18.56 7.20 -15.81
CA TYR C 93 -19.74 7.43 -14.98
C TYR C 93 -20.35 6.07 -14.64
N ASP C 94 -20.92 5.96 -13.44
CA ASP C 94 -21.53 4.71 -12.99
C ASP C 94 -22.95 4.97 -12.49
N SER C 95 -23.93 4.26 -13.07
CA SER C 95 -25.35 4.51 -12.83
C SER C 95 -25.83 4.17 -11.41
N SER C 96 -25.28 3.11 -10.81
CA SER C 96 -25.61 2.77 -9.41
C SER C 96 -24.95 3.75 -8.41
N LEU C 97 -23.76 4.27 -8.76
CA LEU C 97 -23.13 5.38 -8.00
C LEU C 97 -23.76 6.75 -8.26
N SER C 98 -24.34 6.93 -9.45
CA SER C 98 -24.94 8.22 -9.87
C SER C 98 -23.91 9.37 -9.86
N GLY C 99 -22.71 9.07 -10.36
CA GLY C 99 -21.61 10.03 -10.33
C GLY C 99 -20.38 9.47 -11.00
N ALA C 100 -19.27 10.19 -10.88
CA ALA C 100 -18.03 9.84 -11.58
C ALA C 100 -17.29 8.70 -10.88
N LEU C 101 -16.47 8.00 -11.66
CA LEU C 101 -15.74 6.82 -11.20
C LEU C 101 -14.34 6.76 -11.83
N PHE C 102 -13.30 6.79 -11.00
CA PHE C 102 -11.91 6.63 -11.47
C PHE C 102 -11.45 5.19 -11.28
N GLY C 103 -10.58 4.74 -12.18
CA GLY C 103 -9.84 3.49 -11.97
C GLY C 103 -8.67 3.67 -11.00
N GLY C 104 -8.03 2.57 -10.63
CA GLY C 104 -6.96 2.57 -9.63
C GLY C 104 -5.67 3.23 -10.07
N GLY C 105 -5.46 3.29 -11.39
CA GLY C 105 -4.28 3.90 -11.98
C GLY C 105 -3.25 2.89 -12.43
N THR C 106 -2.47 3.29 -13.43
CA THR C 106 -1.40 2.49 -13.97
C THR C 106 -0.13 3.33 -13.99
N GLN C 107 0.91 2.86 -13.29
CA GLN C 107 2.24 3.47 -13.31
C GLN C 107 2.97 2.97 -14.58
N LEU C 108 3.31 3.91 -15.46
CA LEU C 108 4.06 3.61 -16.69
C LEU C 108 5.54 3.97 -16.53
N THR C 109 6.39 2.96 -16.67
CA THR C 109 7.85 3.14 -16.62
C THR C 109 8.43 2.97 -18.02
N VAL C 110 9.34 3.85 -18.40
CA VAL C 110 10.04 3.74 -19.69
C VAL C 110 11.41 3.12 -19.40
N LEU C 111 11.62 1.93 -19.93
CA LEU C 111 12.87 1.18 -19.74
C LEU C 111 14.01 1.77 -20.59
N GLY C 112 15.20 1.17 -20.45
CA GLY C 112 16.32 1.47 -21.33
C GLY C 112 17.20 2.67 -20.98
N GLN C 113 16.89 3.38 -19.89
CA GLN C 113 17.72 4.52 -19.49
C GLN C 113 19.16 4.09 -19.19
N PRO C 114 20.16 4.87 -19.63
CA PRO C 114 21.55 4.50 -19.29
C PRO C 114 21.88 4.77 -17.82
N LYS C 115 22.96 4.14 -17.36
CA LYS C 115 23.51 4.42 -16.03
C LYS C 115 23.97 5.86 -16.03
N ALA C 116 23.71 6.58 -14.95
CA ALA C 116 24.20 7.94 -14.79
C ALA C 116 24.76 8.13 -13.38
N ASN C 117 25.99 8.65 -13.30
CA ASN C 117 26.66 8.83 -12.01
C ASN C 117 26.13 10.06 -11.27
N PRO C 118 26.10 10.00 -9.92
CA PRO C 118 25.56 11.12 -9.17
C PRO C 118 26.41 12.40 -9.16
N THR C 119 25.72 13.53 -9.17
CA THR C 119 26.31 14.84 -8.91
C THR C 119 26.15 15.07 -7.41
N VAL C 120 27.24 15.40 -6.74
CA VAL C 120 27.25 15.57 -5.28
C VAL C 120 27.76 16.97 -4.89
N THR C 121 26.99 17.64 -4.05
CA THR C 121 27.33 18.94 -3.47
C THR C 121 27.18 18.84 -1.95
N LEU C 122 28.21 19.27 -1.22
CA LEU C 122 28.23 19.21 0.22
C LEU C 122 28.35 20.63 0.73
N PHE C 123 27.47 21.00 1.66
CA PHE C 123 27.51 22.30 2.29
C PHE C 123 27.84 22.14 3.77
N PRO C 124 28.70 23.03 4.31
CA PRO C 124 28.95 23.05 5.73
C PRO C 124 27.82 23.78 6.46
N PRO C 125 27.84 23.77 7.81
CA PRO C 125 26.95 24.62 8.59
C PRO C 125 27.16 26.11 8.29
N SER C 126 26.05 26.86 8.25
CA SER C 126 26.13 28.29 8.06
C SER C 126 26.58 28.96 9.34
N SER C 127 27.16 30.16 9.21
CA SER C 127 27.42 31.04 10.35
C SER C 127 26.17 31.22 11.21
N GLU C 128 25.03 31.46 10.55
CA GLU C 128 23.77 31.70 11.25
C GLU C 128 23.31 30.52 12.10
N GLU C 129 23.45 29.31 11.56
CA GLU C 129 23.07 28.11 12.32
C GLU C 129 24.00 27.87 13.50
N LEU C 130 25.30 28.10 13.33
CA LEU C 130 26.28 27.98 14.41
C LEU C 130 26.01 28.98 15.55
N GLN C 131 25.73 30.25 15.19
CA GLN C 131 25.31 31.28 16.16
C GLN C 131 24.05 30.91 16.96
N ALA C 132 23.17 30.08 16.38
CA ALA C 132 22.03 29.49 17.08
C ALA C 132 22.31 28.10 17.70
N ASN C 133 23.59 27.80 17.94
CA ASN C 133 24.02 26.60 18.66
C ASN C 133 23.59 25.27 18.00
N LYS C 134 23.54 25.24 16.66
CA LYS C 134 23.24 24.01 15.90
C LYS C 134 24.11 23.93 14.65
N ALA C 135 24.14 22.75 14.03
CA ALA C 135 25.01 22.52 12.89
C ALA C 135 24.53 21.36 12.05
N THR C 136 24.27 21.64 10.76
CA THR C 136 23.81 20.64 9.81
C THR C 136 24.76 20.64 8.63
N LEU C 137 25.27 19.46 8.27
CA LEU C 137 25.99 19.27 7.01
C LEU C 137 24.99 18.71 6.01
N VAL C 138 25.00 19.26 4.81
CA VAL C 138 23.99 18.96 3.81
C VAL C 138 24.66 18.41 2.55
N CYS C 139 24.42 17.12 2.30
CA CYS C 139 24.92 16.45 1.11
C CYS C 139 23.77 16.27 0.12
N LEU C 140 23.92 16.84 -1.07
CA LEU C 140 22.87 16.82 -2.11
C LEU C 140 23.32 15.97 -3.27
N ILE C 141 22.42 15.09 -3.71
CA ILE C 141 22.74 14.00 -4.63
C ILE C 141 21.70 14.01 -5.74
N SER C 142 22.15 14.22 -6.98
CA SER C 142 21.24 14.42 -8.10
C SER C 142 21.71 13.77 -9.40
N ASP C 143 20.75 13.65 -10.33
CA ASP C 143 20.98 13.24 -11.72
C ASP C 143 21.61 11.86 -11.86
N PHE C 144 21.15 10.91 -11.04
CA PHE C 144 21.65 9.53 -11.09
C PHE C 144 20.58 8.50 -11.48
N TYR C 145 21.04 7.38 -12.03
CA TYR C 145 20.19 6.28 -12.44
C TYR C 145 21.02 4.98 -12.47
N PRO C 146 20.54 3.87 -11.90
CA PRO C 146 19.22 3.75 -11.25
C PRO C 146 19.17 4.35 -9.84
N GLY C 147 18.02 4.23 -9.20
CA GLY C 147 17.72 4.92 -7.95
C GLY C 147 18.46 4.49 -6.70
N ALA C 148 19.05 3.29 -6.67
CA ALA C 148 19.73 2.79 -5.46
C ALA C 148 21.01 3.57 -5.16
N VAL C 149 21.10 4.15 -3.97
CA VAL C 149 22.30 4.88 -3.55
C VAL C 149 22.62 4.60 -2.08
N THR C 150 23.92 4.58 -1.76
CA THR C 150 24.41 4.36 -0.40
C THR C 150 25.26 5.57 -0.03
N VAL C 151 24.99 6.16 1.14
CA VAL C 151 25.69 7.38 1.56
C VAL C 151 26.36 7.18 2.93
N ALA C 152 27.68 7.40 2.95
CA ALA C 152 28.51 7.27 4.16
C ALA C 152 29.09 8.64 4.52
N TRP C 153 29.22 8.88 5.82
CA TRP C 153 29.83 10.13 6.31
C TRP C 153 31.14 9.82 7.06
N LYS C 154 32.07 10.76 7.01
CA LYS C 154 33.36 10.64 7.70
C LYS C 154 33.64 11.91 8.51
N ALA C 155 34.17 11.72 9.71
CA ALA C 155 34.83 12.77 10.49
C ALA C 155 36.32 12.42 10.57
N ASP C 156 37.18 13.22 9.95
CA ASP C 156 38.63 12.91 9.82
C ASP C 156 38.94 11.50 9.32
N GLY C 157 38.27 11.05 8.27
CA GLY C 157 38.53 9.69 7.75
C GLY C 157 38.05 8.52 8.62
N SER C 158 37.29 8.81 9.68
CA SER C 158 36.68 7.80 10.55
C SER C 158 35.13 7.84 10.37
N PRO C 159 34.48 6.66 10.37
CA PRO C 159 33.05 6.63 10.06
C PRO C 159 32.17 7.26 11.14
N VAL C 160 31.23 8.10 10.71
CA VAL C 160 30.27 8.74 11.61
C VAL C 160 29.10 7.80 11.80
N LYS C 161 28.71 7.57 13.05
CA LYS C 161 27.69 6.57 13.37
C LYS C 161 26.42 7.14 14.02
N ALA C 162 26.27 8.46 14.06
CA ALA C 162 25.08 9.09 14.62
C ALA C 162 24.82 10.45 13.98
N GLY C 163 23.55 10.85 13.96
CA GLY C 163 23.12 12.16 13.48
C GLY C 163 22.79 12.24 11.99
N VAL C 164 22.77 11.10 11.31
CA VAL C 164 22.57 11.03 9.86
C VAL C 164 21.12 10.68 9.56
N GLU C 165 20.48 11.44 8.66
CA GLU C 165 19.19 11.01 8.08
C GLU C 165 19.12 11.35 6.61
N THR C 166 18.80 10.32 5.83
CA THR C 166 18.96 10.31 4.39
C THR C 166 17.60 10.00 3.76
N THR C 167 17.23 10.78 2.74
CA THR C 167 15.94 10.60 2.05
C THR C 167 16.00 9.36 1.18
N LYS C 168 14.84 8.79 0.90
CA LYS C 168 14.76 7.75 -0.11
C LYS C 168 14.77 8.44 -1.46
N PRO C 169 15.51 7.87 -2.43
CA PRO C 169 15.59 8.49 -3.75
C PRO C 169 14.24 8.55 -4.45
N SER C 170 13.94 9.71 -5.04
CA SER C 170 12.71 9.89 -5.83
C SER C 170 13.04 10.51 -7.18
N LYS C 171 12.16 10.27 -8.15
CA LYS C 171 12.33 10.76 -9.52
C LYS C 171 12.29 12.29 -9.61
N GLN C 172 13.27 12.85 -10.29
CA GLN C 172 13.24 14.25 -10.71
C GLN C 172 12.35 14.35 -11.96
N SER C 173 12.14 15.57 -12.44
CA SER C 173 11.34 15.77 -13.66
C SER C 173 12.02 15.23 -14.95
N ASN C 174 13.35 15.07 -14.92
CA ASN C 174 14.10 14.44 -16.02
C ASN C 174 14.20 12.89 -15.95
N ASN C 175 13.41 12.27 -15.05
CA ASN C 175 13.35 10.79 -14.85
C ASN C 175 14.61 10.14 -14.22
N LYS C 176 15.58 10.96 -13.80
CA LYS C 176 16.71 10.49 -13.00
C LYS C 176 16.40 10.78 -11.53
N TYR C 177 17.24 10.26 -10.64
CA TYR C 177 16.93 10.28 -9.22
C TYR C 177 17.72 11.35 -8.45
N ALA C 178 17.18 11.70 -7.29
CA ALA C 178 17.75 12.67 -6.40
C ALA C 178 17.55 12.21 -4.98
N ALA C 179 18.49 12.56 -4.11
CA ALA C 179 18.37 12.28 -2.70
C ALA C 179 19.21 13.28 -1.90
N SER C 180 18.87 13.38 -0.62
CA SER C 180 19.56 14.28 0.30
C SER C 180 19.99 13.51 1.54
N SER C 181 21.16 13.88 2.08
CA SER C 181 21.61 13.38 3.37
C SER C 181 22.03 14.53 4.30
N TYR C 182 21.53 14.47 5.52
CA TYR C 182 21.72 15.51 6.53
C TYR C 182 22.42 14.95 7.78
N LEU C 183 23.62 15.45 8.08
CA LEU C 183 24.35 15.08 9.29
C LEU C 183 24.24 16.23 10.28
N SER C 184 23.52 16.02 11.38
CA SER C 184 23.43 17.05 12.43
C SER C 184 24.48 16.82 13.51
N LEU C 185 25.19 17.89 13.86
CA LEU C 185 26.23 17.89 14.87
C LEU C 185 25.97 19.04 15.85
N THR C 186 26.64 18.97 16.98
CA THR C 186 26.78 20.14 17.86
C THR C 186 27.85 21.04 17.24
N PRO C 187 27.78 22.35 17.49
CA PRO C 187 28.89 23.19 17.06
C PRO C 187 30.27 22.72 17.57
N GLU C 188 30.32 22.15 18.78
CA GLU C 188 31.58 21.61 19.32
C GLU C 188 32.13 20.48 18.44
N GLN C 189 31.28 19.53 18.03
CA GLN C 189 31.69 18.42 17.15
C GLN C 189 32.23 18.91 15.79
N TRP C 190 31.52 19.84 15.16
CA TRP C 190 31.95 20.45 13.88
C TRP C 190 33.38 21.02 13.94
N LYS C 191 33.68 21.78 14.99
CA LYS C 191 35.00 22.40 15.19
C LYS C 191 36.06 21.45 15.79
N SER C 192 35.69 20.18 16.00
CA SER C 192 36.49 19.18 16.69
C SER C 192 37.30 18.32 15.71
N HIS C 193 37.06 18.50 14.41
CA HIS C 193 37.70 17.71 13.35
C HIS C 193 38.24 18.63 12.27
N ARG C 194 39.24 18.15 11.53
CA ARG C 194 39.85 18.91 10.44
C ARG C 194 38.93 19.03 9.23
N SER C 195 38.18 17.97 8.95
CA SER C 195 37.18 18.00 7.87
C SER C 195 36.11 16.94 8.09
N TYR C 196 34.99 17.11 7.38
CA TYR C 196 33.97 16.07 7.26
C TYR C 196 33.85 15.74 5.79
N SER C 197 33.38 14.52 5.51
CA SER C 197 33.18 14.10 4.12
C SER C 197 31.85 13.37 3.94
N CYS C 198 31.24 13.58 2.76
CA CYS C 198 30.08 12.85 2.32
C CYS C 198 30.53 11.95 1.18
N GLN C 199 30.38 10.64 1.34
CA GLN C 199 30.78 9.66 0.33
C GLN C 199 29.54 8.96 -0.21
N VAL C 200 29.29 9.07 -1.52
CA VAL C 200 28.08 8.54 -2.13
C VAL C 200 28.45 7.40 -3.09
N THR C 201 27.94 6.20 -2.81
CA THR C 201 28.25 5.02 -3.61
C THR C 201 27.04 4.66 -4.47
N HIS C 202 27.29 4.47 -5.76
CA HIS C 202 26.23 4.22 -6.75
C HIS C 202 26.78 3.25 -7.79
N GLU C 203 26.10 2.13 -7.97
CA GLU C 203 26.51 1.11 -8.94
C GLU C 203 28.01 0.76 -8.84
N GLY C 204 28.50 0.63 -7.60
CA GLY C 204 29.87 0.17 -7.35
C GLY C 204 30.98 1.20 -7.23
N SER C 205 30.78 2.44 -7.67
CA SER C 205 31.80 3.50 -7.54
C SER C 205 31.31 4.66 -6.67
N THR C 206 32.28 5.33 -6.05
CA THR C 206 32.04 6.30 -5.00
C THR C 206 32.46 7.69 -5.42
N VAL C 207 31.64 8.68 -5.07
CA VAL C 207 31.92 10.09 -5.26
C VAL C 207 32.02 10.69 -3.86
N GLU C 208 33.06 11.47 -3.63
CA GLU C 208 33.34 12.02 -2.32
C GLU C 208 33.42 13.53 -2.39
N LYS C 209 32.86 14.20 -1.38
CA LYS C 209 33.06 15.62 -1.17
C LYS C 209 33.42 15.87 0.28
N THR C 210 34.21 16.93 0.50
CA THR C 210 34.82 17.22 1.79
C THR C 210 34.62 18.70 2.09
N VAL C 211 34.35 19.03 3.35
CA VAL C 211 34.28 20.42 3.81
C VAL C 211 35.01 20.56 5.14
N ALA C 212 35.51 21.75 5.42
CA ALA C 212 36.32 22.00 6.63
C ALA C 212 35.89 23.28 7.36
N PRO C 213 35.98 23.31 8.72
CA PRO C 213 35.81 24.56 9.46
C PRO C 213 36.86 25.63 9.08
N LEU D 2 11.34 -30.89 12.61
CA LEU D 2 11.05 -29.69 13.46
C LEU D 2 9.97 -28.81 12.87
N GLN D 3 8.93 -28.54 13.67
CA GLN D 3 7.77 -27.76 13.24
C GLN D 3 7.32 -26.81 14.36
N LEU D 4 6.72 -25.70 13.96
CA LEU D 4 6.14 -24.70 14.86
C LEU D 4 4.66 -24.59 14.55
N GLN D 5 3.83 -24.54 15.60
CA GLN D 5 2.38 -24.50 15.47
C GLN D 5 1.82 -23.41 16.38
N GLU D 6 1.19 -22.39 15.79
CA GLU D 6 0.47 -21.38 16.59
C GLU D 6 -0.83 -21.98 17.10
N SER D 7 -1.37 -21.38 18.15
CA SER D 7 -2.68 -21.74 18.68
C SER D 7 -3.20 -20.59 19.52
N GLY D 8 -4.50 -20.35 19.42
CA GLY D 8 -5.15 -19.25 20.13
C GLY D 8 -6.28 -18.66 19.32
N PRO D 9 -6.89 -17.57 19.82
CA PRO D 9 -8.16 -17.13 19.28
C PRO D 9 -8.02 -16.52 17.90
N GLY D 10 -9.01 -16.78 17.04
CA GLY D 10 -9.20 -16.01 15.83
C GLY D 10 -9.73 -14.62 16.16
N LEU D 11 -10.48 -14.50 17.26
CA LEU D 11 -11.19 -13.28 17.60
C LEU D 11 -10.88 -12.79 19.01
N VAL D 12 -10.50 -11.52 19.13
CA VAL D 12 -10.47 -10.83 20.44
C VAL D 12 -11.12 -9.46 20.34
N LYS D 13 -11.82 -9.08 21.42
CA LYS D 13 -12.59 -7.84 21.48
C LYS D 13 -11.65 -6.65 21.73
N PRO D 14 -12.01 -5.44 21.23
CA PRO D 14 -11.08 -4.30 21.33
C PRO D 14 -10.92 -3.78 22.77
N SER D 15 -9.76 -3.19 23.06
CA SER D 15 -9.28 -2.88 24.42
C SER D 15 -8.81 -4.11 25.22
N GLU D 16 -9.32 -5.31 24.90
CA GLU D 16 -8.91 -6.55 25.59
C GLU D 16 -7.49 -6.98 25.15
N THR D 17 -7.01 -8.08 25.73
CA THR D 17 -5.63 -8.54 25.53
C THR D 17 -5.59 -9.82 24.70
N LEU D 18 -4.80 -9.81 23.64
CA LEU D 18 -4.58 -10.98 22.79
C LEU D 18 -3.61 -11.94 23.47
N SER D 19 -3.91 -13.24 23.44
CA SER D 19 -2.98 -14.26 23.92
C SER D 19 -2.79 -15.38 22.87
N LEU D 20 -1.54 -15.60 22.48
CA LEU D 20 -1.17 -16.67 21.56
C LEU D 20 -0.07 -17.51 22.17
N THR D 21 -0.08 -18.80 21.87
CA THR D 21 0.97 -19.74 22.25
C THR D 21 1.49 -20.49 21.01
N CYS D 22 2.79 -20.73 20.96
CA CYS D 22 3.42 -21.51 19.89
C CYS D 22 3.95 -22.80 20.50
N THR D 23 3.68 -23.94 19.87
CA THR D 23 4.16 -25.25 20.34
C THR D 23 5.23 -25.81 19.40
N ILE D 24 6.39 -26.17 19.96
CA ILE D 24 7.48 -26.77 19.19
C ILE D 24 7.38 -28.30 19.30
N SER D 25 7.64 -28.99 18.19
CA SER D 25 7.77 -30.46 18.20
C SER D 25 8.82 -30.93 17.18
N GLY D 26 9.68 -31.86 17.60
CA GLY D 26 10.82 -32.33 16.81
C GLY D 26 12.17 -31.88 17.34
N ASP D 27 12.16 -30.94 18.27
CA ASP D 27 13.39 -30.50 18.94
C ASP D 27 13.00 -29.82 20.26
N SER D 28 13.93 -29.77 21.20
CA SER D 28 13.70 -29.07 22.46
C SER D 28 13.74 -27.57 22.23
N ILE D 29 12.85 -26.86 22.93
CA ILE D 29 12.89 -25.39 22.99
C ILE D 29 14.06 -24.91 23.87
N SER D 30 14.51 -25.76 24.79
CA SER D 30 15.66 -25.49 25.65
C SER D 30 16.97 -25.71 24.88
N SER D 31 17.29 -24.75 24.04
CA SER D 31 18.46 -24.79 23.19
C SER D 31 19.07 -23.39 23.16
N ASN D 32 20.34 -23.29 23.55
CA ASN D 32 21.03 -21.99 23.69
C ASN D 32 21.49 -21.37 22.36
N ASN D 33 21.34 -22.12 21.26
CA ASN D 33 21.64 -21.59 19.92
C ASN D 33 20.53 -20.75 19.26
N TYR D 34 19.37 -20.61 19.92
CA TYR D 34 18.22 -19.94 19.31
C TYR D 34 17.45 -19.04 20.26
N TYR D 35 16.75 -18.08 19.65
CA TYR D 35 15.70 -17.34 20.31
C TYR D 35 14.36 -17.71 19.67
N TRP D 36 13.27 -17.32 20.33
CA TRP D 36 11.92 -17.70 19.93
C TRP D 36 11.11 -16.43 19.75
N GLY D 37 10.61 -16.23 18.54
CA GLY D 37 10.09 -14.92 18.11
C GLY D 37 8.63 -14.89 17.72
N TRP D 38 8.05 -13.70 17.85
CA TRP D 38 6.71 -13.41 17.35
C TRP D 38 6.85 -12.28 16.33
N ILE D 39 6.33 -12.51 15.12
CA ILE D 39 6.29 -11.51 14.06
C ILE D 39 4.82 -11.41 13.62
N ARG D 40 4.40 -10.20 13.24
CA ARG D 40 3.04 -10.03 12.77
C ARG D 40 2.99 -9.29 11.44
N GLN D 41 1.83 -9.41 10.80
CA GLN D 41 1.58 -8.87 9.47
C GLN D 41 0.11 -8.52 9.35
N PRO D 42 -0.23 -7.22 9.42
CA PRO D 42 -1.58 -6.78 9.06
C PRO D 42 -1.86 -7.01 7.57
N PRO D 43 -3.13 -7.29 7.19
CA PRO D 43 -3.52 -7.51 5.79
C PRO D 43 -2.94 -6.47 4.80
N GLY D 44 -2.23 -6.95 3.78
CA GLY D 44 -1.65 -6.11 2.74
C GLY D 44 -0.49 -5.21 3.15
N LYS D 45 0.17 -5.55 4.27
CA LYS D 45 1.29 -4.74 4.81
C LYS D 45 2.51 -5.61 5.20
N GLY D 46 3.56 -4.94 5.65
CA GLY D 46 4.83 -5.58 5.96
C GLY D 46 4.91 -6.38 7.26
N LEU D 47 5.98 -7.15 7.37
CA LEU D 47 6.27 -7.94 8.56
C LEU D 47 6.78 -7.02 9.66
N GLU D 48 6.34 -7.26 10.89
CA GLU D 48 6.79 -6.48 12.04
C GLU D 48 7.19 -7.43 13.16
N TRP D 49 8.42 -7.28 13.64
CA TRP D 49 8.93 -8.08 14.75
C TRP D 49 8.33 -7.58 16.06
N ILE D 50 7.64 -8.44 16.78
CA ILE D 50 7.03 -8.08 18.08
C ILE D 50 8.07 -8.20 19.20
N GLY D 51 8.67 -9.37 19.30
CA GLY D 51 9.70 -9.60 20.30
C GLY D 51 10.23 -11.01 20.26
N SER D 52 11.31 -11.25 20.99
CA SER D 52 11.92 -12.58 21.08
C SER D 52 12.28 -12.93 22.50
N ILE D 53 12.30 -14.22 22.78
CA ILE D 53 12.63 -14.73 24.10
C ILE D 53 13.65 -15.88 24.03
N TYR D 54 14.49 -15.95 25.05
CA TYR D 54 15.50 -17.00 25.19
C TYR D 54 14.90 -18.05 26.11
N TYR D 55 15.34 -19.30 25.97
CA TYR D 55 14.81 -20.40 26.79
C TYR D 55 14.93 -20.12 28.32
N SER D 56 16.03 -19.48 28.72
CA SER D 56 16.32 -19.19 30.11
C SER D 56 15.41 -18.12 30.69
N GLY D 57 14.91 -17.23 29.82
CA GLY D 57 13.92 -16.22 30.21
C GLY D 57 14.15 -14.79 29.71
N SER D 58 15.35 -14.48 29.21
CA SER D 58 15.65 -13.14 28.68
C SER D 58 14.71 -12.78 27.52
N THR D 59 14.22 -11.54 27.54
CA THR D 59 13.30 -11.02 26.54
C THR D 59 13.88 -9.79 25.84
N TYR D 60 13.50 -9.62 24.58
CA TYR D 60 13.83 -8.43 23.80
C TYR D 60 12.59 -8.05 23.01
N TYR D 61 12.09 -6.83 23.20
CA TYR D 61 10.85 -6.37 22.56
C TYR D 61 11.11 -5.25 21.56
N ASN D 62 10.16 -5.07 20.65
CA ASN D 62 10.11 -3.90 19.79
C ASN D 62 9.73 -2.70 20.66
N PRO D 63 10.50 -1.57 20.60
CA PRO D 63 10.13 -0.38 21.40
C PRO D 63 8.86 0.37 20.94
N SER D 64 8.36 0.09 19.73
CA SER D 64 7.03 0.57 19.30
C SER D 64 5.90 -0.13 20.08
N LEU D 65 6.15 -1.36 20.51
CA LEU D 65 5.14 -2.22 21.12
C LEU D 65 5.44 -2.62 22.57
N LYS D 66 6.58 -2.21 23.13
CA LYS D 66 7.04 -2.73 24.44
C LYS D 66 6.05 -2.50 25.58
N SER D 67 5.37 -1.35 25.58
CA SER D 67 4.32 -1.03 26.56
C SER D 67 3.27 -2.13 26.72
N ARG D 68 2.98 -2.83 25.63
CA ARG D 68 1.83 -3.73 25.51
C ARG D 68 2.16 -5.22 25.46
N VAL D 69 3.42 -5.57 25.21
CA VAL D 69 3.81 -6.95 24.88
C VAL D 69 4.41 -7.68 26.08
N THR D 70 3.98 -8.93 26.28
CA THR D 70 4.57 -9.86 27.26
C THR D 70 4.75 -11.23 26.62
N ILE D 71 6.01 -11.56 26.28
CA ILE D 71 6.37 -12.87 25.77
C ILE D 71 6.94 -13.65 26.94
N SER D 72 6.59 -14.93 27.02
CA SER D 72 7.05 -15.81 28.09
C SER D 72 7.30 -17.22 27.56
N VAL D 73 8.09 -18.00 28.29
CA VAL D 73 8.46 -19.37 27.89
C VAL D 73 7.97 -20.35 28.92
N ASP D 74 7.45 -21.47 28.43
CA ASP D 74 7.11 -22.61 29.28
C ASP D 74 7.99 -23.75 28.78
N THR D 75 9.18 -23.85 29.37
CA THR D 75 10.21 -24.78 28.90
C THR D 75 9.84 -26.26 29.09
N SER D 76 8.96 -26.54 30.04
CA SER D 76 8.54 -27.90 30.36
C SER D 76 7.66 -28.58 29.30
N LYS D 77 6.86 -27.80 28.55
CA LYS D 77 5.98 -28.34 27.52
C LYS D 77 6.25 -27.80 26.10
N ASN D 78 7.50 -27.38 25.86
CA ASN D 78 7.95 -26.89 24.55
C ASN D 78 7.04 -25.80 23.97
N GLN D 79 6.81 -24.76 24.78
CA GLN D 79 5.95 -23.64 24.38
C GLN D 79 6.58 -22.30 24.69
N PHE D 80 6.20 -21.31 23.89
CA PHE D 80 6.37 -19.91 24.26
C PHE D 80 5.13 -19.15 23.80
N SER D 81 4.86 -18.02 24.45
CA SER D 81 3.56 -17.34 24.33
C SER D 81 3.72 -15.85 24.17
N LEU D 82 2.67 -15.22 23.62
CA LEU D 82 2.61 -13.78 23.43
C LEU D 82 1.39 -13.24 24.16
N LYS D 83 1.50 -12.02 24.67
CA LYS D 83 0.35 -11.29 25.17
C LYS D 83 0.46 -9.83 24.72
N LEU D 84 -0.57 -9.36 24.02
CA LEU D 84 -0.63 -7.99 23.48
C LEU D 84 -1.86 -7.32 24.06
N SER D 85 -1.64 -6.31 24.90
CA SER D 85 -2.72 -5.64 25.64
C SER D 85 -3.24 -4.42 24.91
N SER D 86 -4.37 -3.89 25.38
CA SER D 86 -4.92 -2.62 24.89
C SER D 86 -5.07 -2.61 23.36
N VAL D 87 -5.83 -3.58 22.86
CA VAL D 87 -5.90 -3.91 21.42
C VAL D 87 -6.79 -2.93 20.61
N THR D 88 -6.35 -2.61 19.39
CA THR D 88 -7.05 -1.74 18.44
C THR D 88 -7.08 -2.41 17.06
N ALA D 89 -7.94 -1.90 16.18
CA ALA D 89 -7.95 -2.28 14.76
C ALA D 89 -6.58 -2.26 14.06
N ALA D 90 -5.63 -1.48 14.58
CA ALA D 90 -4.23 -1.54 14.11
C ALA D 90 -3.55 -2.90 14.34
N ASP D 91 -4.04 -3.67 15.32
CA ASP D 91 -3.44 -4.96 15.71
C ASP D 91 -4.09 -6.18 15.05
N THR D 92 -5.13 -5.97 14.22
CA THR D 92 -5.65 -7.03 13.35
C THR D 92 -4.54 -7.45 12.39
N ALA D 93 -4.15 -8.72 12.47
CA ALA D 93 -2.99 -9.21 11.72
C ALA D 93 -2.88 -10.72 11.80
N VAL D 94 -2.03 -11.26 10.92
CA VAL D 94 -1.56 -12.63 10.99
C VAL D 94 -0.35 -12.62 11.93
N TYR D 95 -0.39 -13.49 12.94
CA TYR D 95 0.68 -13.60 13.93
C TYR D 95 1.47 -14.86 13.70
N TYR D 96 2.78 -14.70 13.50
CA TYR D 96 3.70 -15.81 13.22
C TYR D 96 4.65 -16.01 14.38
N CYS D 97 4.81 -17.27 14.80
CA CYS D 97 5.96 -17.64 15.61
C CYS D 97 7.09 -18.12 14.70
N ALA D 98 8.33 -17.92 15.17
CA ALA D 98 9.51 -18.35 14.43
C ALA D 98 10.69 -18.62 15.35
N ARG D 99 11.54 -19.56 14.95
CA ARG D 99 12.81 -19.79 15.61
C ARG D 99 13.86 -18.99 14.88
N HIS D 100 14.61 -18.16 15.60
CA HIS D 100 15.78 -17.53 14.97
C HIS D 100 17.07 -17.71 15.72
N ARG D 101 18.14 -17.60 14.94
CA ARG D 101 19.47 -17.95 15.35
C ARG D 101 20.03 -16.91 16.32
N ARG D 102 20.63 -17.41 17.39
CA ARG D 102 21.60 -16.65 18.17
C ARG D 102 22.90 -16.64 17.41
N VAL D 103 23.43 -15.45 17.16
CA VAL D 103 24.79 -15.28 16.63
C VAL D 103 25.56 -14.48 17.67
N LEU D 104 26.27 -15.21 18.54
CA LEU D 104 27.14 -14.62 19.54
C LEU D 104 26.38 -13.73 20.55
N LEU D 105 26.45 -12.41 20.40
CA LEU D 105 25.76 -11.48 21.28
C LEU D 105 24.57 -10.77 20.61
N TRP D 106 24.10 -11.31 19.47
CA TRP D 106 23.00 -10.69 18.71
C TRP D 106 22.16 -11.78 18.00
N PHE D 107 21.24 -11.35 17.13
CA PHE D 107 20.32 -12.28 16.46
C PHE D 107 20.67 -12.40 14.98
N GLY D 108 20.45 -13.58 14.43
CA GLY D 108 20.57 -13.85 12.99
C GLY D 108 19.21 -14.00 12.36
N GLU D 109 19.08 -15.01 11.50
CA GLU D 109 17.92 -15.18 10.61
C GLU D 109 16.79 -15.93 11.28
N PHE D 110 15.55 -15.69 10.83
CA PHE D 110 14.37 -16.50 11.23
C PHE D 110 14.25 -17.74 10.34
N GLN D 111 14.84 -18.84 10.79
CA GLN D 111 15.03 -20.05 9.96
C GLN D 111 13.75 -20.80 9.68
N LEU D 112 12.94 -21.00 10.71
CA LEU D 112 11.72 -21.78 10.59
C LEU D 112 10.54 -20.99 11.13
N TRP D 113 9.45 -21.05 10.37
CA TRP D 113 8.26 -20.27 10.63
C TRP D 113 7.08 -21.20 10.83
N GLY D 114 6.18 -20.84 11.74
CA GLY D 114 4.86 -21.44 11.78
C GLY D 114 3.96 -20.95 10.64
N GLN D 115 2.77 -21.55 10.54
CA GLN D 115 1.84 -21.29 9.43
C GLN D 115 1.25 -19.86 9.46
N GLY D 116 1.22 -19.27 10.66
CA GLY D 116 0.56 -18.00 10.93
C GLY D 116 -0.81 -18.25 11.51
N THR D 117 -1.27 -17.35 12.38
CA THR D 117 -2.68 -17.36 12.82
C THR D 117 -3.27 -15.95 12.71
N LEU D 118 -4.37 -15.83 11.96
CA LEU D 118 -5.05 -14.54 11.78
C LEU D 118 -5.81 -14.19 13.05
N VAL D 119 -5.55 -13.00 13.57
CA VAL D 119 -6.25 -12.49 14.74
C VAL D 119 -7.03 -11.27 14.32
N THR D 120 -8.34 -11.32 14.50
CA THR D 120 -9.23 -10.27 14.07
C THR D 120 -9.75 -9.53 15.32
N VAL D 121 -9.56 -8.22 15.31
CA VAL D 121 -10.09 -7.35 16.35
C VAL D 121 -11.46 -6.83 15.90
N SER D 122 -12.52 -7.23 16.61
CA SER D 122 -13.86 -6.71 16.34
C SER D 122 -14.78 -6.82 17.55
N SER D 123 -15.85 -6.02 17.54
CA SER D 123 -16.89 -6.07 18.56
C SER D 123 -17.84 -7.25 18.34
N ALA D 124 -17.93 -7.71 17.10
CA ALA D 124 -18.90 -8.72 16.69
C ALA D 124 -18.62 -10.09 17.30
N SER D 125 -19.67 -10.90 17.38
CA SER D 125 -19.57 -12.26 17.89
C SER D 125 -19.04 -13.22 16.83
N THR D 126 -18.75 -14.45 17.25
CA THR D 126 -18.17 -15.47 16.37
C THR D 126 -19.27 -16.32 15.78
N LYS D 127 -19.12 -16.69 14.51
CA LYS D 127 -20.12 -17.47 13.82
C LYS D 127 -19.49 -18.51 12.89
N GLY D 128 -19.66 -19.79 13.24
CA GLY D 128 -19.24 -20.90 12.40
C GLY D 128 -20.20 -21.08 11.22
N PRO D 129 -19.70 -21.69 10.12
CA PRO D 129 -20.46 -21.81 8.88
C PRO D 129 -21.45 -22.95 8.81
N SER D 130 -22.42 -22.80 7.91
CA SER D 130 -23.24 -23.88 7.40
C SER D 130 -22.53 -24.37 6.14
N VAL D 131 -22.42 -25.69 5.97
CA VAL D 131 -21.81 -26.26 4.77
C VAL D 131 -22.86 -27.09 4.04
N PHE D 132 -22.85 -26.99 2.71
CA PHE D 132 -23.77 -27.74 1.86
C PHE D 132 -22.97 -28.44 0.76
N PRO D 133 -23.39 -29.66 0.38
CA PRO D 133 -22.72 -30.35 -0.71
C PRO D 133 -23.17 -29.82 -2.05
N LEU D 134 -22.22 -29.60 -2.94
CA LEU D 134 -22.49 -29.18 -4.30
C LEU D 134 -22.29 -30.40 -5.18
N ALA D 135 -23.41 -31.04 -5.53
CA ALA D 135 -23.39 -32.31 -6.25
C ALA D 135 -22.95 -32.15 -7.71
N PRO D 136 -22.39 -33.23 -8.31
CA PRO D 136 -22.00 -33.19 -9.74
C PRO D 136 -23.12 -33.45 -10.78
N SER D 137 -24.20 -34.12 -10.37
CA SER D 137 -25.29 -34.56 -11.29
C SER D 137 -24.83 -35.64 -12.29
N THR D 145 -15.06 -36.66 -17.26
CA THR D 145 -14.96 -36.46 -15.82
C THR D 145 -15.64 -35.17 -15.37
N ALA D 146 -15.92 -35.07 -14.06
CA ALA D 146 -16.82 -34.05 -13.52
C ALA D 146 -16.42 -33.58 -12.12
N ALA D 147 -16.90 -32.38 -11.76
CA ALA D 147 -16.48 -31.68 -10.57
C ALA D 147 -17.59 -31.62 -9.53
N LEU D 148 -17.19 -31.69 -8.26
CA LEU D 148 -18.09 -31.55 -7.13
C LEU D 148 -17.42 -30.64 -6.10
N GLY D 149 -18.19 -30.17 -5.13
CA GLY D 149 -17.67 -29.19 -4.20
C GLY D 149 -18.47 -29.03 -2.92
N CYS D 150 -18.10 -28.00 -2.17
CA CYS D 150 -18.73 -27.65 -0.91
C CYS D 150 -18.88 -26.15 -0.81
N LEU D 151 -20.08 -25.72 -0.43
CA LEU D 151 -20.38 -24.32 -0.18
C LEU D 151 -20.26 -24.11 1.31
N VAL D 152 -19.40 -23.19 1.72
CA VAL D 152 -19.21 -22.87 3.14
C VAL D 152 -19.77 -21.49 3.37
N LYS D 153 -20.87 -21.43 4.10
CA LYS D 153 -21.75 -20.28 4.09
C LYS D 153 -21.82 -19.59 5.46
N ASP D 154 -21.65 -18.27 5.45
CA ASP D 154 -21.98 -17.40 6.60
C ASP D 154 -21.10 -17.68 7.81
N TYR D 155 -19.84 -17.24 7.74
CA TYR D 155 -18.92 -17.34 8.88
C TYR D 155 -18.21 -16.02 9.19
N PHE D 156 -17.72 -15.90 10.42
CA PHE D 156 -16.92 -14.76 10.86
C PHE D 156 -16.10 -15.14 12.10
N PRO D 157 -14.83 -14.74 12.17
CA PRO D 157 -14.08 -14.09 11.10
C PRO D 157 -13.44 -15.12 10.16
N GLU D 158 -12.57 -14.64 9.27
CA GLU D 158 -11.66 -15.51 8.51
C GLU D 158 -10.65 -16.17 9.49
N PRO D 159 -10.04 -17.31 9.15
CA PRO D 159 -10.22 -18.01 7.89
C PRO D 159 -10.98 -19.32 8.06
N VAL D 160 -11.27 -19.96 6.93
CA VAL D 160 -11.77 -21.33 6.88
C VAL D 160 -10.82 -22.10 5.98
N THR D 161 -10.47 -23.31 6.39
CA THR D 161 -9.74 -24.23 5.55
C THR D 161 -10.64 -25.37 5.15
N VAL D 162 -10.37 -25.93 3.98
CA VAL D 162 -11.10 -27.07 3.47
C VAL D 162 -10.08 -28.04 2.89
N SER D 163 -10.23 -29.32 3.25
CA SER D 163 -9.48 -30.40 2.64
C SER D 163 -10.48 -31.45 2.18
N TRP D 164 -10.02 -32.39 1.36
CA TRP D 164 -10.88 -33.43 0.81
C TRP D 164 -10.34 -34.82 1.13
N ASN D 165 -11.21 -35.69 1.61
CA ASN D 165 -10.87 -37.05 2.02
C ASN D 165 -9.71 -37.05 3.03
N SER D 166 -9.87 -36.22 4.06
CA SER D 166 -8.91 -36.06 5.15
C SER D 166 -7.51 -35.66 4.66
N GLY D 167 -7.48 -34.81 3.63
CA GLY D 167 -6.23 -34.36 3.01
C GLY D 167 -5.61 -35.29 1.96
N ALA D 168 -6.17 -36.48 1.79
CA ALA D 168 -5.66 -37.49 0.84
C ALA D 168 -5.91 -37.13 -0.62
N LEU D 169 -6.98 -36.38 -0.87
CA LEU D 169 -7.29 -35.87 -2.20
C LEU D 169 -6.66 -34.48 -2.34
N THR D 170 -5.65 -34.37 -3.19
CA THR D 170 -5.00 -33.09 -3.51
C THR D 170 -4.93 -32.75 -5.01
N SER D 171 -5.31 -33.70 -5.88
CA SER D 171 -5.29 -33.48 -7.32
C SER D 171 -6.58 -32.78 -7.68
N GLY D 172 -6.46 -31.61 -8.29
CA GLY D 172 -7.63 -30.84 -8.72
C GLY D 172 -8.41 -30.16 -7.60
N VAL D 173 -7.86 -30.10 -6.39
CA VAL D 173 -8.48 -29.38 -5.30
C VAL D 173 -8.21 -27.89 -5.52
N HIS D 174 -9.28 -27.10 -5.46
CA HIS D 174 -9.17 -25.65 -5.56
C HIS D 174 -10.20 -25.05 -4.62
N THR D 175 -9.73 -24.46 -3.52
CA THR D 175 -10.57 -23.75 -2.55
C THR D 175 -10.44 -22.26 -2.82
N PHE D 176 -11.57 -21.57 -2.91
CA PHE D 176 -11.61 -20.20 -3.44
C PHE D 176 -11.51 -19.14 -2.34
N PRO D 177 -10.89 -17.98 -2.66
CA PRO D 177 -10.96 -16.82 -1.77
C PRO D 177 -12.42 -16.50 -1.43
N ALA D 178 -12.66 -16.12 -0.18
CA ALA D 178 -14.00 -15.86 0.29
C ALA D 178 -14.57 -14.57 -0.24
N VAL D 179 -15.90 -14.52 -0.29
CA VAL D 179 -16.62 -13.26 -0.48
C VAL D 179 -16.99 -12.69 0.90
N LEU D 180 -16.81 -11.38 1.08
CA LEU D 180 -17.37 -10.65 2.22
C LEU D 180 -18.74 -10.11 1.84
N GLN D 181 -19.81 -10.66 2.43
CA GLN D 181 -21.18 -10.24 2.14
C GLN D 181 -21.48 -8.90 2.81
N SER D 182 -22.53 -8.22 2.37
CA SER D 182 -22.94 -6.94 2.98
C SER D 182 -23.41 -7.08 4.43
N SER D 183 -23.83 -8.28 4.83
CA SER D 183 -24.14 -8.62 6.22
C SER D 183 -22.93 -8.62 7.18
N GLY D 184 -21.72 -8.75 6.65
CA GLY D 184 -20.49 -8.78 7.45
C GLY D 184 -19.89 -10.17 7.59
N LEU D 185 -20.60 -11.18 7.07
CA LEU D 185 -20.19 -12.57 7.14
C LEU D 185 -19.52 -12.95 5.84
N TYR D 186 -18.72 -14.01 5.88
CA TYR D 186 -18.03 -14.53 4.71
C TYR D 186 -18.67 -15.82 4.24
N SER D 187 -18.43 -16.14 2.98
CA SER D 187 -18.75 -17.45 2.43
C SER D 187 -17.65 -17.80 1.45
N LEU D 188 -17.38 -19.09 1.30
CA LEU D 188 -16.46 -19.55 0.26
C LEU D 188 -16.91 -20.88 -0.28
N SER D 189 -16.24 -21.33 -1.34
CA SER D 189 -16.51 -22.62 -1.94
C SER D 189 -15.20 -23.34 -2.20
N SER D 190 -15.26 -24.66 -2.13
CA SER D 190 -14.16 -25.50 -2.53
C SER D 190 -14.69 -26.46 -3.56
N VAL D 191 -13.80 -26.89 -4.46
CA VAL D 191 -14.19 -27.71 -5.57
C VAL D 191 -13.04 -28.67 -5.88
N VAL D 192 -13.39 -29.90 -6.25
CA VAL D 192 -12.41 -30.88 -6.66
C VAL D 192 -12.92 -31.62 -7.89
N THR D 193 -12.02 -31.81 -8.85
CA THR D 193 -12.33 -32.56 -10.07
C THR D 193 -11.95 -34.01 -9.83
N VAL D 194 -12.83 -34.92 -10.23
CA VAL D 194 -12.59 -36.36 -10.05
C VAL D 194 -13.07 -37.13 -11.27
N PRO D 195 -12.56 -38.36 -11.48
CA PRO D 195 -13.06 -39.21 -12.57
C PRO D 195 -14.57 -39.52 -12.45
N SER D 196 -15.28 -39.45 -13.58
CA SER D 196 -16.72 -39.69 -13.63
C SER D 196 -17.10 -41.12 -13.19
N SER D 197 -16.26 -42.08 -13.56
CA SER D 197 -16.43 -43.49 -13.18
C SER D 197 -16.34 -43.74 -11.65
N SER D 198 -15.68 -42.83 -10.94
CA SER D 198 -15.44 -42.94 -9.50
C SER D 198 -16.67 -42.66 -8.63
N LEU D 199 -17.63 -41.88 -9.16
CA LEU D 199 -18.73 -41.30 -8.34
C LEU D 199 -19.56 -42.29 -7.53
N GLY D 200 -19.96 -43.40 -8.15
CA GLY D 200 -20.76 -44.42 -7.47
C GLY D 200 -20.03 -45.15 -6.35
N THR D 201 -18.73 -45.34 -6.52
CA THR D 201 -17.91 -46.19 -5.64
C THR D 201 -17.08 -45.42 -4.60
N GLN D 202 -16.34 -44.41 -5.06
CA GLN D 202 -15.42 -43.66 -4.18
C GLN D 202 -16.17 -42.58 -3.42
N THR D 203 -16.08 -42.63 -2.09
CA THR D 203 -16.71 -41.63 -1.23
C THR D 203 -15.87 -40.35 -1.27
N TYR D 204 -16.56 -39.21 -1.33
CA TYR D 204 -15.91 -37.91 -1.33
C TYR D 204 -16.48 -37.07 -0.20
N ILE D 205 -15.59 -36.57 0.67
CA ILE D 205 -15.99 -35.79 1.84
C ILE D 205 -15.12 -34.54 1.95
N CYS D 206 -15.74 -33.39 2.15
CA CYS D 206 -15.01 -32.15 2.39
C CYS D 206 -14.93 -31.91 3.89
N ASN D 207 -13.72 -31.64 4.36
CA ASN D 207 -13.46 -31.47 5.77
C ASN D 207 -13.34 -29.98 5.99
N VAL D 208 -14.39 -29.37 6.53
CA VAL D 208 -14.40 -27.93 6.79
C VAL D 208 -13.94 -27.67 8.23
N ASN D 209 -13.03 -26.71 8.39
CA ASN D 209 -12.53 -26.30 9.72
C ASN D 209 -12.63 -24.77 9.79
N HIS D 210 -13.42 -24.28 10.74
CA HIS D 210 -13.44 -22.87 11.11
C HIS D 210 -12.94 -22.81 12.56
N LYS D 211 -11.63 -22.66 12.70
CA LYS D 211 -10.93 -22.70 14.01
C LYS D 211 -11.43 -21.66 15.02
N PRO D 212 -11.74 -20.43 14.58
CA PRO D 212 -12.19 -19.43 15.56
C PRO D 212 -13.49 -19.76 16.31
N SER D 213 -14.38 -20.56 15.70
CA SER D 213 -15.61 -21.07 16.37
C SER D 213 -15.53 -22.56 16.73
N ASN D 214 -14.35 -23.17 16.55
CA ASN D 214 -14.13 -24.59 16.79
C ASN D 214 -15.16 -25.48 16.07
N THR D 215 -15.50 -25.10 14.84
CA THR D 215 -16.49 -25.80 14.04
C THR D 215 -15.79 -26.74 13.05
N LYS D 216 -16.01 -28.05 13.23
CA LYS D 216 -15.59 -29.06 12.27
C LYS D 216 -16.82 -29.68 11.64
N VAL D 217 -16.86 -29.70 10.32
CA VAL D 217 -17.91 -30.37 9.58
C VAL D 217 -17.24 -31.23 8.51
N ASP D 218 -17.64 -32.50 8.47
CA ASP D 218 -17.25 -33.42 7.41
C ASP D 218 -18.52 -33.73 6.65
N LYS D 219 -18.64 -33.18 5.44
CA LYS D 219 -19.86 -33.30 4.64
C LYS D 219 -19.60 -34.19 3.43
N LYS D 220 -20.35 -35.29 3.35
CA LYS D 220 -20.28 -36.19 2.21
C LYS D 220 -20.98 -35.57 1.00
N VAL D 221 -20.36 -35.66 -0.17
CA VAL D 221 -20.91 -35.13 -1.42
C VAL D 221 -21.21 -36.29 -2.38
N GLU D 222 -22.48 -36.48 -2.73
CA GLU D 222 -22.90 -37.52 -3.67
C GLU D 222 -24.00 -37.03 -4.62
N SER E 2 17.89 3.56 12.18
CA SER E 2 17.19 2.41 12.85
C SER E 2 15.96 1.92 12.06
N ALA E 3 16.09 1.87 10.74
CA ALA E 3 15.03 1.40 9.86
C ALA E 3 15.68 0.82 8.61
N LEU E 4 15.04 -0.20 8.06
CA LEU E 4 15.45 -0.75 6.76
C LEU E 4 14.41 -0.31 5.75
N THR E 5 14.84 0.10 4.57
CA THR E 5 13.92 0.60 3.54
C THR E 5 14.18 -0.09 2.20
N GLN E 6 13.11 -0.57 1.58
CA GLN E 6 13.16 -1.22 0.27
C GLN E 6 12.25 -0.48 -0.69
N PRO E 7 12.47 -0.65 -2.02
CA PRO E 7 11.48 -0.10 -2.95
C PRO E 7 10.13 -0.80 -2.78
N PRO E 8 9.01 -0.05 -2.78
CA PRO E 8 7.70 -0.69 -2.60
C PRO E 8 7.39 -1.77 -3.63
N SER E 9 7.86 -1.57 -4.86
CA SER E 9 7.74 -2.60 -5.89
C SER E 9 8.83 -2.54 -6.96
N VAL E 10 9.03 -3.69 -7.61
CA VAL E 10 9.90 -3.83 -8.78
C VAL E 10 9.23 -4.77 -9.76
N SER E 11 9.65 -4.72 -11.02
CA SER E 11 9.08 -5.59 -12.05
C SER E 11 10.07 -5.92 -13.16
N GLY E 12 9.72 -6.93 -13.95
CA GLY E 12 10.54 -7.34 -15.07
C GLY E 12 9.86 -8.44 -15.85
N ALA E 13 10.29 -8.64 -17.09
CA ALA E 13 9.75 -9.71 -17.94
C ALA E 13 10.43 -11.02 -17.56
N PRO E 14 9.87 -12.17 -17.99
CA PRO E 14 10.55 -13.44 -17.72
C PRO E 14 11.93 -13.52 -18.37
N GLY E 15 12.89 -14.12 -17.67
CA GLY E 15 14.27 -14.23 -18.14
C GLY E 15 15.18 -13.07 -17.78
N GLN E 16 14.63 -11.95 -17.33
CA GLN E 16 15.43 -10.77 -16.99
C GLN E 16 15.99 -10.81 -15.58
N ARG E 17 16.99 -9.98 -15.34
CA ARG E 17 17.63 -9.84 -14.04
C ARG E 17 16.99 -8.65 -13.32
N VAL E 18 16.46 -8.90 -12.13
CA VAL E 18 15.88 -7.87 -11.26
C VAL E 18 16.71 -7.79 -9.99
N THR E 19 16.75 -6.59 -9.39
CA THR E 19 17.38 -6.39 -8.10
C THR E 19 16.51 -5.57 -7.14
N ILE E 20 16.62 -5.88 -5.85
CA ILE E 20 15.83 -5.26 -4.79
C ILE E 20 16.82 -4.72 -3.75
N SER E 21 16.88 -3.41 -3.61
CA SER E 21 17.78 -2.79 -2.65
C SER E 21 17.19 -2.85 -1.23
N CYS E 22 18.09 -2.74 -0.24
CA CYS E 22 17.74 -2.70 1.18
C CYS E 22 18.67 -1.69 1.85
N THR E 23 18.12 -0.52 2.21
CA THR E 23 18.92 0.58 2.74
C THR E 23 18.90 0.55 4.26
N GLY E 24 20.07 0.33 4.85
CA GLY E 24 20.24 0.35 6.29
C GLY E 24 21.06 1.55 6.75
N SER E 25 21.35 1.56 8.05
CA SER E 25 22.15 2.60 8.69
C SER E 25 23.25 1.94 9.52
N SER E 26 24.11 2.77 10.11
CA SER E 26 25.29 2.29 10.85
C SER E 26 24.98 1.50 12.13
N SER E 27 23.73 1.56 12.62
CA SER E 27 23.28 0.75 13.75
C SER E 27 22.81 -0.67 13.37
N ASN E 28 22.72 -0.97 12.07
CA ASN E 28 22.33 -2.31 11.60
C ASN E 28 23.29 -2.85 10.51
N ILE E 29 23.02 -2.57 9.23
CA ILE E 29 23.80 -3.17 8.15
C ILE E 29 25.26 -2.68 8.19
N GLY E 30 25.45 -1.39 8.48
CA GLY E 30 26.77 -0.77 8.56
C GLY E 30 27.66 -1.28 9.68
N ALA E 31 27.04 -1.73 10.78
CA ALA E 31 27.78 -2.31 11.92
C ALA E 31 28.23 -3.77 11.68
N GLY E 32 27.91 -4.34 10.52
CA GLY E 32 28.33 -5.70 10.18
C GLY E 32 27.38 -6.78 10.67
N TYR E 33 26.18 -6.38 11.11
CA TYR E 33 25.12 -7.35 11.38
C TYR E 33 24.65 -7.80 10.00
N ASP E 34 24.46 -9.10 9.85
CA ASP E 34 24.18 -9.68 8.54
C ASP E 34 22.78 -9.29 8.01
N VAL E 35 22.61 -9.36 6.69
CA VAL E 35 21.28 -9.27 6.08
C VAL E 35 20.79 -10.65 5.65
N HIS E 36 19.50 -10.89 5.88
CA HIS E 36 18.80 -12.11 5.47
C HIS E 36 17.55 -11.70 4.70
N TRP E 37 17.10 -12.56 3.77
CA TRP E 37 15.94 -12.26 2.94
C TRP E 37 14.87 -13.35 3.00
N TYR E 38 13.62 -12.93 2.83
CA TYR E 38 12.46 -13.84 2.85
C TYR E 38 11.62 -13.65 1.59
N GLN E 39 11.12 -14.77 1.07
CA GLN E 39 10.11 -14.78 0.04
C GLN E 39 8.76 -15.11 0.68
N GLN E 40 7.73 -14.35 0.30
CA GLN E 40 6.37 -14.65 0.73
C GLN E 40 5.43 -14.70 -0.46
N LEU E 41 4.99 -15.91 -0.80
CA LEU E 41 3.94 -16.13 -1.78
C LEU E 41 2.62 -15.76 -1.12
N PRO E 42 1.61 -15.35 -1.90
CA PRO E 42 0.35 -14.93 -1.27
C PRO E 42 -0.34 -16.04 -0.45
N GLY E 43 -0.85 -15.68 0.72
CA GLY E 43 -1.52 -16.64 1.61
C GLY E 43 -0.64 -17.58 2.43
N THR E 44 0.68 -17.54 2.22
CA THR E 44 1.64 -18.44 2.87
C THR E 44 2.56 -17.64 3.79
N ALA E 45 3.24 -18.37 4.67
CA ALA E 45 4.20 -17.76 5.58
C ALA E 45 5.44 -17.33 4.83
N PRO E 46 6.16 -16.32 5.33
CA PRO E 46 7.47 -16.06 4.77
C PRO E 46 8.38 -17.28 4.87
N LYS E 47 9.31 -17.39 3.93
CA LYS E 47 10.22 -18.51 3.85
C LYS E 47 11.60 -17.91 3.65
N LEU E 48 12.58 -18.44 4.38
CA LEU E 48 13.95 -17.96 4.31
C LEU E 48 14.52 -18.22 2.91
N LEU E 49 15.06 -17.17 2.31
CA LEU E 49 15.56 -17.21 0.94
C LEU E 49 17.08 -17.07 0.91
N ILE E 50 17.60 -16.08 1.65
CA ILE E 50 19.03 -15.82 1.79
C ILE E 50 19.31 -15.57 3.28
N TYR E 51 20.42 -16.11 3.79
CA TYR E 51 20.88 -15.80 5.14
C TYR E 51 22.39 -15.52 5.13
N GLY E 52 22.84 -14.71 6.08
CA GLY E 52 24.23 -14.31 6.19
C GLY E 52 24.72 -13.60 4.95
N ASN E 53 23.94 -12.64 4.46
CA ASN E 53 24.25 -11.86 3.24
C ASN E 53 24.18 -12.65 1.92
N ILE E 54 24.79 -13.84 1.86
CA ILE E 54 25.06 -14.56 0.60
C ILE E 54 24.60 -16.02 0.49
N ASN E 55 24.12 -16.63 1.58
CA ASN E 55 23.91 -18.08 1.61
C ASN E 55 22.49 -18.48 1.23
N ARG E 56 22.40 -19.41 0.29
CA ARG E 56 21.13 -20.01 -0.12
C ARG E 56 20.94 -21.27 0.71
N PRO E 57 19.84 -21.35 1.48
CA PRO E 57 19.53 -22.63 2.10
C PRO E 57 19.12 -23.67 1.05
N SER E 58 19.20 -24.95 1.43
CA SER E 58 18.81 -26.04 0.53
C SER E 58 17.40 -25.84 -0.03
N GLY E 59 17.26 -26.07 -1.33
CA GLY E 59 15.99 -25.92 -2.01
C GLY E 59 15.61 -24.53 -2.48
N VAL E 60 16.50 -23.54 -2.32
CA VAL E 60 16.33 -22.21 -2.90
C VAL E 60 17.11 -22.20 -4.22
N PRO E 61 16.44 -21.91 -5.37
CA PRO E 61 17.16 -21.97 -6.66
C PRO E 61 18.31 -20.98 -6.83
N ASP E 62 19.28 -21.35 -7.65
CA ASP E 62 20.55 -20.61 -7.84
C ASP E 62 20.35 -19.20 -8.36
N ARG E 63 19.26 -18.97 -9.11
CA ARG E 63 18.95 -17.64 -9.63
C ARG E 63 18.78 -16.54 -8.56
N PHE E 64 18.43 -16.91 -7.33
CA PHE E 64 18.37 -15.94 -6.21
C PHE E 64 19.77 -15.71 -5.64
N SER E 65 20.13 -14.45 -5.42
CA SER E 65 21.50 -14.09 -5.05
C SER E 65 21.55 -12.87 -4.14
N GLY E 66 22.37 -12.93 -3.10
CA GLY E 66 22.49 -11.85 -2.12
C GLY E 66 23.87 -11.21 -2.10
N SER E 67 23.91 -9.90 -1.86
CA SER E 67 25.17 -9.16 -1.70
C SER E 67 25.00 -8.05 -0.69
N LYS E 68 26.13 -7.57 -0.17
CA LYS E 68 26.15 -6.54 0.86
C LYS E 68 27.39 -5.67 0.73
N SER E 69 27.23 -4.38 1.00
CA SER E 69 28.32 -3.41 0.97
C SER E 69 27.95 -2.14 1.72
N GLY E 70 28.82 -1.71 2.63
CA GLY E 70 28.62 -0.49 3.40
C GLY E 70 27.41 -0.62 4.29
N THR E 71 26.41 0.23 4.05
CA THR E 71 25.17 0.27 4.83
C THR E 71 23.94 -0.27 4.07
N SER E 72 24.16 -0.91 2.91
CA SER E 72 23.07 -1.46 2.12
C SER E 72 23.35 -2.89 1.66
N ALA E 73 22.27 -3.58 1.27
CA ALA E 73 22.33 -4.93 0.72
C ALA E 73 21.36 -5.06 -0.46
N SER E 74 21.55 -6.10 -1.27
CA SER E 74 20.80 -6.25 -2.51
C SER E 74 20.49 -7.72 -2.80
N LEU E 75 19.21 -8.01 -3.09
CA LEU E 75 18.81 -9.32 -3.60
C LEU E 75 18.77 -9.22 -5.12
N ALA E 76 19.39 -10.19 -5.79
CA ALA E 76 19.36 -10.32 -7.24
C ALA E 76 18.62 -11.60 -7.61
N ILE E 77 17.75 -11.52 -8.61
CA ILE E 77 17.10 -12.70 -9.20
C ILE E 77 17.51 -12.72 -10.66
N THR E 78 18.35 -13.68 -11.05
CA THR E 78 18.92 -13.74 -12.40
C THR E 78 18.20 -14.80 -13.24
N GLY E 79 17.19 -14.37 -14.00
CA GLY E 79 16.38 -15.26 -14.83
C GLY E 79 15.02 -15.45 -14.21
N LEU E 80 14.24 -14.37 -14.18
CA LEU E 80 12.89 -14.37 -13.60
C LEU E 80 12.02 -15.50 -14.14
N GLN E 81 11.32 -16.16 -13.22
CA GLN E 81 10.29 -17.12 -13.56
C GLN E 81 8.96 -16.62 -12.99
N ALA E 82 7.86 -17.06 -13.58
CA ALA E 82 6.51 -16.68 -13.12
C ALA E 82 6.31 -16.93 -11.62
N GLU E 83 6.77 -18.09 -11.14
CA GLU E 83 6.73 -18.47 -9.70
C GLU E 83 7.44 -17.51 -8.71
N ASP E 84 8.30 -16.63 -9.20
CA ASP E 84 9.00 -15.65 -8.36
C ASP E 84 8.16 -14.43 -8.03
N GLU E 85 6.99 -14.32 -8.64
CA GLU E 85 6.03 -13.29 -8.31
C GLU E 85 5.64 -13.50 -6.85
N ALA E 86 6.05 -12.56 -6.01
CA ALA E 86 5.96 -12.70 -4.56
C ALA E 86 6.35 -11.37 -3.90
N ASP E 87 6.23 -11.33 -2.58
CA ASP E 87 6.77 -10.24 -1.78
C ASP E 87 8.16 -10.67 -1.21
N TYR E 88 9.09 -9.73 -1.14
CA TYR E 88 10.44 -10.00 -0.65
C TYR E 88 10.80 -9.01 0.45
N TYR E 89 11.36 -9.54 1.54
CA TYR E 89 11.67 -8.74 2.73
C TYR E 89 13.13 -8.94 3.13
N CYS E 90 13.86 -7.85 3.32
CA CYS E 90 15.15 -7.92 3.99
C CYS E 90 14.97 -7.84 5.50
N GLN E 91 16.03 -8.21 6.21
CA GLN E 91 15.98 -8.33 7.66
C GLN E 91 17.38 -8.31 8.25
N SER E 92 17.52 -7.68 9.41
CA SER E 92 18.81 -7.64 10.10
C SER E 92 18.60 -7.43 11.59
N TYR E 93 19.70 -7.17 12.29
CA TYR E 93 19.70 -6.81 13.70
C TYR E 93 20.06 -5.34 13.83
N ASP E 94 19.53 -4.68 14.86
CA ASP E 94 19.82 -3.28 15.12
C ASP E 94 20.22 -3.08 16.58
N SER E 95 21.34 -2.39 16.80
CA SER E 95 21.91 -2.21 18.15
C SER E 95 21.12 -1.24 19.05
N SER E 96 20.40 -0.28 18.46
CA SER E 96 19.54 0.63 19.23
C SER E 96 18.23 -0.03 19.68
N LEU E 97 17.65 -0.84 18.82
CA LEU E 97 16.50 -1.69 19.17
C LEU E 97 16.87 -2.85 20.08
N SER E 98 18.13 -3.29 20.03
CA SER E 98 18.58 -4.56 20.62
C SER E 98 17.65 -5.67 20.13
N GLY E 99 17.51 -5.76 18.82
CA GLY E 99 16.56 -6.71 18.26
C GLY E 99 16.46 -6.73 16.76
N ALA E 100 15.58 -7.59 16.26
CA ALA E 100 15.42 -7.81 14.83
C ALA E 100 14.67 -6.65 14.19
N LEU E 101 14.99 -6.41 12.92
CA LEU E 101 14.41 -5.33 12.14
C LEU E 101 14.10 -5.85 10.74
N PHE E 102 12.86 -5.64 10.26
CA PHE E 102 12.45 -5.98 8.89
C PHE E 102 12.31 -4.75 8.01
N GLY E 103 12.74 -4.85 6.76
CA GLY E 103 12.42 -3.87 5.74
C GLY E 103 10.92 -3.83 5.43
N GLY E 104 10.47 -2.73 4.83
CA GLY E 104 9.06 -2.51 4.53
C GLY E 104 8.44 -3.45 3.51
N GLY E 105 9.26 -4.13 2.72
CA GLY E 105 8.80 -5.16 1.80
C GLY E 105 8.65 -4.66 0.38
N THR E 106 8.91 -5.56 -0.57
CA THR E 106 8.93 -5.23 -1.99
C THR E 106 8.09 -6.22 -2.77
N GLN E 107 7.00 -5.74 -3.36
CA GLN E 107 6.19 -6.56 -4.24
C GLN E 107 6.87 -6.70 -5.62
N LEU E 108 7.19 -7.94 -6.00
CA LEU E 108 7.73 -8.23 -7.31
C LEU E 108 6.60 -8.65 -8.25
N THR E 109 6.51 -7.99 -9.40
CA THR E 109 5.57 -8.35 -10.46
C THR E 109 6.38 -8.87 -11.66
N VAL E 110 6.00 -10.05 -12.15
CA VAL E 110 6.53 -10.58 -13.41
C VAL E 110 5.58 -10.18 -14.55
N LEU E 111 6.06 -9.30 -15.42
CA LEU E 111 5.25 -8.69 -16.49
C LEU E 111 5.12 -9.59 -17.70
N GLY E 112 4.00 -9.44 -18.40
CA GLY E 112 3.80 -10.09 -19.70
C GLY E 112 3.77 -11.60 -19.65
N GLN E 113 3.14 -12.16 -18.62
CA GLN E 113 2.98 -13.60 -18.52
C GLN E 113 1.92 -14.03 -19.54
N PRO E 114 1.95 -15.29 -20.00
CA PRO E 114 0.98 -15.74 -21.00
C PRO E 114 -0.47 -15.52 -20.58
N LYS E 115 -1.32 -15.17 -21.54
CA LYS E 115 -2.77 -15.10 -21.30
C LYS E 115 -3.33 -16.51 -21.05
N ALA E 116 -4.25 -16.59 -20.11
CA ALA E 116 -5.02 -17.80 -19.86
C ALA E 116 -6.47 -17.37 -19.67
N ASN E 117 -7.38 -17.92 -20.46
CA ASN E 117 -8.81 -17.61 -20.33
C ASN E 117 -9.39 -18.48 -19.21
N PRO E 118 -10.50 -18.05 -18.59
CA PRO E 118 -10.96 -18.67 -17.36
C PRO E 118 -11.64 -20.02 -17.55
N THR E 119 -11.43 -20.92 -16.59
CA THR E 119 -12.22 -22.15 -16.42
C THR E 119 -13.39 -21.81 -15.51
N VAL E 120 -14.62 -22.10 -15.96
CA VAL E 120 -15.83 -21.69 -15.26
C VAL E 120 -16.66 -22.92 -14.95
N THR E 121 -17.08 -23.04 -13.69
CA THR E 121 -17.98 -24.10 -13.25
C THR E 121 -19.13 -23.42 -12.52
N LEU E 122 -20.35 -23.90 -12.77
CA LEU E 122 -21.54 -23.35 -12.13
C LEU E 122 -22.30 -24.47 -11.44
N PHE E 123 -22.67 -24.22 -10.18
CA PHE E 123 -23.43 -25.16 -9.38
C PHE E 123 -24.80 -24.57 -9.06
N PRO E 124 -25.86 -25.40 -9.08
CA PRO E 124 -27.16 -24.99 -8.59
C PRO E 124 -27.27 -25.08 -7.06
N PRO E 125 -28.33 -24.49 -6.48
CA PRO E 125 -28.54 -24.65 -5.03
C PRO E 125 -28.77 -26.12 -4.67
N SER E 126 -28.19 -26.54 -3.55
CA SER E 126 -28.31 -27.93 -3.08
C SER E 126 -29.72 -28.23 -2.59
N SER E 127 -30.08 -29.51 -2.60
CA SER E 127 -31.33 -29.99 -2.00
C SER E 127 -31.42 -29.57 -0.53
N GLU E 128 -30.29 -29.63 0.17
CA GLU E 128 -30.23 -29.38 1.60
C GLU E 128 -30.42 -27.91 1.94
N GLU E 129 -29.82 -27.02 1.15
CA GLU E 129 -30.04 -25.57 1.27
C GLU E 129 -31.51 -25.20 1.00
N LEU E 130 -32.10 -25.83 -0.02
CA LEU E 130 -33.51 -25.59 -0.36
C LEU E 130 -34.47 -25.98 0.77
N GLN E 131 -34.19 -27.09 1.45
CA GLN E 131 -34.98 -27.51 2.62
C GLN E 131 -34.83 -26.56 3.82
N ALA E 132 -33.72 -25.82 3.87
CA ALA E 132 -33.52 -24.74 4.86
C ALA E 132 -34.02 -23.37 4.38
N ASN E 133 -34.92 -23.35 3.39
CA ASN E 133 -35.59 -22.14 2.90
C ASN E 133 -34.63 -21.05 2.39
N LYS E 134 -33.57 -21.48 1.72
CA LYS E 134 -32.58 -20.58 1.11
C LYS E 134 -32.07 -21.17 -0.20
N ALA E 135 -31.43 -20.33 -1.02
CA ALA E 135 -30.98 -20.73 -2.35
C ALA E 135 -29.82 -19.87 -2.83
N THR E 136 -28.71 -20.53 -3.17
CA THR E 136 -27.49 -19.88 -3.62
C THR E 136 -26.97 -20.57 -4.86
N LEU E 137 -26.84 -19.82 -5.95
CA LEU E 137 -26.08 -20.26 -7.12
C LEU E 137 -24.62 -19.83 -6.98
N VAL E 138 -23.71 -20.69 -7.43
CA VAL E 138 -22.28 -20.52 -7.21
C VAL E 138 -21.55 -20.61 -8.53
N CYS E 139 -20.94 -19.49 -8.95
CA CYS E 139 -20.14 -19.42 -10.16
C CYS E 139 -18.66 -19.34 -9.82
N LEU E 140 -17.91 -20.36 -10.23
CA LEU E 140 -16.50 -20.50 -9.85
C LEU E 140 -15.61 -20.33 -11.07
N ILE E 141 -14.64 -19.41 -10.93
CA ILE E 141 -13.85 -18.89 -12.06
C ILE E 141 -12.37 -18.96 -11.68
N SER E 142 -11.59 -19.75 -12.42
CA SER E 142 -10.21 -20.02 -12.05
C SER E 142 -9.21 -20.08 -13.22
N ASP E 143 -7.93 -19.95 -12.87
CA ASP E 143 -6.78 -20.18 -13.75
C ASP E 143 -6.70 -19.19 -14.92
N PHE E 144 -6.99 -17.92 -14.66
CA PHE E 144 -6.99 -16.87 -15.70
C PHE E 144 -5.95 -15.78 -15.47
N TYR E 145 -5.44 -15.22 -16.57
CA TYR E 145 -4.44 -14.15 -16.54
C TYR E 145 -4.62 -13.27 -17.80
N PRO E 146 -4.67 -11.93 -17.66
CA PRO E 146 -4.56 -11.21 -16.38
C PRO E 146 -5.84 -11.27 -15.53
N GLY E 147 -5.78 -10.66 -14.35
CA GLY E 147 -6.82 -10.78 -13.33
C GLY E 147 -7.96 -9.78 -13.35
N ALA E 148 -8.36 -9.33 -14.54
CA ALA E 148 -9.57 -8.53 -14.71
C ALA E 148 -10.62 -9.44 -15.34
N VAL E 149 -11.83 -9.43 -14.78
CA VAL E 149 -12.93 -10.28 -15.26
C VAL E 149 -14.26 -9.63 -14.87
N THR E 150 -15.26 -9.71 -15.76
CA THR E 150 -16.63 -9.26 -15.48
C THR E 150 -17.55 -10.50 -15.48
N VAL E 151 -18.53 -10.51 -14.59
CA VAL E 151 -19.53 -11.59 -14.55
C VAL E 151 -20.95 -11.04 -14.50
N ALA E 152 -21.80 -11.57 -15.38
CA ALA E 152 -23.19 -11.16 -15.51
C ALA E 152 -24.10 -12.37 -15.34
N TRP E 153 -25.24 -12.16 -14.70
CA TRP E 153 -26.20 -13.24 -14.43
C TRP E 153 -27.46 -13.09 -15.26
N LYS E 154 -28.07 -14.22 -15.60
CA LYS E 154 -29.29 -14.25 -16.41
C LYS E 154 -30.30 -15.23 -15.83
N ALA E 155 -31.58 -14.90 -16.01
CA ALA E 155 -32.70 -15.79 -15.69
C ALA E 155 -33.64 -15.80 -16.89
N ASP E 156 -33.55 -16.84 -17.72
CA ASP E 156 -34.31 -16.96 -18.99
C ASP E 156 -34.00 -15.85 -20.00
N GLY E 157 -32.72 -15.73 -20.38
CA GLY E 157 -32.28 -14.73 -21.36
C GLY E 157 -32.55 -13.29 -20.96
N SER E 158 -32.56 -13.02 -19.66
CA SER E 158 -32.90 -11.72 -19.08
C SER E 158 -31.94 -11.40 -17.92
N PRO E 159 -31.33 -10.18 -17.90
CA PRO E 159 -30.35 -9.88 -16.83
C PRO E 159 -30.91 -9.87 -15.40
N VAL E 160 -30.05 -10.16 -14.43
CA VAL E 160 -30.41 -10.22 -13.00
C VAL E 160 -29.77 -9.07 -12.23
N LYS E 161 -30.62 -8.17 -11.73
CA LYS E 161 -30.19 -6.90 -11.15
C LYS E 161 -29.92 -6.98 -9.64
N ALA E 162 -30.19 -8.14 -9.03
CA ALA E 162 -30.22 -8.24 -7.55
C ALA E 162 -29.65 -9.56 -7.02
N GLY E 163 -29.18 -9.51 -5.78
CA GLY E 163 -28.65 -10.66 -5.09
C GLY E 163 -27.31 -11.19 -5.56
N VAL E 164 -26.56 -10.40 -6.32
CA VAL E 164 -25.23 -10.83 -6.79
C VAL E 164 -24.17 -10.29 -5.85
N GLU E 165 -23.25 -11.15 -5.46
CA GLU E 165 -22.03 -10.76 -4.73
C GLU E 165 -20.85 -11.48 -5.36
N THR E 166 -19.85 -10.70 -5.78
CA THR E 166 -18.76 -11.19 -6.62
C THR E 166 -17.42 -10.83 -5.96
N THR E 167 -16.48 -11.76 -5.96
CA THR E 167 -15.17 -11.49 -5.35
C THR E 167 -14.33 -10.62 -6.27
N LYS E 168 -13.39 -9.92 -5.64
CA LYS E 168 -12.35 -9.21 -6.34
C LYS E 168 -11.28 -10.27 -6.64
N PRO E 169 -10.89 -10.44 -7.92
CA PRO E 169 -9.93 -11.48 -8.27
C PRO E 169 -8.61 -11.37 -7.52
N SER E 170 -8.15 -12.51 -6.98
CA SER E 170 -6.88 -12.55 -6.26
C SER E 170 -6.03 -13.72 -6.74
N LYS E 171 -4.74 -13.63 -6.46
CA LYS E 171 -3.77 -14.58 -6.98
C LYS E 171 -3.74 -15.89 -6.17
N GLN E 172 -3.83 -17.02 -6.87
CA GLN E 172 -3.88 -18.35 -6.26
C GLN E 172 -2.45 -18.84 -5.90
N SER E 173 -2.37 -20.07 -5.39
CA SER E 173 -1.11 -20.82 -5.28
C SER E 173 -0.49 -21.11 -6.66
N ASN E 174 -1.34 -21.34 -7.67
CA ASN E 174 -0.84 -21.63 -9.04
C ASN E 174 -0.25 -20.41 -9.79
N ASN E 175 -0.30 -19.23 -9.16
CA ASN E 175 0.19 -17.96 -9.74
C ASN E 175 -0.67 -17.46 -10.92
N LYS E 176 -1.95 -17.84 -10.90
CA LYS E 176 -2.97 -17.24 -11.77
C LYS E 176 -4.14 -16.83 -10.87
N TYR E 177 -5.13 -16.18 -11.44
CA TYR E 177 -6.21 -15.55 -10.67
C TYR E 177 -7.43 -16.44 -10.48
N ALA E 178 -8.10 -16.26 -9.34
CA ALA E 178 -9.37 -16.95 -9.05
C ALA E 178 -10.43 -15.95 -8.61
N ALA E 179 -11.67 -16.19 -9.04
CA ALA E 179 -12.81 -15.41 -8.57
C ALA E 179 -14.03 -16.28 -8.39
N SER E 180 -15.01 -15.73 -7.70
CA SER E 180 -16.24 -16.43 -7.35
C SER E 180 -17.40 -15.46 -7.47
N SER E 181 -18.57 -15.96 -7.86
CA SER E 181 -19.79 -15.13 -7.86
C SER E 181 -20.98 -15.92 -7.32
N TYR E 182 -21.66 -15.34 -6.34
CA TYR E 182 -22.79 -15.96 -5.67
C TYR E 182 -24.07 -15.19 -5.99
N LEU E 183 -25.11 -15.89 -6.44
CA LEU E 183 -26.44 -15.31 -6.65
C LEU E 183 -27.41 -15.88 -5.61
N SER E 184 -27.90 -15.04 -4.71
CA SER E 184 -28.84 -15.45 -3.67
C SER E 184 -30.29 -15.31 -4.16
N LEU E 185 -31.08 -16.36 -3.96
CA LEU E 185 -32.49 -16.39 -4.36
C LEU E 185 -33.33 -16.95 -3.22
N THR E 186 -34.65 -16.74 -3.28
CA THR E 186 -35.58 -17.53 -2.47
C THR E 186 -35.82 -18.84 -3.21
N PRO E 187 -36.24 -19.91 -2.51
CA PRO E 187 -36.68 -21.12 -3.20
C PRO E 187 -37.84 -20.89 -4.19
N GLU E 188 -38.75 -19.96 -3.85
CA GLU E 188 -39.82 -19.57 -4.77
C GLU E 188 -39.25 -19.06 -6.10
N GLN E 189 -38.25 -18.19 -6.03
CA GLN E 189 -37.59 -17.62 -7.23
C GLN E 189 -36.79 -18.64 -8.05
N TRP E 190 -36.20 -19.63 -7.38
CA TRP E 190 -35.37 -20.64 -8.06
C TRP E 190 -36.21 -21.55 -8.95
N LYS E 191 -37.35 -22.04 -8.43
CA LYS E 191 -38.31 -22.85 -9.22
C LYS E 191 -39.19 -22.00 -10.15
N SER E 192 -38.84 -20.73 -10.33
CA SER E 192 -39.63 -19.76 -11.08
C SER E 192 -39.11 -19.54 -12.52
N HIS E 193 -37.98 -20.15 -12.88
CA HIS E 193 -37.39 -20.01 -14.22
C HIS E 193 -36.96 -21.36 -14.78
N ARG E 194 -36.93 -21.47 -16.11
CA ARG E 194 -36.51 -22.69 -16.80
C ARG E 194 -35.02 -22.93 -16.66
N SER E 195 -34.23 -21.85 -16.59
CA SER E 195 -32.78 -21.94 -16.41
C SER E 195 -32.14 -20.61 -15.99
N TYR E 196 -31.07 -20.70 -15.19
CA TYR E 196 -30.22 -19.56 -14.83
C TYR E 196 -28.86 -19.74 -15.51
N SER E 197 -28.16 -18.63 -15.75
CA SER E 197 -26.86 -18.64 -16.45
C SER E 197 -25.82 -17.74 -15.79
N CYS E 198 -24.56 -18.14 -15.91
CA CYS E 198 -23.41 -17.34 -15.46
C CYS E 198 -22.57 -17.00 -16.69
N GLN E 199 -22.45 -15.70 -16.98
CA GLN E 199 -21.62 -15.21 -18.10
C GLN E 199 -20.37 -14.53 -17.56
N VAL E 200 -19.22 -15.04 -17.95
CA VAL E 200 -17.92 -14.51 -17.52
C VAL E 200 -17.16 -13.97 -18.74
N THR E 201 -16.75 -12.71 -18.68
CA THR E 201 -16.00 -12.05 -19.76
C THR E 201 -14.55 -11.81 -19.35
N HIS E 202 -13.61 -12.27 -20.19
CA HIS E 202 -12.17 -12.09 -19.94
C HIS E 202 -11.46 -11.78 -21.25
N GLU E 203 -10.97 -10.55 -21.38
CA GLU E 203 -10.23 -10.07 -22.56
C GLU E 203 -11.04 -10.20 -23.86
N GLY E 204 -12.25 -9.66 -23.87
CA GLY E 204 -13.15 -9.75 -25.03
C GLY E 204 -14.03 -10.99 -25.05
N SER E 205 -13.41 -12.16 -24.89
CA SER E 205 -14.10 -13.46 -24.95
C SER E 205 -15.00 -13.71 -23.74
N THR E 206 -16.18 -14.29 -24.00
CA THR E 206 -17.14 -14.62 -22.95
C THR E 206 -17.39 -16.14 -22.90
N VAL E 207 -17.58 -16.64 -21.68
CA VAL E 207 -17.88 -18.04 -21.38
C VAL E 207 -19.19 -18.11 -20.61
N GLU E 208 -20.14 -18.90 -21.10
CA GLU E 208 -21.44 -19.10 -20.44
C GLU E 208 -21.56 -20.50 -19.85
N LYS E 209 -22.19 -20.59 -18.68
CA LYS E 209 -22.62 -21.86 -18.09
C LYS E 209 -24.02 -21.68 -17.55
N THR E 210 -24.83 -22.74 -17.68
CA THR E 210 -26.28 -22.71 -17.44
C THR E 210 -26.70 -23.88 -16.55
N VAL E 211 -27.64 -23.66 -15.64
CA VAL E 211 -28.21 -24.73 -14.78
C VAL E 211 -29.75 -24.66 -14.72
N ALA E 212 -30.38 -25.83 -14.62
CA ALA E 212 -31.84 -25.96 -14.69
C ALA E 212 -32.40 -26.68 -13.46
N PRO E 213 -33.50 -26.15 -12.85
CA PRO E 213 -34.20 -26.91 -11.80
C PRO E 213 -34.93 -28.13 -12.35
N PRO F 2 19.51 -29.56 20.48
CA PRO F 2 19.56 -29.51 21.93
C PRO F 2 20.59 -28.48 22.44
N GLN F 3 20.78 -28.43 23.77
CA GLN F 3 21.71 -27.48 24.38
C GLN F 3 23.15 -27.74 23.92
N GLN F 4 23.89 -26.67 23.66
CA GLN F 4 25.33 -26.74 23.40
C GLN F 4 26.13 -26.49 24.68
N LEU F 5 26.76 -27.54 25.22
CA LEU F 5 27.56 -27.46 26.44
C LEU F 5 29.06 -27.31 26.13
N SER F 6 29.80 -26.80 27.11
CA SER F 6 31.23 -26.57 27.00
C SER F 6 31.95 -27.42 28.03
N PRO F 7 33.19 -27.84 27.78
CA PRO F 7 33.99 -27.48 26.61
C PRO F 7 33.76 -28.40 25.40
N ILE F 8 34.40 -28.05 24.28
CA ILE F 8 34.26 -28.74 23.00
C ILE F 8 35.60 -28.93 22.31
N ASN F 9 35.59 -29.79 21.29
CA ASN F 9 36.66 -29.86 20.32
C ASN F 9 36.28 -28.89 19.20
N ILE F 10 37.08 -27.85 19.00
CA ILE F 10 36.87 -26.94 17.86
C ILE F 10 37.43 -27.60 16.62
N GLU F 11 36.61 -27.66 15.58
CA GLU F 11 36.97 -28.24 14.29
C GLU F 11 37.19 -27.09 13.34
N THR F 12 38.45 -26.83 13.01
CA THR F 12 38.79 -25.69 12.14
C THR F 12 38.21 -25.77 10.72
N LYS F 13 38.03 -26.99 10.20
CA LYS F 13 37.35 -27.16 8.90
C LYS F 13 35.89 -26.66 8.90
N LYS F 14 35.24 -26.73 10.06
CA LYS F 14 33.85 -26.26 10.21
C LYS F 14 33.71 -24.77 10.53
N ALA F 15 34.79 -24.14 10.97
CA ALA F 15 34.76 -22.76 11.42
C ALA F 15 34.44 -21.81 10.26
N ILE F 16 33.60 -20.82 10.52
CA ILE F 16 33.13 -19.88 9.49
C ILE F 16 33.50 -18.44 9.85
N SER F 17 33.51 -17.57 8.84
CA SER F 17 33.79 -16.15 9.05
C SER F 17 32.54 -15.40 9.52
N ASN F 18 32.77 -14.19 10.00
CA ASN F 18 31.71 -13.22 10.23
C ASN F 18 32.34 -11.83 10.20
N ALA F 19 31.63 -10.87 9.61
CA ALA F 19 32.15 -9.52 9.38
C ALA F 19 32.52 -8.75 10.65
N ARG F 20 31.92 -9.08 11.79
CA ARG F 20 32.11 -8.34 13.03
C ARG F 20 33.31 -8.79 13.88
N LEU F 21 34.01 -9.86 13.50
CA LEU F 21 35.08 -10.38 14.34
C LEU F 21 36.38 -9.59 14.18
N LYS F 22 36.32 -8.33 14.61
CA LYS F 22 37.46 -7.41 14.62
C LYS F 22 38.47 -7.86 15.68
N PRO F 23 39.69 -7.30 15.67
CA PRO F 23 40.63 -7.61 16.75
C PRO F 23 40.09 -7.16 18.11
N LEU F 24 40.32 -7.96 19.12
CA LEU F 24 39.77 -7.71 20.45
C LEU F 24 40.68 -6.74 21.21
N ASP F 25 40.09 -5.76 21.90
CA ASP F 25 40.84 -4.77 22.66
C ASP F 25 40.86 -5.10 24.15
N ILE F 26 41.99 -5.62 24.63
CA ILE F 26 42.13 -6.04 26.02
C ILE F 26 42.76 -4.92 26.85
N HIS F 27 42.16 -4.63 27.99
CA HIS F 27 42.65 -3.62 28.90
C HIS F 27 42.78 -4.23 30.30
N TYR F 28 43.81 -5.06 30.47
CA TYR F 28 44.15 -5.62 31.78
C TYR F 28 45.26 -4.86 32.52
N ASN F 29 45.68 -3.69 32.03
CA ASN F 29 46.62 -2.82 32.76
C ASN F 29 45.98 -2.19 33.99
N GLU F 30 44.65 -2.03 33.96
CA GLU F 30 43.90 -1.41 35.05
C GLU F 30 43.37 -2.43 36.09
N SER F 31 43.69 -3.72 35.90
CA SER F 31 43.24 -4.78 36.79
C SER F 31 44.29 -5.13 37.84
N LYS F 32 43.86 -5.20 39.09
CA LYS F 32 44.69 -5.65 40.20
C LYS F 32 44.03 -6.92 40.78
N PRO F 33 44.82 -7.99 41.05
CA PRO F 33 44.23 -9.16 41.71
C PRO F 33 43.95 -8.88 43.19
N THR F 34 42.91 -9.51 43.72
CA THR F 34 42.53 -9.34 45.13
C THR F 34 42.94 -10.59 45.91
N THR F 35 42.22 -11.68 45.70
CA THR F 35 42.47 -12.95 46.39
C THR F 35 42.80 -14.05 45.40
N ILE F 36 43.44 -15.10 45.91
CA ILE F 36 43.65 -16.35 45.18
C ILE F 36 43.10 -17.46 46.07
N GLN F 37 42.36 -18.39 45.48
CA GLN F 37 41.66 -19.43 46.22
C GLN F 37 42.04 -20.80 45.71
N ASN F 38 42.05 -21.77 46.62
CA ASN F 38 42.00 -23.19 46.28
C ASN F 38 40.57 -23.59 46.60
N THR F 39 39.78 -23.84 45.57
CA THR F 39 38.38 -24.20 45.74
C THR F 39 38.20 -25.67 46.20
N GLY F 40 39.23 -26.49 46.07
CA GLY F 40 39.12 -27.93 46.26
C GLY F 40 39.13 -28.66 44.93
N LYS F 41 38.82 -27.94 43.84
CA LYS F 41 38.93 -28.45 42.47
C LYS F 41 39.90 -27.68 41.57
N LEU F 42 40.10 -26.38 41.80
CA LEU F 42 40.96 -25.57 40.94
C LEU F 42 41.50 -24.31 41.62
N VAL F 43 42.40 -23.60 40.93
CA VAL F 43 42.93 -22.31 41.38
C VAL F 43 42.14 -21.18 40.72
N ARG F 44 41.68 -20.27 41.55
CA ARG F 44 40.82 -19.16 41.16
C ARG F 44 41.45 -17.87 41.67
N ILE F 45 41.56 -16.87 40.81
CA ILE F 45 42.06 -15.54 41.20
C ILE F 45 40.97 -14.51 40.90
N ASN F 46 40.61 -13.72 41.92
CA ASN F 46 39.61 -12.68 41.76
C ASN F 46 40.30 -11.35 41.46
N PHE F 47 39.67 -10.55 40.60
CA PHE F 47 40.21 -9.27 40.16
C PHE F 47 39.23 -8.14 40.42
N LYS F 48 39.78 -6.97 40.73
CA LYS F 48 39.05 -5.70 40.74
C LYS F 48 39.67 -4.88 39.61
N GLY F 49 38.84 -4.37 38.70
CA GLY F 49 39.33 -3.58 37.56
C GLY F 49 39.68 -4.43 36.35
N GLY F 50 39.81 -3.76 35.21
CA GLY F 50 40.07 -4.41 33.92
C GLY F 50 38.81 -4.76 33.15
N TYR F 51 38.92 -4.75 31.82
CA TYR F 51 37.82 -5.05 30.91
C TYR F 51 38.29 -5.45 29.51
N ILE F 52 37.34 -5.98 28.73
CA ILE F 52 37.52 -6.24 27.29
C ILE F 52 36.46 -5.51 26.49
N SER F 53 36.86 -4.97 25.34
CA SER F 53 35.96 -4.25 24.44
C SER F 53 36.40 -4.52 23.01
N GLY F 54 35.77 -3.83 22.06
CA GLY F 54 36.08 -4.02 20.64
C GLY F 54 35.65 -5.40 20.21
N GLY F 55 36.43 -6.00 19.30
CA GLY F 55 36.06 -7.27 18.69
C GLY F 55 34.64 -7.17 18.14
N PHE F 56 33.78 -8.05 18.63
CA PHE F 56 32.37 -8.15 18.22
C PHE F 56 31.42 -7.67 19.33
N LEU F 57 31.99 -7.12 20.40
CA LEU F 57 31.23 -6.75 21.59
C LEU F 57 30.53 -5.42 21.35
N PRO F 58 29.22 -5.32 21.68
CA PRO F 58 28.51 -4.03 21.57
C PRO F 58 29.09 -2.94 22.47
N ASN F 59 29.53 -3.37 23.66
CA ASN F 59 30.20 -2.51 24.63
C ASN F 59 31.21 -3.35 25.41
N GLU F 60 31.93 -2.70 26.32
CA GLU F 60 32.88 -3.39 27.20
C GLU F 60 32.23 -4.39 28.17
N TYR F 61 32.97 -5.47 28.47
CA TYR F 61 32.63 -6.45 29.49
C TYR F 61 33.75 -6.44 30.55
N VAL F 62 33.39 -6.37 31.84
CA VAL F 62 34.40 -6.25 32.92
C VAL F 62 34.95 -7.60 33.42
N LEU F 63 36.27 -7.66 33.59
CA LEU F 63 36.95 -8.83 34.16
C LEU F 63 36.50 -9.07 35.58
N SER F 64 36.13 -10.31 35.88
CA SER F 64 35.70 -10.74 37.22
C SER F 64 36.80 -11.57 37.89
N SER F 65 37.06 -12.75 37.34
CA SER F 65 37.98 -13.71 37.94
C SER F 65 38.66 -14.56 36.86
N LEU F 66 39.68 -15.31 37.24
CA LEU F 66 40.31 -16.28 36.33
C LEU F 66 40.47 -17.65 37.00
N HIS F 67 40.29 -18.71 36.23
CA HIS F 67 40.34 -20.09 36.72
C HIS F 67 41.46 -20.83 35.99
N ILE F 68 42.17 -21.71 36.68
CA ILE F 68 43.26 -22.47 36.06
C ILE F 68 42.95 -23.96 36.09
N TYR F 69 43.10 -24.60 34.93
CA TYR F 69 42.84 -26.02 34.72
C TYR F 69 44.10 -26.74 34.22
N TRP F 70 44.28 -27.99 34.67
CA TRP F 70 45.42 -28.80 34.29
C TRP F 70 45.08 -30.27 34.30
N GLY F 71 45.98 -31.07 33.72
CA GLY F 71 45.85 -32.52 33.68
C GLY F 71 46.94 -33.14 34.50
N LYS F 72 46.93 -34.47 34.64
CA LYS F 72 47.98 -35.16 35.41
C LYS F 72 49.25 -35.38 34.59
N GLU F 73 49.14 -35.32 33.25
CA GLU F 73 50.27 -35.34 32.33
C GLU F 73 50.42 -33.97 31.67
N ASP F 74 51.65 -33.49 31.57
CA ASP F 74 51.94 -32.16 30.98
C ASP F 74 51.47 -31.92 29.54
N ASP F 75 51.28 -32.97 28.76
CA ASP F 75 50.84 -32.79 27.36
C ASP F 75 49.31 -32.91 27.14
N TYR F 76 48.52 -32.89 28.21
CA TYR F 76 47.09 -33.22 28.15
C TYR F 76 46.29 -32.67 29.35
N GLY F 77 46.02 -31.37 29.36
CA GLY F 77 45.29 -30.76 30.48
C GLY F 77 44.33 -29.59 30.26
N SER F 78 44.10 -29.18 29.02
CA SER F 78 43.11 -28.13 28.73
C SER F 78 41.67 -28.68 28.77
N ASN F 79 40.71 -27.76 28.83
CA ASN F 79 39.29 -28.11 28.70
C ASN F 79 38.94 -28.23 27.21
N HIS F 80 39.19 -27.17 26.46
CA HIS F 80 38.98 -27.15 25.02
C HIS F 80 40.10 -27.87 24.29
N LEU F 81 39.75 -28.42 23.12
CA LEU F 81 40.71 -28.96 22.15
C LEU F 81 40.54 -28.19 20.84
N ILE F 82 41.53 -28.29 19.96
CA ILE F 82 41.43 -27.78 18.58
C ILE F 82 41.93 -28.86 17.63
N ASP F 83 41.06 -29.33 16.74
CA ASP F 83 41.31 -30.48 15.86
C ASP F 83 41.92 -31.69 16.62
N VAL F 84 41.28 -32.02 17.74
CA VAL F 84 41.68 -33.12 18.64
C VAL F 84 43.05 -32.92 19.34
N TYR F 85 43.64 -31.73 19.25
CA TYR F 85 44.90 -31.41 19.93
C TYR F 85 44.58 -30.71 21.23
N LYS F 86 45.01 -31.32 22.33
CA LYS F 86 44.90 -30.71 23.66
C LYS F 86 46.19 -29.98 23.96
N TYR F 87 46.10 -28.98 24.85
CA TYR F 87 47.26 -28.24 25.35
C TYR F 87 47.53 -28.69 26.78
N SER F 88 48.58 -28.17 27.40
CA SER F 88 49.00 -28.57 28.74
C SER F 88 48.04 -28.18 29.85
N GLY F 89 47.44 -27.00 29.72
CA GLY F 89 46.46 -26.50 30.68
C GLY F 89 45.68 -25.36 30.05
N GLU F 90 44.79 -24.75 30.82
CA GLU F 90 43.92 -23.69 30.31
C GLU F 90 43.57 -22.70 31.41
N ILE F 91 43.65 -21.42 31.05
CA ILE F 91 43.22 -20.33 31.91
C ILE F 91 41.91 -19.80 31.33
N ASN F 92 40.90 -19.63 32.17
CA ASN F 92 39.61 -19.04 31.76
C ASN F 92 39.40 -17.73 32.45
N LEU F 93 39.34 -16.64 31.68
CA LEU F 93 39.07 -15.30 32.22
C LEU F 93 37.59 -14.96 32.03
N VAL F 94 36.85 -14.86 33.14
CA VAL F 94 35.41 -14.64 33.13
C VAL F 94 35.12 -13.15 33.13
N HIS F 95 34.22 -12.74 32.23
CA HIS F 95 33.81 -11.35 32.10
C HIS F 95 32.30 -11.23 32.13
N TRP F 96 31.80 -10.04 32.49
CA TRP F 96 30.36 -9.81 32.52
C TRP F 96 29.93 -8.41 32.09
N ASN F 97 28.66 -8.30 31.72
CA ASN F 97 28.07 -7.12 31.08
C ASN F 97 27.63 -6.13 32.16
N LYS F 98 28.59 -5.38 32.68
CA LYS F 98 28.33 -4.40 33.75
C LYS F 98 27.47 -3.25 33.25
N LYS F 99 27.69 -2.83 32.01
CA LYS F 99 26.88 -1.78 31.37
C LYS F 99 25.38 -2.06 31.50
N LYS F 100 24.99 -3.31 31.27
CA LYS F 100 23.58 -3.70 31.28
C LYS F 100 23.07 -4.16 32.67
N TYR F 101 23.93 -4.84 33.45
CA TYR F 101 23.49 -5.47 34.72
C TYR F 101 24.36 -5.07 35.92
N SER F 102 23.75 -5.12 37.10
CA SER F 102 24.36 -4.60 38.35
C SER F 102 25.41 -5.50 39.02
N SER F 103 25.49 -6.77 38.63
CA SER F 103 26.43 -7.73 39.25
C SER F 103 26.63 -8.99 38.40
N TYR F 104 27.68 -9.75 38.72
CA TYR F 104 27.98 -11.04 38.09
C TYR F 104 26.85 -12.07 38.24
N GLU F 105 26.33 -12.22 39.46
CA GLU F 105 25.28 -13.21 39.76
C GLU F 105 23.97 -12.92 39.04
N GLU F 106 23.71 -11.63 38.80
CA GLU F 106 22.59 -11.17 37.98
C GLU F 106 22.88 -11.46 36.50
N ALA F 107 24.08 -11.12 36.06
CA ALA F 107 24.49 -11.33 34.65
C ALA F 107 24.39 -12.79 34.23
N LYS F 108 24.83 -13.71 35.11
CA LYS F 108 24.64 -15.16 34.96
C LYS F 108 23.29 -15.60 34.38
N LYS F 109 22.21 -14.98 34.84
CA LYS F 109 20.86 -15.38 34.44
C LYS F 109 20.46 -14.93 33.01
N HIS F 110 21.16 -13.95 32.45
CA HIS F 110 20.81 -13.36 31.16
C HIS F 110 21.57 -13.97 29.98
N ASP F 111 20.95 -13.92 28.80
CA ASP F 111 21.51 -14.49 27.56
C ASP F 111 22.90 -13.97 27.19
N ASP F 112 23.11 -12.67 27.37
CA ASP F 112 24.32 -11.97 26.93
C ASP F 112 25.11 -11.47 28.16
N GLY F 113 24.99 -12.20 29.27
CA GLY F 113 25.58 -11.78 30.53
C GLY F 113 27.08 -11.98 30.56
N LEU F 114 27.55 -13.10 30.00
CA LEU F 114 28.93 -13.57 30.19
C LEU F 114 29.73 -13.75 28.90
N ILE F 115 30.98 -13.29 28.91
CA ILE F 115 31.99 -13.67 27.93
C ILE F 115 33.18 -14.29 28.68
N ILE F 116 33.64 -15.46 28.24
CA ILE F 116 34.79 -16.13 28.84
C ILE F 116 35.91 -16.19 27.80
N ILE F 117 37.11 -15.76 28.19
CA ILE F 117 38.30 -15.88 27.35
C ILE F 117 39.12 -17.07 27.83
N SER F 118 39.68 -17.80 26.87
CA SER F 118 40.45 -18.98 27.12
C SER F 118 41.87 -18.78 26.62
N ILE F 119 42.84 -18.85 27.54
CA ILE F 119 44.27 -18.81 27.19
C ILE F 119 44.87 -20.17 27.53
N PHE F 120 45.47 -20.83 26.53
CA PHE F 120 46.08 -22.13 26.71
C PHE F 120 47.47 -22.01 27.30
N LEU F 121 47.85 -23.03 28.05
CA LEU F 121 49.19 -23.18 28.61
C LEU F 121 49.88 -24.29 27.85
N GLN F 122 51.15 -24.09 27.49
CA GLN F 122 51.93 -25.15 26.84
C GLN F 122 53.28 -25.30 27.56
N VAL F 123 53.58 -26.54 27.98
CA VAL F 123 54.83 -26.83 28.69
C VAL F 123 56.03 -26.85 27.72
N LEU F 124 57.05 -26.08 28.07
CA LEU F 124 58.30 -25.98 27.31
C LEU F 124 59.44 -25.82 28.31
N ASP F 125 60.69 -25.89 27.86
CA ASP F 125 61.83 -25.58 28.74
C ASP F 125 61.99 -24.05 28.84
N HIS F 126 61.10 -23.43 29.62
CA HIS F 126 60.97 -21.98 29.62
C HIS F 126 60.25 -21.49 30.88
N LYS F 127 60.98 -20.83 31.78
CA LYS F 127 60.36 -20.18 32.93
C LYS F 127 59.63 -18.92 32.44
N ASN F 128 58.29 -18.95 32.52
CA ASN F 128 57.45 -17.78 32.26
C ASN F 128 57.45 -16.96 33.54
N VAL F 129 58.11 -15.80 33.51
CA VAL F 129 58.28 -14.96 34.74
C VAL F 129 57.01 -14.26 35.22
N TYR F 130 56.01 -14.13 34.36
CA TYR F 130 54.72 -13.54 34.74
C TYR F 130 53.84 -14.60 35.39
N PHE F 131 53.76 -15.78 34.76
CA PHE F 131 53.07 -16.94 35.35
C PHE F 131 53.66 -17.36 36.71
N GLN F 132 54.97 -17.15 36.91
CA GLN F 132 55.64 -17.49 38.19
C GLN F 132 55.03 -16.79 39.41
N LYS F 133 54.44 -15.60 39.21
CA LYS F 133 53.82 -14.83 40.29
C LYS F 133 52.59 -15.53 40.86
N ILE F 134 51.84 -16.21 40.00
CA ILE F 134 50.75 -17.08 40.42
C ILE F 134 51.33 -18.28 41.19
N VAL F 135 52.35 -18.91 40.61
CA VAL F 135 52.99 -20.09 41.21
C VAL F 135 53.49 -19.80 42.61
N ASN F 136 54.13 -18.63 42.78
CA ASN F 136 54.61 -18.15 44.09
C ASN F 136 53.53 -18.17 45.20
N GLN F 137 52.29 -17.81 44.83
CA GLN F 137 51.19 -17.74 45.78
C GLN F 137 50.68 -19.10 46.26
N LEU F 138 50.97 -20.17 45.53
CA LEU F 138 50.34 -21.49 45.80
C LEU F 138 50.65 -22.09 47.17
N ASP F 139 51.78 -21.73 47.78
CA ASP F 139 52.11 -22.18 49.14
C ASP F 139 51.05 -21.75 50.15
N SER F 140 50.54 -20.53 49.96
CA SER F 140 49.52 -19.96 50.85
C SER F 140 48.16 -20.65 50.79
N ILE F 141 47.86 -21.35 49.69
CA ILE F 141 46.55 -21.95 49.47
C ILE F 141 46.56 -23.48 49.28
N ARG F 142 47.53 -24.17 49.89
CA ARG F 142 47.68 -25.62 49.66
C ARG F 142 46.44 -26.43 50.05
N SER F 143 45.83 -26.11 51.19
CA SER F 143 44.64 -26.85 51.65
C SER F 143 43.39 -26.34 50.95
N ALA F 144 42.39 -27.23 50.85
CA ALA F 144 41.18 -26.97 50.10
C ALA F 144 40.30 -25.95 50.79
N ASN F 145 39.55 -25.18 50.00
CA ASN F 145 38.62 -24.17 50.50
C ASN F 145 39.36 -23.13 51.37
N THR F 146 40.52 -22.68 50.89
CA THR F 146 41.27 -21.59 51.53
C THR F 146 41.53 -20.45 50.53
N SER F 147 41.65 -19.24 51.08
CA SER F 147 41.94 -18.02 50.35
C SER F 147 43.18 -17.34 50.94
N ALA F 148 43.71 -16.36 50.21
CA ALA F 148 44.76 -15.48 50.71
C ALA F 148 44.84 -14.23 49.83
N PRO F 149 45.29 -13.08 50.39
CA PRO F 149 45.52 -11.92 49.52
C PRO F 149 46.61 -12.19 48.48
N PHE F 150 46.42 -11.71 47.25
CA PHE F 150 47.44 -11.89 46.21
C PHE F 150 48.62 -10.96 46.49
N ASP F 151 49.65 -11.55 47.09
CA ASP F 151 50.81 -10.83 47.65
C ASP F 151 51.70 -10.13 46.61
N SER F 152 51.91 -10.80 45.48
CA SER F 152 52.81 -10.31 44.43
C SER F 152 52.22 -9.12 43.64
N VAL F 153 53.10 -8.30 43.06
CA VAL F 153 52.72 -7.40 41.98
C VAL F 153 52.58 -8.24 40.71
N PHE F 154 51.57 -7.96 39.89
CA PHE F 154 51.23 -8.84 38.77
C PHE F 154 50.43 -8.07 37.71
N TYR F 155 50.85 -8.20 36.45
CA TYR F 155 50.28 -7.47 35.34
C TYR F 155 49.71 -8.47 34.34
N LEU F 156 48.42 -8.74 34.48
CA LEU F 156 47.72 -9.81 33.75
C LEU F 156 47.87 -9.77 32.23
N ASP F 157 48.02 -8.60 31.61
CA ASP F 157 48.15 -8.56 30.13
C ASP F 157 49.43 -9.23 29.59
N ASN F 158 50.39 -9.50 30.47
CA ASN F 158 51.58 -10.30 30.13
C ASN F 158 51.36 -11.82 30.06
N LEU F 159 50.16 -12.30 30.43
CA LEU F 159 49.74 -13.68 30.16
C LEU F 159 48.97 -13.83 28.84
N LEU F 160 48.69 -12.72 28.16
CA LEU F 160 48.04 -12.78 26.85
C LEU F 160 49.04 -13.34 25.83
N PRO F 161 48.56 -14.17 24.89
CA PRO F 161 49.44 -14.70 23.84
C PRO F 161 50.09 -13.67 22.91
N SER F 162 51.10 -14.10 22.14
CA SER F 162 51.78 -13.24 21.16
C SER F 162 50.89 -12.87 19.95
N LYS F 163 50.02 -13.80 19.53
CA LYS F 163 49.03 -13.55 18.47
C LYS F 163 47.65 -13.73 19.07
N LEU F 164 46.73 -12.79 18.78
CA LEU F 164 45.40 -12.73 19.40
C LEU F 164 44.22 -12.95 18.42
N ASP F 165 44.48 -13.58 17.28
CA ASP F 165 43.40 -14.15 16.46
C ASP F 165 42.69 -15.24 17.25
N TYR F 166 41.37 -15.35 17.11
CA TYR F 166 40.56 -16.17 17.99
C TYR F 166 39.44 -16.94 17.29
N PHE F 167 39.01 -18.03 17.94
CA PHE F 167 37.76 -18.70 17.64
C PHE F 167 36.77 -18.27 18.69
N THR F 168 35.49 -18.24 18.31
CA THR F 168 34.44 -17.88 19.25
C THR F 168 33.14 -18.62 18.95
N TYR F 169 32.50 -19.14 20.00
CA TYR F 169 31.21 -19.81 19.89
C TYR F 169 30.39 -19.55 21.16
N LEU F 170 29.09 -19.82 21.07
CA LEU F 170 28.18 -19.75 22.19
C LEU F 170 28.07 -21.11 22.85
N GLY F 171 28.46 -21.19 24.12
CA GLY F 171 28.39 -22.43 24.91
C GLY F 171 27.87 -22.16 26.30
N THR F 172 28.50 -22.82 27.29
CA THR F 172 28.21 -22.63 28.70
C THR F 172 29.48 -22.37 29.49
N THR F 173 29.30 -21.93 30.73
CA THR F 173 30.38 -21.98 31.72
C THR F 173 30.71 -23.45 31.95
N ILE F 174 31.88 -23.69 32.55
CA ILE F 174 32.39 -25.05 32.70
C ILE F 174 31.50 -25.89 33.62
N ASN F 175 30.94 -25.28 34.65
CA ASN F 175 30.01 -25.98 35.57
C ASN F 175 28.55 -26.08 35.07
N HIS F 176 28.27 -25.54 33.88
CA HIS F 176 26.94 -25.53 33.24
C HIS F 176 25.86 -24.72 33.98
N SER F 177 26.26 -23.79 34.86
CA SER F 177 25.28 -22.98 35.60
C SER F 177 24.65 -21.88 34.73
N ALA F 178 25.33 -21.49 33.65
CA ALA F 178 24.87 -20.41 32.78
C ALA F 178 25.43 -20.56 31.35
N ASP F 179 24.86 -19.77 30.43
CA ASP F 179 25.35 -19.69 29.05
C ASP F 179 26.42 -18.62 28.93
N ALA F 180 27.33 -18.80 27.97
CA ALA F 180 28.49 -17.92 27.86
C ALA F 180 29.09 -17.96 26.49
N VAL F 181 29.48 -16.79 25.96
CA VAL F 181 30.26 -16.72 24.73
C VAL F 181 31.72 -16.95 25.08
N TRP F 182 32.35 -17.87 24.36
CA TRP F 182 33.77 -18.19 24.54
C TRP F 182 34.58 -17.48 23.48
N ILE F 183 35.74 -16.98 23.86
CA ILE F 183 36.73 -16.42 22.94
C ILE F 183 37.99 -17.21 23.24
N ILE F 184 38.54 -17.87 22.25
CA ILE F 184 39.59 -18.87 22.45
C ILE F 184 40.75 -18.52 21.54
N PHE F 185 41.93 -18.28 22.14
CA PHE F 185 43.15 -18.01 21.38
C PHE F 185 43.86 -19.35 21.13
N PRO F 186 44.13 -19.71 19.87
CA PRO F 186 44.83 -20.97 19.62
C PRO F 186 46.32 -20.93 19.94
N THR F 187 46.92 -19.73 19.90
CA THR F 187 48.31 -19.54 20.29
C THR F 187 48.44 -19.58 21.83
N PRO F 188 49.18 -20.57 22.37
CA PRO F 188 49.31 -20.72 23.82
C PRO F 188 50.41 -19.83 24.40
N ILE F 189 50.41 -19.69 25.73
CA ILE F 189 51.59 -19.14 26.45
C ILE F 189 52.39 -20.33 26.96
N ASN F 190 53.70 -20.17 26.99
CA ASN F 190 54.60 -21.23 27.38
C ASN F 190 55.02 -21.12 28.83
N ILE F 191 55.05 -22.26 29.52
CA ILE F 191 55.46 -22.33 30.90
C ILE F 191 56.35 -23.55 31.12
N HIS F 192 56.97 -23.61 32.29
CA HIS F 192 57.90 -24.71 32.63
C HIS F 192 57.13 -25.83 33.32
N SER F 193 57.63 -27.05 33.15
CA SER F 193 57.03 -28.23 33.76
C SER F 193 56.89 -28.09 35.29
N ASP F 194 57.90 -27.49 35.92
CA ASP F 194 57.93 -27.28 37.37
C ASP F 194 56.88 -26.28 37.84
N GLN F 195 56.58 -25.29 37.00
CA GLN F 195 55.52 -24.33 37.30
C GLN F 195 54.14 -25.00 37.29
N LEU F 196 53.88 -25.86 36.31
CA LEU F 196 52.62 -26.60 36.27
C LEU F 196 52.55 -27.67 37.36
N SER F 197 53.70 -28.30 37.66
CA SER F 197 53.77 -29.37 38.67
C SER F 197 53.37 -28.93 40.09
N LYS F 198 53.60 -27.66 40.45
CA LYS F 198 53.19 -27.16 41.77
C LYS F 198 51.67 -27.09 41.99
N PHE F 199 50.89 -26.91 40.92
CA PHE F 199 49.41 -26.96 41.01
C PHE F 199 48.94 -28.36 41.45
N ARG F 200 49.68 -29.40 41.04
CA ARG F 200 49.38 -30.76 41.46
C ARG F 200 49.73 -31.06 42.93
N THR F 201 50.45 -30.16 43.63
CA THR F 201 50.64 -30.27 45.10
C THR F 201 49.50 -29.70 45.95
N LEU F 202 48.54 -29.04 45.32
CA LEU F 202 47.35 -28.53 46.02
C LEU F 202 46.47 -29.69 46.45
N LEU F 203 45.77 -29.51 47.57
CA LEU F 203 44.92 -30.56 48.17
C LEU F 203 43.43 -30.35 47.84
N SER F 204 42.71 -31.46 47.71
CA SER F 204 41.28 -31.48 47.39
C SER F 204 40.42 -31.66 48.64
N LEU F 205 39.11 -31.68 48.45
CA LEU F 205 38.14 -31.86 49.55
C LEU F 205 38.18 -33.28 50.12
N SER F 206 37.98 -33.41 51.43
CA SER F 206 37.94 -34.72 52.11
C SER F 206 36.52 -35.09 52.50
N LYS F 211 40.51 -39.05 53.78
CA LYS F 211 41.62 -38.11 53.70
C LYS F 211 41.51 -37.25 52.43
N PRO F 212 42.22 -36.10 52.39
CA PRO F 212 42.34 -35.34 51.14
C PRO F 212 43.41 -35.94 50.25
N HIS F 213 43.19 -35.85 48.94
CA HIS F 213 44.18 -36.28 47.95
C HIS F 213 44.68 -35.06 47.18
N TYR F 214 45.71 -35.26 46.37
CA TYR F 214 46.23 -34.18 45.54
C TYR F 214 45.33 -33.90 44.34
N ILE F 215 45.24 -32.63 43.97
CA ILE F 215 44.51 -32.22 42.78
C ILE F 215 45.42 -32.44 41.57
N THR F 216 45.50 -33.69 41.12
CA THR F 216 46.36 -34.05 39.99
C THR F 216 45.83 -33.55 38.66
N GLU F 217 44.50 -33.42 38.56
CA GLU F 217 43.85 -32.95 37.34
C GLU F 217 42.43 -32.46 37.65
N ASN F 218 42.00 -31.43 36.94
CA ASN F 218 40.67 -30.86 37.11
C ASN F 218 39.94 -30.45 35.82
N TYR F 219 40.48 -30.81 34.66
CA TYR F 219 39.86 -30.46 33.39
C TYR F 219 38.59 -31.28 33.19
N ARG F 220 37.73 -30.83 32.29
CA ARG F 220 36.50 -31.55 31.97
C ARG F 220 36.59 -32.03 30.55
N ASN F 221 36.16 -33.26 30.33
CA ASN F 221 36.15 -33.84 29.00
C ASN F 221 35.16 -33.12 28.11
N PRO F 222 35.44 -33.09 26.80
CA PRO F 222 34.62 -32.29 25.90
C PRO F 222 33.23 -32.85 25.70
N TYR F 223 32.28 -31.97 25.40
CA TYR F 223 30.93 -32.35 24.97
C TYR F 223 30.88 -32.27 23.46
N LYS F 224 29.84 -32.89 22.90
CA LYS F 224 29.65 -32.93 21.45
C LYS F 224 29.41 -31.53 20.89
N LEU F 225 30.10 -31.22 19.80
CA LEU F 225 29.82 -30.04 19.00
C LEU F 225 28.62 -30.36 18.13
N ASN F 226 27.48 -29.74 18.44
CA ASN F 226 26.24 -29.99 17.70
C ASN F 226 26.34 -29.46 16.27
N ASP F 227 25.61 -30.08 15.36
CA ASP F 227 25.61 -29.69 13.94
C ASP F 227 25.07 -28.28 13.68
N ASP F 228 24.19 -27.80 14.55
CA ASP F 228 23.64 -26.44 14.42
C ASP F 228 24.42 -25.36 15.20
N THR F 229 25.47 -25.75 15.92
CA THR F 229 26.36 -24.79 16.55
C THR F 229 27.42 -24.32 15.55
N GLU F 230 27.60 -23.01 15.46
CA GLU F 230 28.62 -22.41 14.61
C GLU F 230 29.81 -21.97 15.46
N VAL F 231 31.01 -22.29 15.01
CA VAL F 231 32.23 -21.73 15.57
C VAL F 231 32.78 -20.74 14.56
N TYR F 232 33.09 -19.53 15.02
CA TYR F 232 33.59 -18.46 14.15
C TYR F 232 35.10 -18.17 14.35
N TYR F 233 35.83 -17.86 13.28
CA TYR F 233 37.24 -17.41 13.35
C TYR F 233 37.40 -15.92 13.00
N SER F 234 38.38 -15.25 13.59
CA SER F 234 38.68 -13.82 13.34
C SER F 234 39.10 -13.53 11.91
N GLY F 235 38.80 -12.32 11.45
CA GLY F 235 39.18 -11.88 10.10
C GLY F 235 40.68 -11.65 9.95
#